data_8YMQ
#
_entry.id   8YMQ
#
loop_
_entity.id
_entity.type
_entity.pdbx_description
1 polymer 'Protein OSCA1'
2 non-polymer 1,2-dioleoyl-sn-glycero-3-phosphoethanolamine
#
_entity_poly.entity_id   1
_entity_poly.type   'polypeptide(L)'
_entity_poly.pdbx_seq_one_letter_code
;MATLKDIGVSAGINILTAFIFFIIFAFLRLQPFNDRVYFSKWYLRGLRSSPASGGGFAGRFVNLELRSYLKFLHWMPEAL
KMPERELIDHAGLDSVVYLRIYWLGLKIFAPIAMLAWAVLVPVNWTNNELELAKHFKNVTSSDIDKLTISNIPEGSNRFW
AHIIMAYAFTIWTCYMLMKEYETVANMRLQFLASEGRRPDQFTVLVRNVPPDPDETVSELVEHFFLVNHPDNYLTHQVVC
NANKLADLVSKKTKLQNWLDYYQLKYTRNNSQIRPITKLGCLGLCGQKVDAIEHYIAEVDKTSKEIAEERENVVNDQKSV
MPASFVSFKTRWAAAVCAQTTQTRNPTEWLTEWAAEPRDIYWPNLAIPYVSLTVRRLVMNVAFFFLTFFFIIPIAFVQSL
ATIEGIEKVAPFLKVIIEKDFIKSLIQGLLAGIALKLFLIFLPAILMTMSKFEGFTSVSFLERRSASRYYIFNLVNVFLG
SVIAGAAFEQLNSFLNQSPNQIPKTIGMAIPMKATAFITYIMVDGWAGVAGEILMLKPLIIYHLKNAFLVKTEKDREEAM
NPGSIGFNTGEPQIQLYFLLGLVYAPVTPMLLPFILVFFALAYVVYRHQIINVYNQEYESAAAFWPDVHGRVITALIISQ
LLLMGLLGTKHAASAAPFLIALPVITIGFHRFCKGRFEPAFVRYPLQEAMMKDTLERAREPNLNLKGYLQDAYIHPVFKG
GDNDDDGDMIGKLENEVIIVPTKRQSRRNTPAPSRISGESSPSLAVINGKEV
;
_entity_poly.pdbx_strand_id   A,B
#
loop_
_chem_comp.id
_chem_comp.type
_chem_comp.name
_chem_comp.formula
PEE non-polymer 1,2-dioleoyl-sn-glycero-3-phosphoethanolamine 'C41 H78 N O8 P'
#
# COMPACT_ATOMS: atom_id res chain seq x y z
N ALA A 2 -46.04 8.68 9.74
CA ALA A 2 -45.07 8.40 8.69
C ALA A 2 -45.74 8.43 7.34
N THR A 3 -46.89 9.10 7.26
CA THR A 3 -47.62 9.15 6.01
C THR A 3 -47.04 10.22 5.12
N LEU A 4 -47.45 10.23 3.87
CA LEU A 4 -46.97 11.25 2.94
C LEU A 4 -47.37 12.61 3.44
N LYS A 5 -48.58 12.75 3.98
CA LYS A 5 -49.05 14.02 4.47
C LYS A 5 -48.23 14.49 5.67
N ASP A 6 -47.87 13.57 6.55
CA ASP A 6 -47.06 13.95 7.69
C ASP A 6 -45.72 14.49 7.24
N ILE A 7 -45.11 13.82 6.27
CA ILE A 7 -43.82 14.26 5.75
C ILE A 7 -44.01 15.58 5.01
N GLY A 8 -45.12 15.73 4.31
CA GLY A 8 -45.40 16.95 3.57
C GLY A 8 -45.61 18.16 4.45
N VAL A 9 -46.19 17.94 5.62
CA VAL A 9 -46.40 19.03 6.54
C VAL A 9 -45.05 19.49 7.06
N SER A 10 -44.21 18.55 7.47
CA SER A 10 -42.90 18.91 8.00
C SER A 10 -42.03 19.53 6.93
N ALA A 11 -42.22 19.13 5.69
CA ALA A 11 -41.46 19.71 4.60
C ALA A 11 -41.82 21.17 4.51
N GLY A 12 -43.10 21.48 4.47
CA GLY A 12 -43.53 22.88 4.42
C GLY A 12 -42.99 23.71 5.55
N ILE A 13 -42.97 23.18 6.77
CA ILE A 13 -42.41 23.89 7.89
C ILE A 13 -40.94 24.20 7.64
N ASN A 14 -40.16 23.20 7.24
CA ASN A 14 -38.75 23.41 7.02
C ASN A 14 -38.45 24.31 5.83
N ILE A 15 -39.31 24.30 4.82
CA ILE A 15 -39.15 25.19 3.68
C ILE A 15 -39.44 26.61 4.12
N LEU A 16 -40.46 26.78 4.95
CA LEU A 16 -40.80 28.10 5.43
C LEU A 16 -39.71 28.64 6.32
N THR A 17 -39.14 27.80 7.18
CA THR A 17 -38.03 28.23 7.99
C THR A 17 -36.89 28.71 7.11
N ALA A 18 -36.57 27.98 6.07
CA ALA A 18 -35.51 28.39 5.16
C ALA A 18 -35.83 29.69 4.46
N PHE A 19 -37.06 29.90 4.03
CA PHE A 19 -37.44 31.13 3.38
C PHE A 19 -37.46 32.30 4.34
N ILE A 20 -37.75 32.02 5.60
CA ILE A 20 -37.73 33.06 6.62
C ILE A 20 -36.29 33.43 6.81
N PHE A 21 -35.39 32.45 6.81
CA PHE A 21 -33.97 32.73 6.95
C PHE A 21 -33.47 33.59 5.80
N PHE A 22 -34.00 33.39 4.61
CA PHE A 22 -33.60 34.17 3.45
C PHE A 22 -34.15 35.58 3.50
N ILE A 23 -35.30 35.77 4.13
CA ILE A 23 -35.87 37.10 4.29
C ILE A 23 -35.06 37.87 5.33
N ILE A 24 -34.67 37.21 6.42
CA ILE A 24 -33.82 37.86 7.40
C ILE A 24 -32.46 38.17 6.79
N PHE A 25 -31.92 37.26 6.00
CA PHE A 25 -30.65 37.48 5.33
C PHE A 25 -30.74 38.71 4.47
N ALA A 26 -31.80 38.84 3.69
CA ALA A 26 -31.98 39.99 2.84
C ALA A 26 -31.91 41.26 3.64
N PHE A 27 -32.68 41.35 4.71
CA PHE A 27 -32.63 42.51 5.56
C PHE A 27 -31.22 42.78 6.02
N LEU A 28 -30.61 41.82 6.70
CA LEU A 28 -29.29 42.02 7.28
C LEU A 28 -28.16 42.34 6.30
N ARG A 29 -28.22 41.82 5.09
CA ARG A 29 -27.19 42.11 4.10
C ARG A 29 -27.36 43.50 3.49
N LEU A 30 -28.52 44.11 3.68
CA LEU A 30 -28.78 45.44 3.15
C LEU A 30 -28.31 46.47 4.13
N GLN A 31 -28.26 46.10 5.40
CA GLN A 31 -27.76 47.02 6.42
C GLN A 31 -26.32 47.33 6.13
N PRO A 32 -25.99 48.62 6.04
CA PRO A 32 -24.61 49.01 5.69
C PRO A 32 -23.58 48.63 6.73
N PHE A 33 -23.99 48.43 7.98
CA PHE A 33 -23.04 48.12 9.04
C PHE A 33 -22.71 46.64 9.10
N ASN A 34 -23.33 45.84 8.25
CA ASN A 34 -23.09 44.41 8.23
C ASN A 34 -22.38 44.04 6.96
N ASP A 35 -21.80 45.00 6.27
CA ASP A 35 -21.17 44.74 4.99
C ASP A 35 -19.88 43.96 5.14
N ARG A 36 -19.15 44.22 6.21
CA ARG A 36 -17.88 43.55 6.42
C ARG A 36 -18.02 42.12 6.88
N VAL A 37 -19.25 41.68 7.15
CA VAL A 37 -19.49 40.31 7.56
C VAL A 37 -20.09 39.52 6.41
N TYR A 38 -20.89 40.17 5.60
CA TYR A 38 -21.56 39.45 4.53
C TYR A 38 -20.83 39.52 3.22
N PHE A 39 -19.85 40.40 3.12
CA PHE A 39 -19.06 40.54 1.91
C PHE A 39 -17.60 40.60 2.27
N SER A 40 -17.20 39.85 3.28
CA SER A 40 -15.83 39.86 3.75
C SER A 40 -14.76 39.51 2.74
N LYS A 41 -15.04 38.63 1.79
CA LYS A 41 -14.02 38.21 0.85
C LYS A 41 -13.62 39.30 -0.09
N TRP A 42 -14.56 40.18 -0.41
CA TRP A 42 -14.27 41.27 -1.31
C TRP A 42 -13.40 42.27 -0.61
N TYR A 43 -13.64 42.47 0.68
CA TYR A 43 -12.80 43.37 1.45
C TYR A 43 -11.41 42.79 1.58
N LEU A 44 -11.30 41.48 1.63
CA LEU A 44 -10.01 40.83 1.76
C LEU A 44 -9.28 40.77 0.45
N ARG A 45 -10.01 40.80 -0.65
CA ARG A 45 -9.39 40.80 -1.96
C ARG A 45 -9.13 42.22 -2.47
N GLY A 46 -9.40 43.22 -1.65
CA GLY A 46 -9.17 44.59 -2.03
C GLY A 46 -10.08 45.05 -3.14
N LEU A 47 -11.29 44.51 -3.18
CA LEU A 47 -12.23 44.86 -4.23
C LEU A 47 -13.44 45.49 -3.62
N ARG A 48 -13.38 45.80 -2.33
CA ARG A 48 -14.47 46.49 -1.67
C ARG A 48 -13.82 47.46 -0.72
N SER A 49 -14.40 48.64 -0.57
CA SER A 49 -13.75 49.66 0.25
C SER A 49 -14.32 49.88 1.62
N SER A 50 -15.50 50.46 1.71
CA SER A 50 -16.04 50.80 3.00
C SER A 50 -17.46 50.32 3.07
N PRO A 51 -17.98 50.09 4.28
CA PRO A 51 -19.35 49.61 4.47
C PRO A 51 -20.40 50.13 3.48
N ALA A 52 -20.45 51.43 3.25
CA ALA A 52 -21.38 51.93 2.24
C ALA A 52 -20.73 52.97 1.39
N SER A 53 -19.68 52.60 0.65
CA SER A 53 -18.96 53.55 -0.21
C SER A 53 -18.69 54.85 0.54
N GLY A 54 -18.05 54.73 1.69
CA GLY A 54 -17.78 55.90 2.50
C GLY A 54 -17.97 55.40 3.91
N GLY A 55 -18.85 54.41 4.08
CA GLY A 55 -19.06 53.83 5.39
C GLY A 55 -20.40 54.13 6.02
N GLY A 56 -21.11 53.08 6.46
CA GLY A 56 -22.38 53.25 7.14
C GLY A 56 -23.34 54.33 6.68
N PHE A 57 -23.99 54.10 5.54
CA PHE A 57 -24.96 55.08 5.04
C PHE A 57 -26.39 54.56 4.95
N ALA A 58 -26.84 54.19 3.76
CA ALA A 58 -28.24 53.77 3.60
C ALA A 58 -28.47 52.30 3.27
N GLY A 59 -29.73 51.92 3.15
CA GLY A 59 -30.07 50.54 2.84
C GLY A 59 -30.66 49.90 4.08
N ARG A 60 -30.66 50.63 5.19
CA ARG A 60 -31.10 50.04 6.43
C ARG A 60 -32.59 50.02 6.67
N PHE A 61 -32.98 50.34 7.89
CA PHE A 61 -34.39 50.36 8.25
C PHE A 61 -35.15 51.46 7.53
N VAL A 62 -34.42 52.37 6.89
CA VAL A 62 -35.06 53.42 6.10
C VAL A 62 -35.90 52.80 5.00
N ASN A 63 -35.37 51.79 4.30
CA ASN A 63 -36.09 51.17 3.21
C ASN A 63 -36.35 49.68 3.43
N LEU A 64 -35.98 49.17 4.60
CA LEU A 64 -36.20 47.75 4.92
C LEU A 64 -35.80 46.86 3.75
N GLU A 65 -36.75 46.11 3.20
CA GLU A 65 -36.46 45.29 2.02
C GLU A 65 -37.51 45.55 0.93
N LEU A 66 -37.39 44.88 -0.22
CA LEU A 66 -38.30 45.15 -1.34
C LEU A 66 -39.28 44.04 -1.64
N ARG A 67 -40.25 43.80 -0.76
CA ARG A 67 -41.22 42.70 -0.91
C ARG A 67 -41.58 42.16 -2.30
N SER A 68 -41.00 41.02 -2.69
CA SER A 68 -41.32 40.36 -3.97
C SER A 68 -40.83 38.92 -3.90
N TYR A 69 -40.17 38.45 -4.95
CA TYR A 69 -39.61 37.10 -4.92
C TYR A 69 -38.13 37.19 -5.14
N LEU A 70 -37.73 38.09 -6.03
CA LEU A 70 -36.31 38.28 -6.28
C LEU A 70 -35.83 39.39 -5.41
N LYS A 71 -36.16 39.30 -4.13
CA LYS A 71 -35.72 40.30 -3.20
C LYS A 71 -35.05 39.52 -2.12
N PHE A 72 -35.28 38.21 -2.12
CA PHE A 72 -34.74 37.39 -1.06
C PHE A 72 -34.21 36.12 -1.68
N LEU A 73 -34.38 35.98 -2.99
CA LEU A 73 -33.91 34.80 -3.68
C LEU A 73 -33.13 35.21 -4.90
N HIS A 74 -32.73 36.47 -4.96
CA HIS A 74 -32.01 36.96 -6.13
C HIS A 74 -30.53 36.72 -6.01
N TRP A 75 -30.08 36.45 -4.80
CA TRP A 75 -28.68 36.15 -4.61
C TRP A 75 -28.35 34.82 -5.22
N MET A 76 -29.35 33.96 -5.39
CA MET A 76 -29.12 32.63 -5.93
C MET A 76 -28.66 32.62 -7.38
N PRO A 77 -29.40 33.27 -8.31
CA PRO A 77 -28.83 33.27 -9.66
C PRO A 77 -27.52 34.01 -9.79
N GLU A 78 -27.26 34.98 -8.91
CA GLU A 78 -26.03 35.74 -8.95
C GLU A 78 -24.84 34.97 -8.41
N ALA A 79 -25.09 33.97 -7.59
CA ALA A 79 -24.03 33.15 -7.04
C ALA A 79 -23.58 32.19 -8.11
N LEU A 80 -24.46 31.90 -9.05
CA LEU A 80 -24.14 30.95 -10.10
C LEU A 80 -23.56 31.61 -11.32
N LYS A 81 -23.28 32.90 -11.24
CA LYS A 81 -22.81 33.60 -12.41
C LYS A 81 -21.31 33.50 -12.64
N MET A 82 -20.50 33.65 -11.59
CA MET A 82 -19.06 33.60 -11.74
C MET A 82 -18.65 32.28 -12.35
N PRO A 83 -17.89 32.32 -13.43
CA PRO A 83 -17.41 31.06 -14.01
C PRO A 83 -16.46 30.35 -13.06
N GLU A 84 -16.32 29.04 -13.21
CA GLU A 84 -15.47 28.27 -12.31
C GLU A 84 -14.02 28.67 -12.39
N ARG A 85 -13.56 29.03 -13.58
CA ARG A 85 -12.18 29.46 -13.74
C ARG A 85 -11.92 30.70 -12.96
N GLU A 86 -12.84 31.65 -13.01
CA GLU A 86 -12.69 32.86 -12.25
C GLU A 86 -12.76 32.59 -10.76
N LEU A 87 -13.50 31.59 -10.34
CA LEU A 87 -13.61 31.25 -8.93
C LEU A 87 -12.38 30.50 -8.45
N ILE A 88 -11.65 29.85 -9.32
CA ILE A 88 -10.41 29.23 -8.91
C ILE A 88 -9.42 30.34 -8.60
N ASP A 89 -9.46 31.42 -9.37
CA ASP A 89 -8.57 32.54 -9.06
C ASP A 89 -9.12 33.58 -8.09
N HIS A 90 -10.34 33.41 -7.63
CA HIS A 90 -10.93 34.32 -6.67
C HIS A 90 -10.85 33.66 -5.33
N ALA A 91 -11.33 32.43 -5.25
CA ALA A 91 -11.38 31.73 -3.98
C ALA A 91 -10.29 30.69 -3.82
N GLY A 92 -10.12 29.83 -4.82
CA GLY A 92 -9.11 28.80 -4.75
C GLY A 92 -9.58 27.50 -5.34
N LEU A 93 -8.67 26.55 -5.55
CA LEU A 93 -9.06 25.27 -6.08
C LEU A 93 -9.75 24.44 -5.03
N ASP A 94 -9.27 24.46 -3.80
CA ASP A 94 -9.90 23.73 -2.72
C ASP A 94 -11.38 24.02 -2.64
N SER A 95 -11.75 25.29 -2.68
CA SER A 95 -13.14 25.66 -2.54
C SER A 95 -13.96 25.33 -3.76
N VAL A 96 -13.36 25.36 -4.93
CA VAL A 96 -14.07 25.08 -6.16
C VAL A 96 -14.37 23.59 -6.28
N VAL A 97 -13.48 22.75 -5.78
CA VAL A 97 -13.71 21.32 -5.82
C VAL A 97 -14.55 20.83 -4.66
N TYR A 98 -14.71 21.65 -3.62
CA TYR A 98 -15.58 21.29 -2.53
C TYR A 98 -16.99 21.53 -3.03
N LEU A 99 -17.16 22.50 -3.91
CA LEU A 99 -18.45 22.78 -4.48
C LEU A 99 -18.81 21.69 -5.44
N ARG A 100 -17.82 21.05 -6.02
CA ARG A 100 -18.05 19.97 -6.95
C ARG A 100 -18.53 18.70 -6.30
N ILE A 101 -18.42 18.56 -5.00
CA ILE A 101 -18.95 17.39 -4.31
C ILE A 101 -20.47 17.49 -4.23
N TYR A 102 -20.99 18.70 -4.14
CA TYR A 102 -22.43 18.90 -4.13
C TYR A 102 -22.96 18.63 -5.51
N TRP A 103 -22.23 19.04 -6.53
CA TRP A 103 -22.62 18.80 -7.89
C TRP A 103 -22.46 17.33 -8.25
N LEU A 104 -21.50 16.65 -7.68
CA LEU A 104 -21.34 15.22 -7.90
C LEU A 104 -22.56 14.53 -7.35
N GLY A 105 -23.05 14.95 -6.20
CA GLY A 105 -24.22 14.35 -5.61
C GLY A 105 -25.45 14.52 -6.45
N LEU A 106 -25.57 15.64 -7.11
CA LEU A 106 -26.71 15.86 -7.98
C LEU A 106 -26.60 15.03 -9.23
N LYS A 107 -25.39 14.77 -9.70
CA LYS A 107 -25.18 13.97 -10.89
C LYS A 107 -25.27 12.49 -10.59
N ILE A 108 -25.05 12.11 -9.34
CA ILE A 108 -25.16 10.71 -8.95
C ILE A 108 -26.58 10.40 -8.58
N PHE A 109 -27.17 11.19 -7.70
CA PHE A 109 -28.50 10.86 -7.20
C PHE A 109 -29.68 11.24 -8.03
N ALA A 110 -29.56 12.19 -8.94
CA ALA A 110 -30.71 12.49 -9.78
C ALA A 110 -31.08 11.38 -10.74
N PRO A 111 -30.11 10.82 -11.48
CA PRO A 111 -30.51 9.68 -12.32
C PRO A 111 -30.96 8.48 -11.50
N ILE A 112 -30.31 8.21 -10.38
CA ILE A 112 -30.74 7.11 -9.54
C ILE A 112 -32.08 7.32 -8.83
N ALA A 113 -32.51 8.55 -8.63
CA ALA A 113 -33.81 8.79 -8.04
C ALA A 113 -34.87 8.61 -9.09
N MET A 114 -34.58 8.99 -10.32
CA MET A 114 -35.52 8.77 -11.40
C MET A 114 -35.75 7.29 -11.57
N LEU A 115 -34.69 6.50 -11.60
CA LEU A 115 -34.83 5.07 -11.72
C LEU A 115 -35.61 4.46 -10.56
N ALA A 116 -35.34 4.91 -9.35
CA ALA A 116 -36.02 4.36 -8.20
C ALA A 116 -37.48 4.78 -8.15
N TRP A 117 -37.81 5.91 -8.75
CA TRP A 117 -39.19 6.34 -8.78
C TRP A 117 -39.88 5.92 -10.07
N ALA A 118 -39.24 5.06 -10.85
CA ALA A 118 -39.86 4.56 -12.07
C ALA A 118 -39.82 3.05 -12.11
N VAL A 119 -39.00 2.43 -11.27
CA VAL A 119 -38.96 0.99 -11.21
C VAL A 119 -39.64 0.53 -9.95
N LEU A 120 -39.26 1.10 -8.82
CA LEU A 120 -39.82 0.65 -7.55
C LEU A 120 -41.27 1.02 -7.41
N VAL A 121 -41.54 2.26 -7.02
CA VAL A 121 -42.92 2.67 -6.77
C VAL A 121 -44.00 2.40 -7.83
N PRO A 122 -43.72 2.61 -9.13
CA PRO A 122 -44.81 2.29 -10.07
C PRO A 122 -45.22 0.82 -10.06
N VAL A 123 -44.26 -0.08 -9.91
CA VAL A 123 -44.59 -1.49 -9.81
C VAL A 123 -44.59 -1.96 -8.36
N ASN A 124 -44.98 -1.07 -7.45
CA ASN A 124 -45.08 -1.44 -6.05
C ASN A 124 -46.52 -1.24 -5.63
N PHE A 159 -38.98 -9.71 -6.00
CA PHE A 159 -38.48 -8.60 -6.77
C PHE A 159 -36.99 -8.73 -7.04
N TRP A 160 -36.64 -9.01 -8.28
CA TRP A 160 -35.25 -9.08 -8.66
C TRP A 160 -34.88 -7.71 -9.13
N ALA A 161 -35.87 -6.82 -9.24
CA ALA A 161 -35.62 -5.45 -9.66
C ALA A 161 -34.79 -4.72 -8.63
N HIS A 162 -34.87 -5.14 -7.39
CA HIS A 162 -34.08 -4.51 -6.35
C HIS A 162 -32.64 -4.76 -6.64
N ILE A 163 -32.31 -5.98 -7.04
CA ILE A 163 -30.93 -6.33 -7.31
C ILE A 163 -30.46 -5.77 -8.65
N ILE A 164 -31.38 -5.61 -9.59
CA ILE A 164 -31.03 -5.03 -10.88
C ILE A 164 -30.73 -3.55 -10.68
N MET A 165 -31.55 -2.87 -9.89
CA MET A 165 -31.35 -1.47 -9.64
C MET A 165 -30.07 -1.27 -8.90
N ALA A 166 -29.77 -2.14 -7.95
CA ALA A 166 -28.54 -2.02 -7.19
C ALA A 166 -27.36 -2.01 -8.12
N TYR A 167 -27.37 -2.88 -9.10
CA TYR A 167 -26.29 -2.92 -10.07
C TYR A 167 -26.23 -1.63 -10.84
N ALA A 168 -27.35 -1.17 -11.35
CA ALA A 168 -27.39 0.07 -12.10
C ALA A 168 -26.91 1.25 -11.29
N PHE A 169 -27.29 1.32 -10.03
CA PHE A 169 -26.93 2.44 -9.19
C PHE A 169 -25.43 2.45 -8.95
N THR A 170 -24.85 1.30 -8.71
CA THR A 170 -23.41 1.21 -8.50
C THR A 170 -22.61 1.53 -9.74
N ILE A 171 -23.06 1.10 -10.90
CA ILE A 171 -22.38 1.40 -12.14
C ILE A 171 -22.39 2.90 -12.35
N TRP A 172 -23.54 3.52 -12.15
CA TRP A 172 -23.64 4.95 -12.33
C TRP A 172 -22.78 5.74 -11.36
N THR A 173 -22.83 5.40 -10.08
CA THR A 173 -22.04 6.10 -9.09
C THR A 173 -20.58 5.97 -9.42
N CYS A 174 -20.15 4.79 -9.82
CA CYS A 174 -18.76 4.58 -10.17
C CYS A 174 -18.35 5.33 -11.41
N TYR A 175 -19.17 5.33 -12.44
CA TYR A 175 -18.86 6.09 -13.64
C TYR A 175 -18.67 7.55 -13.30
N MET A 176 -19.55 8.10 -12.48
CA MET A 176 -19.47 9.50 -12.13
C MET A 176 -18.30 9.81 -11.22
N LEU A 177 -17.90 8.85 -10.41
CA LEU A 177 -16.76 9.04 -9.52
C LEU A 177 -15.49 9.03 -10.33
N MET A 178 -15.43 8.23 -11.38
CA MET A 178 -14.26 8.14 -12.23
C MET A 178 -14.11 9.38 -13.05
N LYS A 179 -15.21 9.91 -13.52
CA LYS A 179 -15.18 11.11 -14.31
C LYS A 179 -14.76 12.31 -13.48
N GLU A 180 -15.17 12.36 -12.23
CA GLU A 180 -14.78 13.45 -11.37
C GLU A 180 -13.37 13.30 -10.85
N TYR A 181 -12.91 12.08 -10.70
CA TYR A 181 -11.54 11.87 -10.28
C TYR A 181 -10.65 12.40 -11.36
N GLU A 182 -10.99 12.13 -12.62
CA GLU A 182 -10.24 12.66 -13.74
C GLU A 182 -10.25 14.16 -13.79
N THR A 183 -11.41 14.78 -13.66
CA THR A 183 -11.48 16.22 -13.78
C THR A 183 -10.73 16.91 -12.69
N VAL A 184 -10.87 16.44 -11.47
CA VAL A 184 -10.24 17.11 -10.34
C VAL A 184 -8.73 16.90 -10.40
N ALA A 185 -8.28 15.77 -10.92
CA ALA A 185 -6.85 15.54 -11.07
C ALA A 185 -6.27 16.49 -12.06
N ASN A 186 -6.93 16.67 -13.18
CA ASN A 186 -6.46 17.57 -14.20
C ASN A 186 -6.51 19.01 -13.75
N MET A 187 -7.48 19.35 -12.92
CA MET A 187 -7.58 20.69 -12.39
C MET A 187 -6.44 20.96 -11.44
N ARG A 188 -6.09 19.98 -10.62
CA ARG A 188 -5.02 20.13 -9.65
C ARG A 188 -3.70 20.25 -10.34
N LEU A 189 -3.54 19.53 -11.44
CA LEU A 189 -2.29 19.55 -12.17
C LEU A 189 -2.12 20.86 -12.88
N GLN A 190 -3.18 21.40 -13.45
CA GLN A 190 -3.13 22.69 -14.10
C GLN A 190 -2.88 23.80 -13.10
N PHE A 191 -3.48 23.69 -11.92
CA PHE A 191 -3.33 24.70 -10.90
C PHE A 191 -1.93 24.70 -10.39
N LEU A 192 -1.35 23.53 -10.19
CA LEU A 192 -0.02 23.42 -9.64
C LEU A 192 1.00 23.96 -10.60
N ALA A 193 0.75 23.85 -11.89
CA ALA A 193 1.67 24.33 -12.90
C ALA A 193 1.64 25.83 -13.06
N SER A 194 0.53 26.44 -12.68
CA SER A 194 0.38 27.87 -12.84
C SER A 194 0.49 28.61 -11.52
N GLU A 195 0.58 27.88 -10.42
CA GLU A 195 0.65 28.49 -9.11
C GLU A 195 1.92 29.27 -8.95
N GLY A 196 1.85 30.42 -8.30
CA GLY A 196 3.02 31.25 -8.12
C GLY A 196 3.98 30.67 -7.14
N ARG A 197 5.17 31.24 -7.06
CA ARG A 197 6.17 30.73 -6.15
C ARG A 197 5.67 30.70 -4.74
N ARG A 198 5.71 29.54 -4.12
CA ARG A 198 5.30 29.41 -2.74
C ARG A 198 6.52 28.75 -2.15
N PRO A 199 6.79 28.99 -0.87
CA PRO A 199 8.01 28.43 -0.30
C PRO A 199 8.00 26.92 -0.28
N ASP A 200 6.85 26.29 -0.13
CA ASP A 200 6.73 24.84 -0.02
C ASP A 200 7.02 24.05 -1.26
N GLN A 201 7.22 24.72 -2.38
CA GLN A 201 7.45 24.05 -3.62
C GLN A 201 8.91 23.66 -3.71
N PHE A 202 9.74 24.21 -2.84
CA PHE A 202 11.16 23.93 -2.84
C PHE A 202 11.57 23.29 -1.55
N THR A 203 10.68 23.21 -0.58
CA THR A 203 11.04 22.70 0.73
C THR A 203 10.47 21.38 1.16
N VAL A 204 11.20 20.66 2.01
CA VAL A 204 10.71 19.40 2.55
C VAL A 204 10.81 19.49 4.06
N LEU A 205 10.14 18.61 4.78
CA LEU A 205 10.25 18.56 6.23
C LEU A 205 10.98 17.29 6.55
N VAL A 206 12.21 17.39 7.00
CA VAL A 206 12.92 16.21 7.43
C VAL A 206 12.59 16.00 8.89
N ARG A 207 12.18 14.80 9.25
CA ARG A 207 11.80 14.52 10.60
C ARG A 207 12.74 13.48 11.12
N ASN A 208 12.77 13.30 12.43
CA ASN A 208 13.62 12.29 13.05
C ASN A 208 15.07 12.33 12.63
N VAL A 209 15.72 13.46 12.82
CA VAL A 209 17.13 13.58 12.52
C VAL A 209 17.82 12.93 13.70
N PRO A 210 18.62 11.90 13.46
CA PRO A 210 19.26 11.18 14.56
C PRO A 210 20.17 12.05 15.41
N PRO A 211 20.05 11.94 16.74
CA PRO A 211 20.88 12.75 17.64
C PRO A 211 22.37 12.42 17.64
N ASP A 212 23.21 13.45 17.64
CA ASP A 212 24.67 13.25 17.65
C ASP A 212 25.23 14.06 18.78
N PRO A 213 26.12 13.47 19.57
CA PRO A 213 26.66 14.18 20.72
C PRO A 213 27.53 15.38 20.39
N ASP A 214 28.16 15.41 19.22
CA ASP A 214 29.07 16.49 18.88
C ASP A 214 28.56 17.44 17.83
N GLU A 215 27.32 17.26 17.39
CA GLU A 215 26.80 18.10 16.34
C GLU A 215 25.40 18.55 16.66
N THR A 216 25.07 19.76 16.27
CA THR A 216 23.74 20.29 16.50
C THR A 216 22.87 19.77 15.39
N VAL A 217 21.55 19.85 15.55
CA VAL A 217 20.64 19.43 14.51
C VAL A 217 20.94 20.16 13.22
N SER A 218 21.20 21.45 13.28
CA SER A 218 21.52 22.21 12.11
C SER A 218 22.72 21.71 11.37
N GLU A 219 23.80 21.44 12.10
CA GLU A 219 25.00 20.92 11.49
C GLU A 219 24.77 19.58 10.87
N LEU A 220 24.11 18.68 11.59
CA LEU A 220 23.76 17.38 11.05
C LEU A 220 22.98 17.49 9.76
N VAL A 221 21.94 18.31 9.76
CA VAL A 221 21.10 18.48 8.59
C VAL A 221 21.89 19.03 7.41
N GLU A 222 22.64 20.09 7.61
CA GLU A 222 23.44 20.65 6.56
C GLU A 222 24.36 19.63 5.95
N HIS A 223 25.08 18.90 6.78
CA HIS A 223 26.02 17.91 6.30
C HIS A 223 25.37 16.79 5.52
N PHE A 224 24.24 16.29 5.99
CA PHE A 224 23.53 15.25 5.27
C PHE A 224 23.13 15.71 3.91
N PHE A 225 22.54 16.88 3.83
CA PHE A 225 22.02 17.32 2.56
C PHE A 225 23.04 17.93 1.65
N LEU A 226 24.27 18.09 2.12
CA LEU A 226 25.31 18.59 1.26
C LEU A 226 26.10 17.42 0.72
N VAL A 227 25.92 16.24 1.31
CA VAL A 227 26.59 15.06 0.80
C VAL A 227 25.64 14.15 0.06
N ASN A 228 24.36 14.18 0.39
CA ASN A 228 23.42 13.27 -0.22
C ASN A 228 22.57 13.93 -1.26
N HIS A 229 22.44 15.24 -1.19
CA HIS A 229 21.73 15.98 -2.22
C HIS A 229 22.68 17.11 -2.50
N PRO A 230 23.87 16.80 -2.99
CA PRO A 230 24.91 17.83 -3.11
C PRO A 230 24.66 19.01 -4.02
N ASP A 231 24.16 18.78 -5.22
CA ASP A 231 23.99 19.85 -6.18
C ASP A 231 22.84 20.79 -5.99
N ASN A 232 21.84 20.39 -5.23
CA ASN A 232 20.67 21.22 -5.14
C ASN A 232 20.20 21.64 -3.78
N TYR A 233 20.92 21.31 -2.73
CA TYR A 233 20.54 21.79 -1.41
C TYR A 233 20.81 23.27 -1.36
N LEU A 234 19.86 24.04 -0.84
CA LEU A 234 20.05 25.46 -0.69
C LEU A 234 20.19 25.82 0.76
N THR A 235 19.13 25.69 1.53
CA THR A 235 19.15 26.12 2.91
C THR A 235 18.27 25.26 3.79
N HIS A 236 18.28 25.48 5.09
CA HIS A 236 17.43 24.75 5.99
C HIS A 236 16.96 25.62 7.13
N GLN A 237 15.96 25.16 7.88
CA GLN A 237 15.45 25.89 9.03
C GLN A 237 15.05 24.90 10.07
N VAL A 238 15.81 24.79 11.13
CA VAL A 238 15.52 23.82 12.16
C VAL A 238 14.25 24.15 12.91
N VAL A 239 13.51 23.12 13.28
CA VAL A 239 12.27 23.32 14.02
C VAL A 239 12.63 23.56 15.47
N CYS A 240 12.12 24.62 16.05
CA CYS A 240 12.37 24.87 17.47
C CYS A 240 11.07 24.74 18.22
N ASN A 241 11.15 24.55 19.53
CA ASN A 241 9.94 24.51 20.34
C ASN A 241 9.73 25.86 20.95
N ALA A 242 8.97 26.70 20.28
CA ALA A 242 8.67 28.01 20.82
C ALA A 242 7.23 28.01 21.24
N ASN A 243 6.78 26.90 21.80
CA ASN A 243 5.40 26.78 22.21
C ASN A 243 5.11 27.60 23.45
N LYS A 244 6.04 27.61 24.40
CA LYS A 244 5.87 28.45 25.57
C LYS A 244 5.86 29.91 25.20
N LEU A 245 6.77 30.34 24.36
CA LEU A 245 6.81 31.73 23.94
C LEU A 245 5.53 32.09 23.21
N ALA A 246 5.05 31.22 22.34
CA ALA A 246 3.82 31.47 21.63
C ALA A 246 2.66 31.62 22.56
N ASP A 247 2.59 30.77 23.57
CA ASP A 247 1.53 30.86 24.56
C ASP A 247 1.58 32.16 25.33
N LEU A 248 2.77 32.65 25.64
CA LEU A 248 2.90 33.88 26.38
C LEU A 248 2.49 35.04 25.53
N VAL A 249 2.86 35.03 24.26
CA VAL A 249 2.45 36.08 23.35
C VAL A 249 0.93 36.11 23.23
N SER A 250 0.31 34.95 23.11
CA SER A 250 -1.14 34.88 23.05
C SER A 250 -1.79 35.34 24.33
N LYS A 251 -1.20 35.01 25.48
CA LYS A 251 -1.74 35.50 26.74
C LYS A 251 -1.72 37.01 26.77
N LYS A 252 -0.63 37.62 26.34
CA LYS A 252 -0.53 39.07 26.34
C LYS A 252 -1.59 39.70 25.45
N THR A 253 -1.92 39.10 24.32
CA THR A 253 -3.00 39.63 23.50
C THR A 253 -4.32 39.53 24.22
N LYS A 254 -4.57 38.41 24.88
CA LYS A 254 -5.80 38.24 25.63
C LYS A 254 -5.87 39.17 26.82
N LEU A 255 -4.74 39.51 27.41
CA LEU A 255 -4.74 40.35 28.60
C LEU A 255 -4.93 41.78 28.19
N GLN A 256 -4.42 42.13 27.01
CA GLN A 256 -4.53 43.49 26.56
C GLN A 256 -5.92 43.71 26.04
N ASN A 257 -6.48 42.71 25.37
CA ASN A 257 -7.82 42.82 24.83
C ASN A 257 -8.82 42.80 25.94
N TRP A 258 -8.62 41.91 26.91
CA TRP A 258 -9.59 41.76 27.98
C TRP A 258 -9.91 43.06 28.56
N LEU A 259 -8.89 43.78 29.00
CA LEU A 259 -9.25 45.08 29.48
C LEU A 259 -8.74 46.22 28.66
N ASP A 260 -9.11 46.24 27.39
CA ASP A 260 -8.83 47.39 26.57
C ASP A 260 -10.27 47.76 26.70
N TYR A 261 -11.14 46.75 26.78
CA TYR A 261 -12.54 46.98 27.01
C TYR A 261 -12.68 47.81 28.27
N TYR A 262 -12.29 47.27 29.41
CA TYR A 262 -12.36 48.02 30.65
C TYR A 262 -11.16 48.89 30.78
N GLN A 263 -11.04 49.89 29.92
CA GLN A 263 -9.93 50.82 29.94
C GLN A 263 -10.55 51.85 29.06
N LEU A 264 -11.47 51.40 28.20
CA LEU A 264 -12.20 52.36 27.37
C LEU A 264 -13.68 52.14 27.55
N LYS A 265 -14.07 51.52 28.65
CA LYS A 265 -15.48 51.39 28.94
C LYS A 265 -15.86 52.82 29.23
N TYR A 266 -15.04 53.50 30.05
CA TYR A 266 -15.26 54.92 30.32
C TYR A 266 -13.96 55.51 30.80
N THR A 267 -12.85 54.81 30.58
CA THR A 267 -11.53 55.28 31.04
C THR A 267 -11.44 55.61 32.54
N ARG A 268 -10.68 56.65 32.91
CA ARG A 268 -10.46 57.01 34.33
C ARG A 268 -10.49 55.85 35.32
N ASN A 269 -11.44 55.87 36.24
CA ASN A 269 -11.56 54.78 37.21
C ASN A 269 -12.64 53.86 36.71
N ASN A 270 -12.24 52.85 35.94
CA ASN A 270 -13.23 51.98 35.32
C ASN A 270 -13.77 50.84 36.14
N SER A 271 -13.81 49.67 35.54
CA SER A 271 -14.44 48.56 36.24
C SER A 271 -13.67 48.01 37.39
N GLN A 272 -14.40 47.34 38.28
CA GLN A 272 -13.77 46.74 39.42
C GLN A 272 -14.16 45.28 39.32
N ILE A 273 -14.07 44.72 38.12
CA ILE A 273 -14.44 43.32 37.95
C ILE A 273 -13.49 42.43 38.71
N ARG A 274 -14.04 41.42 39.35
CA ARG A 274 -13.22 40.54 40.14
C ARG A 274 -13.52 39.08 39.86
N PRO A 275 -12.90 38.51 38.82
CA PRO A 275 -13.18 37.11 38.47
C PRO A 275 -12.49 36.11 39.36
N ILE A 276 -12.67 34.83 39.04
CA ILE A 276 -11.98 33.80 39.79
C ILE A 276 -10.59 33.63 39.21
N THR A 277 -9.66 33.10 39.99
CA THR A 277 -8.28 32.97 39.52
C THR A 277 -8.06 31.69 38.70
N LYS A 278 -8.05 31.83 37.38
CA LYS A 278 -7.80 30.69 36.50
C LYS A 278 -7.32 31.19 35.16
N LEU A 279 -8.22 31.81 34.38
CA LEU A 279 -7.86 32.32 33.07
C LEU A 279 -8.50 33.66 32.83
N GLY A 280 -8.54 34.50 33.87
CA GLY A 280 -9.21 35.78 33.74
C GLY A 280 -10.69 35.52 33.57
N CYS A 281 -11.20 35.71 32.36
CA CYS A 281 -12.61 35.40 32.07
C CYS A 281 -13.65 35.83 33.10
N LEU A 282 -14.60 34.95 33.40
CA LEU A 282 -15.67 35.25 34.37
C LEU A 282 -16.11 36.72 34.49
N GLY A 283 -15.70 37.37 35.56
CA GLY A 283 -16.09 38.75 35.78
C GLY A 283 -16.93 38.84 37.03
N LEU A 284 -16.49 39.61 38.02
CA LEU A 284 -17.20 39.73 39.29
C LEU A 284 -17.66 38.41 39.89
N CYS A 285 -16.76 37.43 39.93
CA CYS A 285 -17.08 36.12 40.50
C CYS A 285 -15.95 35.63 41.39
N GLY A 286 -15.35 36.53 42.18
CA GLY A 286 -14.22 36.14 43.00
C GLY A 286 -13.93 37.17 44.07
N GLN A 287 -12.90 38.00 43.89
CA GLN A 287 -12.51 38.97 44.92
C GLN A 287 -11.67 40.15 44.44
N LYS A 288 -10.70 39.89 43.57
CA LYS A 288 -9.76 40.94 43.12
C LYS A 288 -10.36 42.10 42.33
N VAL A 289 -10.85 43.13 43.01
CA VAL A 289 -11.48 44.26 42.34
C VAL A 289 -10.52 45.08 41.48
N ASP A 290 -9.61 45.81 42.13
CA ASP A 290 -8.61 46.62 41.41
C ASP A 290 -9.12 47.51 40.27
N ALA A 291 -8.45 47.51 39.14
CA ALA A 291 -8.85 48.43 38.06
C ALA A 291 -8.74 48.04 36.59
N ILE A 292 -7.99 48.81 35.80
CA ILE A 292 -7.93 48.61 34.34
C ILE A 292 -6.82 47.76 33.72
N GLU A 293 -6.87 47.58 32.39
CA GLU A 293 -5.88 46.75 31.64
C GLU A 293 -5.58 45.38 32.25
N HIS A 294 -6.61 44.66 32.68
CA HIS A 294 -6.46 43.37 33.34
C HIS A 294 -5.41 43.56 34.37
N TYR A 295 -5.63 44.50 35.28
CA TYR A 295 -4.67 44.84 36.31
C TYR A 295 -3.37 45.07 35.58
N ILE A 296 -3.28 46.09 34.72
CA ILE A 296 -2.06 46.44 33.92
C ILE A 296 -0.75 45.73 34.22
N ALA A 297 -0.33 45.65 35.48
CA ALA A 297 0.84 44.87 35.83
C ALA A 297 0.85 43.50 35.17
N GLU A 298 -0.31 42.85 35.03
CA GLU A 298 -0.39 41.56 34.33
C GLU A 298 0.15 41.59 32.91
N VAL A 299 -0.25 42.58 32.13
CA VAL A 299 0.25 42.70 30.78
C VAL A 299 1.75 42.95 30.81
N ASP A 300 2.21 43.77 31.75
CA ASP A 300 3.64 44.09 31.83
C ASP A 300 4.47 42.90 32.29
N LYS A 301 3.94 42.06 33.18
CA LYS A 301 4.67 40.88 33.62
C LYS A 301 4.67 39.81 32.56
N THR A 302 3.65 39.79 31.70
CA THR A 302 3.64 38.84 30.62
C THR A 302 4.69 39.29 29.64
N SER A 303 4.78 40.58 29.40
CA SER A 303 5.80 41.10 28.51
C SER A 303 7.20 40.82 29.01
N LYS A 304 7.38 40.78 30.33
CA LYS A 304 8.68 40.47 30.90
C LYS A 304 9.02 39.01 30.68
N GLU A 305 8.06 38.13 30.91
CA GLU A 305 8.30 36.71 30.67
C GLU A 305 8.50 36.43 29.19
N ILE A 306 7.87 37.21 28.31
CA ILE A 306 8.07 37.04 26.89
C ILE A 306 9.51 37.35 26.57
N ALA A 307 10.03 38.46 27.09
CA ALA A 307 11.41 38.83 26.82
C ALA A 307 12.37 37.78 27.31
N GLU A 308 12.10 37.23 28.49
CA GLU A 308 12.95 36.18 29.03
C GLU A 308 12.94 34.96 28.13
N GLU A 309 11.76 34.48 27.77
CA GLU A 309 11.66 33.27 26.96
C GLU A 309 12.22 33.50 25.57
N ARG A 310 12.15 34.72 25.08
CA ARG A 310 12.73 35.01 23.79
C ARG A 310 14.22 34.77 23.84
N GLU A 311 14.89 35.16 24.92
CA GLU A 311 16.32 34.86 25.05
C GLU A 311 16.57 33.38 25.17
N ASN A 312 15.86 32.72 26.08
CA ASN A 312 16.09 31.31 26.30
C ASN A 312 15.86 30.46 25.07
N VAL A 313 14.73 30.63 24.40
CA VAL A 313 14.40 29.79 23.26
C VAL A 313 15.36 29.94 22.10
N VAL A 314 15.99 31.10 21.99
CA VAL A 314 16.92 31.32 20.90
C VAL A 314 18.27 30.75 21.30
N ASN A 315 18.64 30.93 22.55
CA ASN A 315 19.96 30.49 22.98
C ASN A 315 19.96 29.27 23.89
N ASP A 316 19.69 28.09 23.35
CA ASP A 316 19.77 26.87 24.16
C ASP A 316 20.05 25.57 23.43
N GLN A 317 19.51 25.39 22.22
CA GLN A 317 19.64 24.13 21.46
C GLN A 317 18.98 22.96 22.16
N LYS A 318 18.10 23.25 23.11
CA LYS A 318 17.36 22.22 23.80
C LYS A 318 15.98 22.41 23.29
N SER A 319 15.72 23.60 22.78
CA SER A 319 14.43 23.88 22.19
C SER A 319 14.43 23.33 20.79
N VAL A 320 15.61 23.23 20.18
CA VAL A 320 15.70 22.73 18.84
C VAL A 320 15.25 21.28 18.76
N MET A 321 14.28 21.01 17.90
CA MET A 321 13.73 19.67 17.76
C MET A 321 14.51 18.90 16.75
N PRO A 322 14.44 17.56 16.78
CA PRO A 322 15.09 16.73 15.75
C PRO A 322 14.41 16.78 14.40
N ALA A 323 14.19 17.96 13.84
CA ALA A 323 13.49 18.10 12.60
C ALA A 323 13.94 19.40 11.99
N SER A 324 13.80 19.54 10.68
CA SER A 324 14.19 20.75 10.00
C SER A 324 13.40 20.92 8.74
N PHE A 325 13.41 22.11 8.18
CA PHE A 325 12.72 22.37 6.94
C PHE A 325 13.78 22.62 5.89
N VAL A 326 14.15 21.61 5.12
CA VAL A 326 15.19 21.75 4.12
C VAL A 326 14.72 22.24 2.77
N SER A 327 15.28 23.35 2.30
CA SER A 327 14.90 23.91 1.02
C SER A 327 15.90 23.59 -0.04
N PHE A 328 15.46 23.56 -1.28
CA PHE A 328 16.32 23.18 -2.38
C PHE A 328 16.33 24.24 -3.44
N LYS A 329 17.28 24.17 -4.36
CA LYS A 329 17.41 25.18 -5.38
C LYS A 329 16.35 25.04 -6.43
N THR A 330 15.90 23.81 -6.65
CA THR A 330 14.88 23.56 -7.63
C THR A 330 13.69 22.85 -7.00
N ARG A 331 12.56 22.82 -7.70
CA ARG A 331 11.40 22.11 -7.22
C ARG A 331 11.56 20.66 -7.58
N TRP A 332 12.38 20.38 -8.59
CA TRP A 332 12.67 19.03 -9.00
C TRP A 332 13.43 18.33 -7.91
N ALA A 333 14.39 18.99 -7.30
CA ALA A 333 15.19 18.42 -6.23
C ALA A 333 14.40 18.17 -4.99
N ALA A 334 13.46 19.05 -4.70
CA ALA A 334 12.62 18.89 -3.55
C ALA A 334 11.68 17.74 -3.76
N ALA A 335 11.23 17.53 -4.99
CA ALA A 335 10.37 16.41 -5.27
C ALA A 335 11.16 15.14 -5.14
N VAL A 336 12.39 15.12 -5.63
CA VAL A 336 13.25 13.96 -5.47
C VAL A 336 13.40 13.63 -3.99
N CYS A 337 13.73 14.61 -3.15
CA CYS A 337 13.85 14.36 -1.73
C CYS A 337 12.56 13.87 -1.09
N ALA A 338 11.44 14.44 -1.46
CA ALA A 338 10.18 14.05 -0.88
C ALA A 338 9.78 12.64 -1.23
N GLN A 339 10.15 12.16 -2.40
CA GLN A 339 9.73 10.84 -2.82
C GLN A 339 10.82 9.80 -2.89
N THR A 340 11.92 10.02 -2.17
CA THR A 340 13.01 9.07 -2.14
C THR A 340 13.37 8.69 -0.70
N THR A 341 13.91 7.49 -0.49
CA THR A 341 14.34 7.07 0.83
C THR A 341 15.75 7.56 1.02
N GLN A 342 16.05 8.10 2.19
CA GLN A 342 17.36 8.69 2.40
C GLN A 342 18.35 7.82 3.09
N THR A 343 17.91 7.04 4.07
CA THR A 343 18.84 6.25 4.84
C THR A 343 18.34 4.82 5.01
N ARG A 344 19.18 3.95 5.54
CA ARG A 344 18.82 2.56 5.74
C ARG A 344 17.90 2.35 6.91
N ASN A 345 17.83 3.32 7.80
CA ASN A 345 16.92 3.23 8.92
C ASN A 345 15.63 3.83 8.46
N PRO A 346 14.57 3.04 8.44
CA PRO A 346 13.29 3.52 7.91
C PRO A 346 12.55 4.50 8.82
N THR A 347 13.15 4.91 9.92
CA THR A 347 12.50 5.80 10.86
C THR A 347 13.37 6.99 11.16
N GLU A 348 14.39 7.20 10.35
CA GLU A 348 15.25 8.36 10.53
C GLU A 348 15.31 9.10 9.22
N TRP A 349 15.67 10.37 9.25
CA TRP A 349 15.71 11.20 8.05
C TRP A 349 14.49 11.03 7.21
N LEU A 350 13.33 11.28 7.77
CA LEU A 350 12.08 11.10 7.07
C LEU A 350 11.65 12.35 6.38
N THR A 351 11.73 12.36 5.06
CA THR A 351 11.41 13.56 4.30
C THR A 351 10.04 13.54 3.68
N GLU A 352 9.33 14.65 3.77
CA GLU A 352 8.02 14.76 3.19
C GLU A 352 7.88 16.18 2.73
N TRP A 353 7.05 16.42 1.73
CA TRP A 353 6.81 17.78 1.27
C TRP A 353 6.35 18.63 2.42
N ALA A 354 6.90 19.83 2.53
CA ALA A 354 6.48 20.72 3.59
C ALA A 354 5.18 21.38 3.23
N ALA A 355 4.49 21.92 4.22
CA ALA A 355 3.27 22.62 3.95
C ALA A 355 3.59 24.06 3.78
N GLU A 356 2.66 24.84 3.25
CA GLU A 356 2.86 26.25 3.10
C GLU A 356 3.02 26.78 4.49
N PRO A 357 3.89 27.78 4.69
CA PRO A 357 4.08 28.23 6.07
C PRO A 357 2.80 28.65 6.81
N ARG A 358 1.73 29.01 6.11
CA ARG A 358 0.47 29.38 6.75
C ARG A 358 -0.39 28.18 7.11
N ASP A 359 -0.09 27.03 6.54
CA ASP A 359 -0.82 25.82 6.81
C ASP A 359 -0.18 25.08 7.97
N ILE A 360 1.06 25.42 8.29
CA ILE A 360 1.76 24.72 9.34
C ILE A 360 1.10 24.91 10.68
N TYR A 361 0.75 23.82 11.35
CA TYR A 361 0.24 23.91 12.70
C TYR A 361 1.45 23.79 13.56
N TRP A 362 2.00 24.92 13.96
CA TRP A 362 3.22 24.94 14.72
C TRP A 362 3.24 24.27 16.09
N PRO A 363 2.13 24.31 16.85
CA PRO A 363 2.21 23.60 18.11
C PRO A 363 2.53 22.11 18.06
N ASN A 364 2.24 21.43 16.97
CA ASN A 364 2.44 19.99 16.89
C ASN A 364 3.77 19.61 16.29
N LEU A 365 4.57 20.59 15.94
CA LEU A 365 5.88 20.32 15.36
C LEU A 365 6.84 20.12 16.49
N ALA A 366 6.41 20.46 17.70
CA ALA A 366 7.23 20.27 18.87
C ALA A 366 6.83 19.03 19.66
N ILE A 367 6.20 18.07 19.00
CA ILE A 367 5.81 16.83 19.65
C ILE A 367 6.79 15.77 19.23
N PRO A 368 7.39 15.06 20.20
CA PRO A 368 8.30 13.95 19.87
C PRO A 368 7.67 12.91 18.97
N TYR A 369 8.40 12.42 17.98
CA TYR A 369 7.88 11.42 17.06
C TYR A 369 7.50 10.15 17.77
N VAL A 370 8.24 9.83 18.81
CA VAL A 370 7.96 8.63 19.60
C VAL A 370 6.57 8.68 20.18
N SER A 371 6.14 9.85 20.62
CA SER A 371 4.84 10.00 21.23
C SER A 371 3.72 9.90 20.24
N LEU A 372 3.98 10.17 18.96
CA LEU A 372 2.93 10.19 17.96
C LEU A 372 2.13 8.91 17.91
N THR A 373 2.81 7.78 17.89
CA THR A 373 2.11 6.49 17.89
C THR A 373 1.18 6.29 19.09
N VAL A 374 1.66 6.58 20.29
CA VAL A 374 0.84 6.44 21.47
C VAL A 374 -0.31 7.44 21.48
N ARG A 375 -0.07 8.66 21.03
CA ARG A 375 -1.11 9.66 20.97
C ARG A 375 -2.20 9.22 20.04
N ARG A 376 -1.82 8.63 18.92
CA ARG A 376 -2.81 8.15 17.96
C ARG A 376 -3.63 7.04 18.56
N LEU A 377 -2.99 6.13 19.29
CA LEU A 377 -3.71 5.04 19.95
C LEU A 377 -4.67 5.52 21.02
N VAL A 378 -4.23 6.45 21.85
CA VAL A 378 -5.10 6.98 22.89
C VAL A 378 -6.30 7.66 22.28
N MET A 379 -6.12 8.38 21.19
CA MET A 379 -7.22 9.06 20.57
C MET A 379 -8.11 8.10 19.79
N ASN A 380 -7.56 6.97 19.38
CA ASN A 380 -8.38 5.96 18.72
C ASN A 380 -9.31 5.30 19.72
N VAL A 381 -8.82 5.04 20.94
CA VAL A 381 -9.68 4.48 21.96
C VAL A 381 -10.64 5.49 22.54
N ALA A 382 -10.27 6.78 22.54
CA ALA A 382 -11.18 7.80 23.01
C ALA A 382 -12.28 7.98 21.98
N PHE A 383 -11.97 7.74 20.72
CA PHE A 383 -12.98 7.84 19.69
C PHE A 383 -13.98 6.74 19.87
N PHE A 384 -13.53 5.54 20.23
CA PHE A 384 -14.45 4.45 20.51
C PHE A 384 -15.44 4.83 21.61
N PHE A 385 -14.97 5.39 22.71
CA PHE A 385 -15.86 5.79 23.78
C PHE A 385 -16.80 6.91 23.38
N LEU A 386 -16.28 7.90 22.65
CA LEU A 386 -17.09 9.01 22.18
C LEU A 386 -18.31 8.50 21.44
N THR A 387 -18.09 7.65 20.45
CA THR A 387 -19.19 7.09 19.69
C THR A 387 -20.29 6.54 20.60
N PHE A 388 -19.93 5.64 21.50
CA PHE A 388 -20.92 5.06 22.42
C PHE A 388 -21.67 6.10 23.23
N PHE A 389 -20.91 6.99 23.87
CA PHE A 389 -21.55 8.03 24.63
C PHE A 389 -22.63 8.67 23.77
N PHE A 390 -22.29 9.06 22.56
CA PHE A 390 -23.33 9.71 21.78
C PHE A 390 -24.50 8.83 21.33
N ILE A 391 -24.28 7.54 21.11
CA ILE A 391 -25.42 6.68 20.75
C ILE A 391 -26.52 6.86 21.77
N ILE A 392 -26.15 6.85 23.04
CA ILE A 392 -27.16 7.00 24.08
C ILE A 392 -27.96 8.27 23.87
N PRO A 393 -27.34 9.48 23.91
CA PRO A 393 -28.13 10.65 23.57
C PRO A 393 -28.95 10.57 22.28
N ILE A 394 -28.46 10.05 21.18
CA ILE A 394 -29.28 10.04 19.95
C ILE A 394 -30.51 9.15 20.10
N ALA A 395 -30.34 7.98 20.70
CA ALA A 395 -31.48 7.09 20.94
C ALA A 395 -32.44 7.82 21.87
N PHE A 396 -31.88 8.50 22.86
CA PHE A 396 -32.70 9.22 23.80
C PHE A 396 -33.23 10.48 23.16
N VAL A 397 -32.65 10.95 22.06
CA VAL A 397 -33.19 12.11 21.38
C VAL A 397 -34.50 11.66 20.79
N GLN A 398 -34.44 10.58 20.03
CA GLN A 398 -35.62 9.93 19.51
C GLN A 398 -36.57 9.40 20.61
N SER A 399 -36.07 9.24 21.83
CA SER A 399 -36.95 8.73 22.88
C SER A 399 -37.72 9.87 23.46
N LEU A 400 -37.06 11.02 23.59
CA LEU A 400 -37.71 12.17 24.17
C LEU A 400 -38.71 12.64 23.16
N ALA A 401 -38.47 12.28 21.90
CA ALA A 401 -39.50 12.64 20.93
C ALA A 401 -40.79 11.90 21.29
N THR A 402 -40.69 10.58 21.45
CA THR A 402 -41.87 9.82 21.80
C THR A 402 -42.44 10.22 23.15
N ILE A 403 -41.57 10.66 24.07
CA ILE A 403 -42.02 11.03 25.41
C ILE A 403 -42.81 12.32 25.35
N GLU A 404 -42.38 13.25 24.50
CA GLU A 404 -43.12 14.49 24.33
C GLU A 404 -44.43 14.15 23.65
N GLY A 405 -44.41 13.18 22.73
CA GLY A 405 -45.66 12.76 22.12
C GLY A 405 -46.62 12.28 23.19
N ILE A 406 -46.13 11.48 24.12
CA ILE A 406 -46.97 10.96 25.21
C ILE A 406 -47.49 12.11 26.07
N GLU A 407 -46.63 13.06 26.39
CA GLU A 407 -47.02 14.21 27.20
C GLU A 407 -48.14 14.99 26.54
N LYS A 408 -48.09 15.09 25.22
CA LYS A 408 -49.11 15.86 24.51
C LYS A 408 -50.40 15.07 24.31
N ASP A 420 -52.03 13.36 16.19
CA ASP A 420 -52.67 14.11 15.13
C ASP A 420 -51.64 14.93 14.39
N PHE A 421 -51.99 15.63 13.30
CA PHE A 421 -50.96 16.33 12.53
C PHE A 421 -49.93 17.12 13.37
N ILE A 422 -50.34 18.24 13.94
CA ILE A 422 -49.43 19.09 14.71
C ILE A 422 -48.54 18.33 15.69
N LYS A 423 -49.15 17.49 16.51
CA LYS A 423 -48.40 16.74 17.50
C LYS A 423 -47.24 16.00 16.86
N SER A 424 -47.55 15.10 15.94
CA SER A 424 -46.51 14.32 15.29
C SER A 424 -45.46 15.24 14.68
N LEU A 425 -45.91 16.27 13.95
CA LEU A 425 -44.99 17.21 13.34
C LEU A 425 -43.95 17.68 14.33
N ILE A 426 -44.41 18.31 15.43
CA ILE A 426 -43.43 18.86 16.35
C ILE A 426 -42.58 17.78 17.02
N GLN A 427 -43.19 16.66 17.40
CA GLN A 427 -42.44 15.61 18.07
C GLN A 427 -41.30 15.12 17.19
N GLY A 428 -41.51 15.13 15.87
CA GLY A 428 -40.44 14.75 14.96
C GLY A 428 -39.43 15.85 14.71
N LEU A 429 -39.89 17.06 14.46
CA LEU A 429 -38.98 18.16 14.17
C LEU A 429 -38.08 18.45 15.35
N LEU A 430 -38.67 18.58 16.53
CA LEU A 430 -37.90 18.82 17.74
C LEU A 430 -36.82 17.76 17.91
N ALA A 431 -37.13 16.51 17.62
CA ALA A 431 -36.11 15.46 17.70
C ALA A 431 -34.91 15.79 16.82
N GLY A 432 -35.15 16.18 15.58
CA GLY A 432 -34.06 16.54 14.68
C GLY A 432 -33.29 17.75 15.15
N ILE A 433 -33.98 18.75 15.69
CA ILE A 433 -33.28 19.90 16.22
C ILE A 433 -32.36 19.48 17.36
N ALA A 434 -32.83 18.58 18.23
CA ALA A 434 -31.99 18.06 19.30
C ALA A 434 -30.77 17.36 18.76
N LEU A 435 -30.97 16.52 17.75
CA LEU A 435 -29.84 15.86 17.11
C LEU A 435 -28.84 16.90 16.66
N LYS A 436 -29.30 17.92 15.95
CA LYS A 436 -28.40 18.94 15.44
C LYS A 436 -27.64 19.64 16.54
N LEU A 437 -28.32 19.96 17.63
CA LEU A 437 -27.68 20.61 18.76
C LEU A 437 -26.61 19.74 19.43
N PHE A 438 -26.85 18.45 19.55
CA PHE A 438 -25.84 17.57 20.13
C PHE A 438 -24.64 17.42 19.21
N LEU A 439 -24.84 17.53 17.91
CA LEU A 439 -23.79 17.30 16.93
C LEU A 439 -23.09 18.54 16.41
N ILE A 440 -23.50 19.72 16.81
CA ILE A 440 -22.75 20.90 16.37
C ILE A 440 -21.52 20.91 17.22
N PHE A 441 -21.56 20.15 18.30
CA PHE A 441 -20.40 20.07 19.23
C PHE A 441 -19.35 19.00 18.87
N LEU A 442 -19.55 18.15 17.87
CA LEU A 442 -18.73 17.05 17.41
C LEU A 442 -17.52 17.47 16.56
N PRO A 443 -17.69 18.35 15.56
CA PRO A 443 -16.47 18.74 14.84
C PRO A 443 -15.37 19.35 15.70
N ALA A 444 -15.70 20.10 16.74
CA ALA A 444 -14.72 20.70 17.63
C ALA A 444 -13.98 19.67 18.44
N ILE A 445 -14.70 18.68 18.97
CA ILE A 445 -14.07 17.61 19.73
C ILE A 445 -13.15 16.83 18.82
N LEU A 446 -13.59 16.55 17.61
CA LEU A 446 -12.79 15.76 16.68
C LEU A 446 -11.55 16.51 16.25
N MET A 447 -11.60 17.83 16.24
CA MET A 447 -10.43 18.63 15.90
C MET A 447 -9.40 18.62 17.01
N THR A 448 -9.84 18.69 18.26
CA THR A 448 -8.91 18.60 19.35
C THR A 448 -8.27 17.23 19.40
N MET A 449 -9.01 16.21 19.02
CA MET A 449 -8.46 14.88 18.97
C MET A 449 -7.41 14.76 17.89
N SER A 450 -7.63 15.44 16.77
CA SER A 450 -6.68 15.38 15.66
C SER A 450 -5.43 16.15 16.01
N LYS A 451 -5.58 17.26 16.72
CA LYS A 451 -4.43 18.03 17.14
C LYS A 451 -3.62 17.25 18.15
N PHE A 452 -4.27 16.43 18.97
CA PHE A 452 -3.56 15.59 19.93
C PHE A 452 -2.75 14.56 19.21
N GLU A 453 -3.32 13.93 18.20
CA GLU A 453 -2.60 12.92 17.43
C GLU A 453 -1.30 13.44 16.86
N GLY A 454 -1.22 14.72 16.51
CA GLY A 454 0.06 15.28 16.10
C GLY A 454 0.31 15.62 14.66
N PHE A 455 -0.73 16.01 13.95
CA PHE A 455 -0.58 16.38 12.56
C PHE A 455 -0.13 17.82 12.50
N THR A 456 0.86 18.11 11.67
CA THR A 456 1.44 19.44 11.66
C THR A 456 0.99 20.34 10.53
N SER A 457 -0.21 20.13 10.02
CA SER A 457 -0.74 20.94 8.95
C SER A 457 -2.21 21.07 9.17
N VAL A 458 -2.75 22.27 9.03
CA VAL A 458 -4.18 22.50 9.20
C VAL A 458 -4.98 21.71 8.19
N SER A 459 -4.47 21.59 6.98
CA SER A 459 -5.13 20.80 5.96
C SER A 459 -5.32 19.36 6.39
N PHE A 460 -4.28 18.73 6.91
CA PHE A 460 -4.36 17.35 7.35
C PHE A 460 -5.21 17.18 8.58
N LEU A 461 -5.21 18.18 9.45
CA LEU A 461 -6.03 18.12 10.64
C LEU A 461 -7.49 18.14 10.25
N GLU A 462 -7.86 18.92 9.25
CA GLU A 462 -9.23 19.00 8.79
C GLU A 462 -9.64 17.75 8.07
N ARG A 463 -8.72 17.09 7.41
CA ARG A 463 -9.01 15.86 6.72
C ARG A 463 -9.14 14.69 7.67
N ARG A 464 -8.37 14.68 8.74
CA ARG A 464 -8.48 13.62 9.74
C ARG A 464 -9.75 13.78 10.52
N SER A 465 -10.12 15.00 10.82
CA SER A 465 -11.34 15.25 11.56
C SER A 465 -12.55 14.87 10.74
N ALA A 466 -12.48 15.01 9.42
CA ALA A 466 -13.56 14.63 8.54
C ALA A 466 -13.65 13.14 8.38
N SER A 467 -12.53 12.45 8.47
CA SER A 467 -12.52 11.02 8.37
C SER A 467 -13.10 10.40 9.62
N ARG A 468 -12.80 10.98 10.77
CA ARG A 468 -13.35 10.49 12.01
C ARG A 468 -14.83 10.76 12.10
N TYR A 469 -15.28 11.89 11.61
CA TYR A 469 -16.71 12.18 11.61
C TYR A 469 -17.46 11.22 10.71
N TYR A 470 -16.84 10.71 9.66
CA TYR A 470 -17.50 9.72 8.84
C TYR A 470 -17.78 8.46 9.62
N ILE A 471 -16.81 8.00 10.41
CA ILE A 471 -17.01 6.81 11.22
C ILE A 471 -18.06 7.04 12.29
N PHE A 472 -18.10 8.23 12.85
CA PHE A 472 -19.13 8.56 13.81
C PHE A 472 -20.48 8.47 13.13
N ASN A 473 -20.60 8.97 11.91
CA ASN A 473 -21.87 8.99 11.22
C ASN A 473 -22.26 7.62 10.73
N LEU A 474 -21.28 6.75 10.50
CA LEU A 474 -21.57 5.41 10.05
C LEU A 474 -22.17 4.62 11.17
N VAL A 475 -21.69 4.85 12.38
CA VAL A 475 -22.20 4.13 13.52
C VAL A 475 -23.39 4.83 14.15
N ASN A 476 -23.20 6.04 14.64
CA ASN A 476 -24.25 6.72 15.39
C ASN A 476 -25.37 7.40 14.65
N VAL A 477 -25.15 7.82 13.43
CA VAL A 477 -26.25 8.39 12.67
C VAL A 477 -26.66 7.39 11.59
N PHE A 478 -26.42 6.10 11.85
CA PHE A 478 -26.82 5.08 10.88
C PHE A 478 -26.85 3.69 11.46
N LEU A 479 -25.97 2.82 10.97
CA LEU A 479 -26.00 1.43 11.36
C LEU A 479 -25.31 1.14 12.68
N GLY A 480 -26.09 1.08 13.75
CA GLY A 480 -25.52 0.80 15.06
C GLY A 480 -25.94 1.86 16.04
N SER A 481 -27.07 2.51 15.78
CA SER A 481 -27.56 3.53 16.68
C SER A 481 -28.71 2.99 17.50
N VAL A 482 -29.81 2.66 16.85
CA VAL A 482 -30.94 2.07 17.55
C VAL A 482 -30.59 0.65 17.92
N ILE A 483 -29.65 0.05 17.20
CA ILE A 483 -29.22 -1.30 17.50
C ILE A 483 -28.40 -1.27 18.77
N ALA A 484 -27.73 -0.15 19.04
CA ALA A 484 -26.99 -0.02 20.28
C ALA A 484 -27.86 0.80 21.19
N GLY A 485 -29.12 0.40 21.34
CA GLY A 485 -30.04 1.08 22.23
C GLY A 485 -29.89 0.56 23.63
N ALA A 486 -31.00 0.28 24.31
CA ALA A 486 -30.97 -0.22 25.69
C ALA A 486 -29.77 0.22 26.52
N ALA A 487 -29.58 1.53 26.69
CA ALA A 487 -28.44 2.06 27.46
C ALA A 487 -27.12 1.33 27.28
N MET A 508 -31.57 -7.34 12.54
CA MET A 508 -32.91 -6.91 12.17
C MET A 508 -32.99 -5.42 11.87
N ALA A 509 -32.89 -4.59 12.90
CA ALA A 509 -33.05 -3.14 12.69
C ALA A 509 -31.76 -2.35 12.77
N ILE A 510 -30.74 -2.79 12.03
CA ILE A 510 -29.49 -2.05 12.00
C ILE A 510 -29.50 -0.62 11.41
N PRO A 511 -30.02 -0.42 10.17
CA PRO A 511 -29.89 0.93 9.62
C PRO A 511 -31.00 1.91 9.94
N MET A 512 -31.55 1.89 11.16
CA MET A 512 -32.66 2.76 11.56
C MET A 512 -33.85 2.81 10.58
N LYS A 513 -34.55 3.94 10.54
CA LYS A 513 -35.74 4.01 9.70
C LYS A 513 -35.85 5.24 8.83
N ALA A 514 -36.42 5.08 7.64
CA ALA A 514 -36.56 6.18 6.70
C ALA A 514 -37.10 7.48 7.24
N THR A 515 -38.28 7.47 7.83
CA THR A 515 -38.89 8.72 8.29
C THR A 515 -38.03 9.53 9.26
N ALA A 516 -37.28 8.86 10.11
CA ALA A 516 -36.41 9.55 11.06
C ALA A 516 -35.33 10.27 10.30
N PHE A 517 -34.78 9.61 9.29
CA PHE A 517 -33.77 10.21 8.48
C PHE A 517 -34.32 11.36 7.67
N ILE A 518 -35.52 11.23 7.14
CA ILE A 518 -36.11 12.28 6.32
C ILE A 518 -36.19 13.59 7.08
N THR A 519 -36.64 13.54 8.33
CA THR A 519 -36.72 14.75 9.13
C THR A 519 -35.36 15.34 9.40
N TYR A 520 -34.35 14.52 9.60
CA TYR A 520 -33.00 15.04 9.76
C TYR A 520 -32.48 15.70 8.49
N ILE A 521 -32.71 15.11 7.32
CA ILE A 521 -32.30 15.75 6.08
C ILE A 521 -32.95 17.12 5.95
N MET A 522 -34.22 17.23 6.32
CA MET A 522 -34.91 18.48 6.21
C MET A 522 -34.53 19.51 7.25
N VAL A 523 -34.00 19.09 8.39
CA VAL A 523 -33.62 20.02 9.43
C VAL A 523 -32.17 20.41 9.27
N ASP A 524 -31.29 19.42 9.19
CA ASP A 524 -29.88 19.68 9.06
C ASP A 524 -29.49 20.12 7.67
N GLY A 525 -30.12 19.56 6.65
CA GLY A 525 -29.70 19.88 5.31
C GLY A 525 -30.55 20.80 4.50
N TRP A 526 -31.62 21.31 5.06
CA TRP A 526 -32.42 22.27 4.34
C TRP A 526 -32.40 23.55 5.13
N ALA A 527 -32.96 23.52 6.33
CA ALA A 527 -33.01 24.70 7.15
C ALA A 527 -31.66 25.00 7.76
N GLY A 528 -30.82 23.98 7.92
CA GLY A 528 -29.49 24.20 8.42
C GLY A 528 -28.60 24.88 7.43
N VAL A 529 -28.64 24.47 6.16
CA VAL A 529 -27.85 25.15 5.15
C VAL A 529 -28.35 26.57 4.87
N ALA A 530 -29.63 26.82 5.09
CA ALA A 530 -30.16 28.15 4.93
C ALA A 530 -29.71 29.06 6.05
N GLY A 531 -29.54 28.53 7.25
CA GLY A 531 -29.09 29.33 8.37
C GLY A 531 -27.63 29.66 8.25
N GLU A 532 -26.91 28.90 7.46
CA GLU A 532 -25.51 29.20 7.22
C GLU A 532 -25.37 30.54 6.53
N ILE A 533 -26.21 30.81 5.54
CA ILE A 533 -26.18 32.09 4.84
C ILE A 533 -26.38 33.29 5.76
N LEU A 534 -27.10 33.11 6.86
CA LEU A 534 -27.35 34.21 7.80
C LEU A 534 -26.16 34.57 8.64
N MET A 535 -25.15 33.71 8.71
CA MET A 535 -23.92 34.00 9.46
C MET A 535 -24.15 34.69 10.77
N LEU A 536 -24.88 34.04 11.67
CA LEU A 536 -25.25 34.70 12.92
C LEU A 536 -24.12 34.75 13.92
N LYS A 537 -23.46 33.64 14.18
CA LYS A 537 -22.31 33.69 15.07
C LYS A 537 -21.25 34.73 14.66
N PRO A 538 -20.76 34.69 13.40
CA PRO A 538 -19.81 35.76 13.06
C PRO A 538 -20.36 37.17 13.17
N LEU A 539 -21.64 37.38 12.89
CA LEU A 539 -22.24 38.70 13.02
C LEU A 539 -22.22 39.16 14.46
N ILE A 540 -22.67 38.31 15.38
CA ILE A 540 -22.66 38.64 16.79
C ILE A 540 -21.25 38.98 17.26
N ILE A 541 -20.28 38.15 16.94
CA ILE A 541 -18.92 38.40 17.36
C ILE A 541 -18.40 39.74 16.86
N TYR A 542 -18.55 40.03 15.56
CA TYR A 542 -18.11 41.31 15.02
C TYR A 542 -18.79 42.43 15.75
N HIS A 543 -20.09 42.34 15.95
CA HIS A 543 -20.80 43.43 16.57
C HIS A 543 -20.35 43.68 17.99
N LEU A 544 -20.14 42.61 18.76
CA LEU A 544 -19.65 42.76 20.12
C LEU A 544 -18.23 43.31 20.14
N LYS A 545 -17.39 42.86 19.22
CA LYS A 545 -16.03 43.38 19.13
C LYS A 545 -16.01 44.85 18.79
N ASN A 546 -16.85 45.27 17.85
CA ASN A 546 -16.83 46.66 17.42
C ASN A 546 -17.61 47.58 18.35
N ALA A 547 -18.28 47.01 19.35
CA ALA A 547 -18.98 47.82 20.33
C ALA A 547 -18.18 47.91 21.60
N PHE A 548 -17.49 46.83 21.95
CA PHE A 548 -16.75 46.80 23.19
C PHE A 548 -15.27 47.05 23.02
N LEU A 549 -14.57 46.18 22.30
CA LEU A 549 -13.12 46.32 22.15
C LEU A 549 -12.77 47.04 20.88
N VAL A 550 -13.40 48.18 20.63
CA VAL A 550 -13.17 48.90 19.38
C VAL A 550 -11.85 49.67 19.35
N LYS A 551 -11.74 50.77 20.10
CA LYS A 551 -10.51 51.58 20.13
C LYS A 551 -9.80 51.73 18.79
N THR A 552 -10.52 52.13 17.76
CA THR A 552 -9.90 52.32 16.46
C THR A 552 -10.42 53.59 15.84
N GLU A 553 -9.65 54.14 14.90
CA GLU A 553 -10.12 55.32 14.21
C GLU A 553 -11.09 54.86 13.15
N LYS A 554 -10.87 53.65 12.62
CA LYS A 554 -11.72 53.14 11.56
C LYS A 554 -11.64 51.64 11.41
N ASP A 555 -10.46 51.12 11.11
CA ASP A 555 -10.36 49.70 10.83
C ASP A 555 -9.23 48.93 11.51
N ARG A 556 -8.37 49.65 12.21
CA ARG A 556 -7.26 49.00 12.90
C ARG A 556 -7.85 47.94 13.80
N GLU A 557 -9.16 47.75 13.72
CA GLU A 557 -9.81 46.71 14.50
C GLU A 557 -10.46 45.74 13.54
N GLU A 558 -9.71 44.71 13.14
CA GLU A 558 -10.24 43.78 12.14
C GLU A 558 -10.83 42.52 12.74
N ALA A 559 -12.12 42.56 13.04
CA ALA A 559 -12.78 41.40 13.58
C ALA A 559 -13.67 40.88 12.47
N MET A 560 -13.29 41.15 11.23
CA MET A 560 -14.08 40.70 10.10
C MET A 560 -13.79 39.26 9.74
N ASN A 561 -12.82 38.63 10.39
CA ASN A 561 -12.43 37.25 10.09
C ASN A 561 -13.57 36.33 9.71
N PRO A 562 -13.62 35.93 8.43
CA PRO A 562 -14.77 35.14 8.01
C PRO A 562 -14.60 33.66 8.29
N GLY A 563 -13.39 33.15 8.18
CA GLY A 563 -13.17 31.73 8.35
C GLY A 563 -13.22 31.06 7.01
N SER A 564 -13.06 29.76 7.00
CA SER A 564 -13.07 29.02 5.76
C SER A 564 -14.37 28.28 5.64
N ILE A 565 -14.46 27.39 4.67
CA ILE A 565 -15.67 26.61 4.47
C ILE A 565 -15.88 25.62 5.58
N GLY A 566 -14.80 25.13 6.17
CA GLY A 566 -14.91 24.13 7.21
C GLY A 566 -15.04 22.77 6.58
N PHE A 567 -13.95 22.22 6.08
CA PHE A 567 -13.98 20.92 5.47
C PHE A 567 -14.31 19.87 6.52
N ASN A 568 -13.84 20.06 7.73
CA ASN A 568 -14.07 19.11 8.80
C ASN A 568 -15.51 19.05 9.27
N THR A 569 -16.35 19.97 8.82
CA THR A 569 -17.74 20.01 9.21
C THR A 569 -18.61 19.82 7.98
N GLY A 570 -18.37 20.59 6.94
CA GLY A 570 -19.17 20.51 5.74
C GLY A 570 -19.10 19.24 4.95
N GLU A 571 -17.90 18.73 4.70
CA GLU A 571 -17.78 17.46 4.00
C GLU A 571 -18.40 16.26 4.70
N PRO A 572 -18.25 16.14 6.03
CA PRO A 572 -18.97 15.02 6.64
C PRO A 572 -20.48 15.06 6.44
N GLN A 573 -21.08 16.23 6.33
CA GLN A 573 -22.51 16.33 6.07
C GLN A 573 -22.85 15.80 4.70
N ILE A 574 -22.06 16.17 3.70
CA ILE A 574 -22.28 15.70 2.35
C ILE A 574 -22.20 14.20 2.34
N GLN A 575 -21.23 13.64 3.04
CA GLN A 575 -21.05 12.20 3.05
C GLN A 575 -22.09 11.42 3.81
N LEU A 576 -22.78 12.05 4.73
CA LEU A 576 -23.85 11.39 5.45
C LEU A 576 -25.03 11.25 4.53
N TYR A 577 -25.22 12.23 3.65
CA TYR A 577 -26.32 12.19 2.72
C TYR A 577 -25.96 11.35 1.52
N PHE A 578 -24.68 11.13 1.26
CA PHE A 578 -24.28 10.23 0.20
C PHE A 578 -24.55 8.85 0.72
N LEU A 579 -24.23 8.59 1.98
CA LEU A 579 -24.48 7.30 2.60
C LEU A 579 -25.95 7.00 2.63
N LEU A 580 -26.72 7.90 3.19
CA LEU A 580 -28.15 7.69 3.32
C LEU A 580 -28.73 7.44 1.96
N GLY A 581 -28.35 8.25 0.99
CA GLY A 581 -28.88 8.10 -0.35
C GLY A 581 -28.52 6.79 -0.99
N LEU A 582 -27.28 6.35 -0.89
CA LEU A 582 -26.84 5.13 -1.53
C LEU A 582 -27.36 3.88 -0.84
N VAL A 583 -27.42 3.89 0.48
CA VAL A 583 -27.84 2.71 1.22
C VAL A 583 -29.33 2.44 1.09
N TYR A 584 -30.12 3.48 1.14
CA TYR A 584 -31.55 3.30 1.08
C TYR A 584 -32.09 3.21 -0.32
N ALA A 585 -31.37 3.71 -1.31
CA ALA A 585 -31.90 3.73 -2.68
C ALA A 585 -32.42 2.42 -3.28
N PRO A 586 -31.68 1.31 -3.14
CA PRO A 586 -32.28 0.11 -3.72
C PRO A 586 -33.53 -0.32 -2.98
N VAL A 587 -33.55 -0.14 -1.67
CA VAL A 587 -34.71 -0.49 -0.88
C VAL A 587 -35.86 0.47 -1.09
N THR A 588 -35.77 1.67 -0.52
CA THR A 588 -36.84 2.66 -0.64
C THR A 588 -36.44 3.81 -1.55
N PRO A 589 -37.41 4.41 -2.22
CA PRO A 589 -37.04 5.57 -3.00
C PRO A 589 -37.39 6.89 -2.32
N MET A 590 -37.73 6.88 -1.04
CA MET A 590 -38.22 8.09 -0.38
C MET A 590 -37.23 9.13 0.13
N LEU A 591 -36.03 8.74 0.48
CA LEU A 591 -35.07 9.68 1.04
C LEU A 591 -34.48 10.50 -0.06
N LEU A 592 -34.33 9.91 -1.23
CA LEU A 592 -33.69 10.61 -2.36
C LEU A 592 -34.17 12.01 -2.74
N PRO A 593 -35.49 12.25 -2.85
CA PRO A 593 -35.87 13.62 -3.16
C PRO A 593 -35.37 14.66 -2.17
N PHE A 594 -35.39 14.36 -0.89
CA PHE A 594 -34.95 15.28 0.14
C PHE A 594 -33.46 15.46 0.11
N ILE A 595 -32.72 14.41 -0.20
CA ILE A 595 -31.29 14.47 -0.29
C ILE A 595 -30.88 15.34 -1.48
N LEU A 596 -31.67 15.32 -2.54
CA LEU A 596 -31.36 16.12 -3.72
C LEU A 596 -31.58 17.60 -3.51
N VAL A 597 -32.58 17.96 -2.71
CA VAL A 597 -32.78 19.36 -2.38
C VAL A 597 -31.62 19.85 -1.54
N PHE A 598 -31.08 19.02 -0.66
CA PHE A 598 -29.91 19.40 0.09
C PHE A 598 -28.78 19.77 -0.85
N PHE A 599 -28.45 18.89 -1.78
CA PHE A 599 -27.31 19.12 -2.66
C PHE A 599 -27.45 20.39 -3.46
N ALA A 600 -28.65 20.69 -3.93
CA ALA A 600 -28.87 21.87 -4.73
C ALA A 600 -28.85 23.13 -3.91
N LEU A 601 -29.48 23.11 -2.75
CA LEU A 601 -29.50 24.28 -1.87
C LEU A 601 -28.11 24.55 -1.39
N ALA A 602 -27.41 23.51 -0.98
CA ALA A 602 -26.07 23.68 -0.47
C ALA A 602 -25.10 24.14 -1.52
N TYR A 603 -25.29 23.74 -2.76
CA TYR A 603 -24.43 24.24 -3.80
C TYR A 603 -24.56 25.73 -3.89
N VAL A 604 -25.79 26.21 -3.96
CA VAL A 604 -26.01 27.64 -4.10
C VAL A 604 -25.69 28.45 -2.84
N VAL A 605 -25.95 27.92 -1.66
CA VAL A 605 -25.60 28.65 -0.45
C VAL A 605 -24.10 28.67 -0.30
N TYR A 606 -23.41 27.60 -0.64
CA TYR A 606 -21.99 27.57 -0.41
C TYR A 606 -21.22 28.27 -1.50
N ARG A 607 -21.79 28.40 -2.69
CA ARG A 607 -21.14 29.15 -3.74
C ARG A 607 -21.22 30.60 -3.40
N HIS A 608 -22.35 31.05 -2.90
CA HIS A 608 -22.47 32.41 -2.45
C HIS A 608 -21.47 32.69 -1.37
N GLN A 609 -21.32 31.78 -0.43
CA GLN A 609 -20.43 32.01 0.68
C GLN A 609 -18.95 31.90 0.32
N ILE A 610 -18.63 31.15 -0.72
CA ILE A 610 -17.27 31.02 -1.17
C ILE A 610 -16.86 32.27 -1.91
N ILE A 611 -17.79 32.86 -2.66
CA ILE A 611 -17.52 34.08 -3.41
C ILE A 611 -17.59 35.30 -2.52
N ASN A 612 -18.57 35.38 -1.64
CA ASN A 612 -18.75 36.59 -0.88
C ASN A 612 -18.14 36.64 0.50
N VAL A 613 -18.11 35.53 1.21
CA VAL A 613 -17.64 35.56 2.59
C VAL A 613 -16.37 34.81 2.92
N TYR A 614 -16.40 33.49 2.82
CA TYR A 614 -15.27 32.68 3.24
C TYR A 614 -13.94 32.87 2.59
N ASN A 615 -12.89 32.86 3.39
CA ASN A 615 -11.55 32.99 2.88
C ASN A 615 -10.77 31.75 3.25
N GLN A 616 -10.09 31.14 2.29
CA GLN A 616 -9.29 29.97 2.54
C GLN A 616 -8.11 30.27 3.42
N GLU A 617 -7.74 29.33 4.27
CA GLU A 617 -6.60 29.52 5.15
C GLU A 617 -5.43 28.72 4.67
N TYR A 618 -5.64 27.94 3.62
CA TYR A 618 -4.58 27.15 3.04
C TYR A 618 -4.98 26.82 1.65
N GLU A 619 -4.04 26.37 0.83
CA GLU A 619 -4.37 25.93 -0.50
C GLU A 619 -3.73 24.58 -0.68
N SER A 620 -4.54 23.54 -0.71
CA SER A 620 -4.03 22.20 -0.86
C SER A 620 -4.18 21.73 -2.27
N ALA A 621 -4.79 22.53 -3.12
CA ALA A 621 -5.06 22.14 -4.50
C ALA A 621 -5.81 20.84 -4.54
N ALA A 622 -6.98 20.79 -3.93
CA ALA A 622 -7.81 19.59 -3.92
C ALA A 622 -7.17 18.30 -3.46
N ALA A 623 -6.25 18.33 -2.52
CA ALA A 623 -5.56 17.12 -2.10
C ALA A 623 -6.45 16.20 -1.33
N PHE A 624 -7.59 16.69 -0.88
CA PHE A 624 -8.54 15.88 -0.15
C PHE A 624 -9.38 14.99 -1.01
N TRP A 625 -9.31 15.12 -2.32
CA TRP A 625 -10.18 14.32 -3.18
C TRP A 625 -10.07 12.82 -3.07
N PRO A 626 -8.85 12.28 -2.94
CA PRO A 626 -8.82 10.83 -2.72
C PRO A 626 -9.64 10.38 -1.50
N ASP A 627 -9.70 11.19 -0.44
CA ASP A 627 -10.47 10.86 0.76
C ASP A 627 -11.95 10.89 0.46
N VAL A 628 -12.42 11.94 -0.19
CA VAL A 628 -13.83 12.05 -0.57
C VAL A 628 -14.24 10.87 -1.43
N HIS A 629 -13.48 10.55 -2.47
CA HIS A 629 -13.75 9.41 -3.32
C HIS A 629 -13.90 8.13 -2.53
N GLY A 630 -12.95 7.85 -1.67
CA GLY A 630 -12.97 6.64 -0.89
C GLY A 630 -14.14 6.49 0.04
N ARG A 631 -14.70 7.60 0.49
CA ARG A 631 -15.85 7.55 1.36
C ARG A 631 -17.13 7.28 0.59
N VAL A 632 -17.19 7.64 -0.69
CA VAL A 632 -18.36 7.32 -1.50
C VAL A 632 -18.26 5.87 -1.92
N ILE A 633 -17.05 5.36 -2.05
CA ILE A 633 -16.86 3.95 -2.36
C ILE A 633 -17.29 3.14 -1.16
N THR A 634 -16.94 3.58 0.04
CA THR A 634 -17.38 2.89 1.24
C THR A 634 -18.89 2.87 1.30
N ALA A 635 -19.54 3.99 1.07
CA ALA A 635 -21.00 4.03 1.05
C ALA A 635 -21.58 3.04 0.07
N LEU A 636 -20.99 2.92 -1.10
CA LEU A 636 -21.46 1.99 -2.11
C LEU A 636 -21.36 0.57 -1.59
N ILE A 637 -20.21 0.21 -1.05
CA ILE A 637 -20.03 -1.13 -0.48
C ILE A 637 -21.01 -1.43 0.64
N ILE A 638 -21.18 -0.52 1.58
CA ILE A 638 -22.12 -0.71 2.67
C ILE A 638 -23.53 -0.94 2.13
N SER A 639 -23.92 -0.22 1.10
CA SER A 639 -25.22 -0.40 0.48
C SER A 639 -25.40 -1.81 -0.03
N GLN A 640 -24.43 -2.30 -0.77
CA GLN A 640 -24.52 -3.64 -1.33
C GLN A 640 -24.60 -4.69 -0.24
N LEU A 641 -23.83 -4.53 0.81
CA LEU A 641 -23.83 -5.47 1.91
C LEU A 641 -25.18 -5.50 2.60
N LEU A 642 -25.81 -4.34 2.75
CA LEU A 642 -27.12 -4.28 3.37
C LEU A 642 -28.20 -4.92 2.54
N LEU A 643 -28.06 -4.89 1.22
CA LEU A 643 -29.04 -5.53 0.35
C LEU A 643 -28.78 -7.01 0.29
N MET A 644 -27.58 -7.45 0.65
CA MET A 644 -27.28 -8.87 0.72
C MET A 644 -27.70 -9.36 2.09
N GLY A 645 -28.35 -8.51 2.86
CA GLY A 645 -28.86 -8.93 4.15
C GLY A 645 -30.36 -8.85 4.05
N LEU A 646 -30.86 -7.97 3.20
CA LEU A 646 -32.29 -7.84 3.02
C LEU A 646 -32.75 -8.86 2.01
N LEU A 647 -32.18 -8.81 0.81
CA LEU A 647 -32.52 -9.78 -0.23
C LEU A 647 -31.47 -10.87 -0.27
N GLY A 648 -30.87 -11.17 0.88
CA GLY A 648 -29.91 -12.25 0.93
C GLY A 648 -30.62 -13.31 1.73
N THR A 649 -31.39 -12.87 2.72
CA THR A 649 -32.17 -13.81 3.50
C THR A 649 -33.20 -14.39 2.56
N LYS A 650 -33.28 -15.71 2.47
CA LYS A 650 -34.20 -16.37 1.55
C LYS A 650 -34.13 -15.81 0.14
N HIS A 651 -35.13 -15.02 -0.26
CA HIS A 651 -35.18 -14.43 -1.62
C HIS A 651 -34.96 -15.48 -2.68
N ALA A 652 -33.81 -15.45 -3.34
CA ALA A 652 -33.50 -16.45 -4.35
C ALA A 652 -32.14 -17.03 -4.10
N ALA A 653 -31.84 -18.13 -4.78
CA ALA A 653 -30.54 -18.74 -4.64
C ALA A 653 -29.63 -18.09 -5.66
N SER A 654 -30.23 -17.41 -6.64
CA SER A 654 -29.45 -16.75 -7.68
C SER A 654 -29.28 -15.28 -7.35
N ALA A 655 -29.86 -14.84 -6.25
CA ALA A 655 -29.67 -13.45 -5.83
C ALA A 655 -28.34 -13.35 -5.13
N ALA A 656 -27.95 -14.42 -4.45
CA ALA A 656 -26.67 -14.43 -3.76
C ALA A 656 -25.42 -14.21 -4.62
N PRO A 657 -25.28 -14.93 -5.75
CA PRO A 657 -24.08 -14.61 -6.55
C PRO A 657 -24.08 -13.21 -7.13
N PHE A 658 -25.25 -12.64 -7.37
CA PHE A 658 -25.30 -11.32 -7.97
C PHE A 658 -24.89 -10.30 -6.96
N LEU A 659 -25.40 -10.42 -5.76
CA LEU A 659 -25.11 -9.43 -4.75
C LEU A 659 -23.75 -9.62 -4.11
N ILE A 660 -23.01 -10.61 -4.55
CA ILE A 660 -21.70 -10.88 -4.00
C ILE A 660 -20.63 -10.43 -4.98
N ALA A 661 -21.04 -10.20 -6.22
CA ALA A 661 -20.10 -9.78 -7.23
C ALA A 661 -20.03 -8.28 -7.20
N LEU A 662 -21.14 -7.64 -6.87
CA LEU A 662 -21.18 -6.19 -6.76
C LEU A 662 -20.06 -5.59 -5.89
N PRO A 663 -19.85 -6.08 -4.66
CA PRO A 663 -18.72 -5.50 -3.93
C PRO A 663 -17.36 -5.70 -4.56
N VAL A 664 -17.16 -6.80 -5.26
CA VAL A 664 -15.88 -7.07 -5.91
C VAL A 664 -15.67 -6.11 -7.06
N ILE A 665 -16.70 -5.89 -7.87
CA ILE A 665 -16.59 -4.91 -8.94
C ILE A 665 -16.27 -3.53 -8.38
N THR A 666 -16.94 -3.12 -7.31
CA THR A 666 -16.71 -1.81 -6.72
C THR A 666 -15.30 -1.66 -6.19
N ILE A 667 -14.76 -2.68 -5.54
CA ILE A 667 -13.39 -2.63 -5.05
C ILE A 667 -12.40 -2.61 -6.21
N GLY A 668 -12.68 -3.33 -7.27
CA GLY A 668 -11.82 -3.32 -8.42
C GLY A 668 -11.81 -1.98 -9.09
N PHE A 669 -12.97 -1.32 -9.14
CA PHE A 669 -13.04 0.03 -9.69
C PHE A 669 -12.22 0.97 -8.84
N HIS A 670 -12.33 0.87 -7.53
CA HIS A 670 -11.60 1.73 -6.63
C HIS A 670 -10.13 1.58 -6.86
N ARG A 671 -9.64 0.37 -7.03
CA ARG A 671 -8.23 0.12 -7.25
C ARG A 671 -7.77 0.66 -8.59
N PHE A 672 -8.63 0.65 -9.59
CA PHE A 672 -8.28 1.21 -10.88
C PHE A 672 -8.13 2.71 -10.74
N CYS A 673 -9.03 3.34 -9.99
CA CYS A 673 -9.00 4.77 -9.80
C CYS A 673 -7.84 5.19 -8.91
N LYS A 674 -7.40 4.31 -8.05
CA LYS A 674 -6.27 4.61 -7.18
C LYS A 674 -4.97 4.47 -7.90
N GLY A 675 -4.99 3.89 -9.10
CA GLY A 675 -3.78 3.68 -9.83
C GLY A 675 -3.71 4.59 -11.03
N ARG A 676 -4.81 5.23 -11.36
CA ARG A 676 -4.85 6.10 -12.50
C ARG A 676 -4.97 7.53 -12.09
N PHE A 677 -5.83 7.82 -11.13
CA PHE A 677 -6.08 9.21 -10.79
C PHE A 677 -5.54 9.66 -9.45
N GLU A 678 -5.39 8.75 -8.52
CA GLU A 678 -4.79 9.10 -7.24
C GLU A 678 -3.34 9.53 -7.29
N PRO A 679 -2.50 8.94 -8.17
CA PRO A 679 -1.14 9.45 -8.28
C PRO A 679 -0.97 10.96 -8.41
N ALA A 680 -1.93 11.67 -9.00
CA ALA A 680 -1.84 13.12 -9.18
C ALA A 680 -1.96 13.90 -7.90
N PHE A 681 -2.44 13.26 -6.85
CA PHE A 681 -2.66 13.94 -5.60
C PHE A 681 -1.61 13.57 -4.61
N VAL A 682 -1.01 12.41 -4.78
CA VAL A 682 -0.04 11.92 -3.79
C VAL A 682 1.41 12.02 -4.23
N ARG A 683 1.64 12.27 -5.51
CA ARG A 683 3.00 12.35 -6.02
C ARG A 683 3.16 13.50 -6.99
N TYR A 684 4.28 14.21 -6.93
CA TYR A 684 4.54 15.30 -7.85
C TYR A 684 5.48 14.79 -8.92
N PRO A 685 4.99 14.73 -10.15
CA PRO A 685 5.82 14.27 -11.25
C PRO A 685 7.06 15.12 -11.46
N LEU A 686 8.16 14.50 -11.84
CA LEU A 686 9.42 15.21 -12.00
C LEU A 686 9.48 16.02 -13.27
N GLN A 687 8.68 15.65 -14.27
CA GLN A 687 8.65 16.40 -15.52
C GLN A 687 7.90 17.67 -15.29
N GLU A 688 6.89 17.63 -14.43
CA GLU A 688 6.11 18.79 -14.13
C GLU A 688 6.93 19.75 -13.33
N ALA A 689 7.74 19.24 -12.42
CA ALA A 689 8.60 20.07 -11.60
C ALA A 689 9.64 20.74 -12.44
N MET A 690 10.26 20.01 -13.34
CA MET A 690 11.25 20.58 -14.22
C MET A 690 10.68 21.63 -15.12
N MET A 691 9.49 21.42 -15.67
CA MET A 691 8.86 22.42 -16.49
C MET A 691 8.66 23.71 -15.73
N LYS A 692 8.12 23.64 -14.52
CA LYS A 692 7.92 24.83 -13.71
C LYS A 692 9.21 25.54 -13.46
N ASP A 693 10.24 24.81 -13.10
CA ASP A 693 11.55 25.38 -12.83
C ASP A 693 12.14 26.09 -14.02
N THR A 694 12.10 25.45 -15.19
CA THR A 694 12.69 26.03 -16.39
C THR A 694 11.99 27.29 -16.83
N LEU A 695 10.68 27.29 -16.78
CA LEU A 695 9.93 28.45 -17.21
C LEU A 695 10.15 29.61 -16.27
N GLU A 696 10.27 29.34 -14.98
CA GLU A 696 10.52 30.38 -14.02
C GLU A 696 11.91 30.95 -14.20
N ARG A 697 12.89 30.11 -14.46
CA ARG A 697 14.25 30.57 -14.65
C ARG A 697 14.44 31.31 -15.95
N ALA A 698 13.44 31.33 -16.80
CA ALA A 698 13.53 32.08 -18.03
C ALA A 698 12.81 33.40 -17.87
N ARG A 699 11.69 33.39 -17.15
CA ARG A 699 10.94 34.61 -16.93
C ARG A 699 11.66 35.48 -15.95
N GLU A 700 12.15 34.90 -14.88
CA GLU A 700 12.91 35.63 -13.90
C GLU A 700 14.27 35.00 -13.93
N PRO A 701 15.15 35.50 -14.80
CA PRO A 701 16.44 34.84 -14.97
C PRO A 701 17.34 34.83 -13.73
N ASN A 702 17.20 35.81 -12.85
CA ASN A 702 18.04 35.87 -11.67
C ASN A 702 17.23 36.08 -10.41
N LEU A 703 16.76 34.99 -9.80
CA LEU A 703 16.04 35.11 -8.55
C LEU A 703 16.89 34.58 -7.43
N ASN A 704 16.89 35.29 -6.32
CA ASN A 704 17.60 34.78 -5.16
C ASN A 704 16.57 33.97 -4.42
N LEU A 705 16.67 32.66 -4.51
CA LEU A 705 15.71 31.82 -3.86
C LEU A 705 16.11 31.65 -2.42
N LYS A 706 17.39 31.79 -2.13
CA LYS A 706 17.86 31.69 -0.76
C LYS A 706 17.22 32.76 0.08
N GLY A 707 17.13 33.97 -0.44
CA GLY A 707 16.45 35.02 0.28
C GLY A 707 15.02 34.65 0.60
N TYR A 708 14.26 34.27 -0.42
CA TYR A 708 12.87 33.90 -0.22
C TYR A 708 12.65 32.70 0.68
N LEU A 709 13.52 31.71 0.62
CA LEU A 709 13.29 30.47 1.35
C LEU A 709 13.87 30.39 2.72
N GLN A 710 14.83 31.25 3.04
CA GLN A 710 15.50 31.16 4.33
C GLN A 710 14.61 31.43 5.52
N ASP A 711 13.93 32.56 5.51
CA ASP A 711 13.13 32.95 6.64
C ASP A 711 11.68 32.55 6.52
N ALA A 712 11.38 31.70 5.56
CA ALA A 712 10.00 31.32 5.33
C ALA A 712 9.49 30.38 6.38
N TYR A 713 10.36 29.57 6.94
CA TYR A 713 9.93 28.59 7.90
C TYR A 713 10.40 28.84 9.30
N ILE A 714 10.52 30.09 9.69
CA ILE A 714 10.85 30.40 11.06
C ILE A 714 9.50 30.46 11.76
N HIS A 715 9.47 30.16 13.05
CA HIS A 715 8.22 30.17 13.79
C HIS A 715 7.73 31.59 13.78
N PRO A 716 6.44 31.80 13.50
CA PRO A 716 5.86 33.14 13.48
C PRO A 716 6.12 34.05 14.69
N VAL A 717 6.51 33.54 15.83
CA VAL A 717 6.81 34.34 17.01
C VAL A 717 8.18 35.01 16.98
N ALA B 2 -3.00 -46.14 12.30
CA ALA B 2 -2.59 -44.81 12.73
C ALA B 2 -1.97 -44.88 14.11
N THR B 3 -1.50 -46.06 14.48
CA THR B 3 -0.91 -46.23 15.81
C THR B 3 0.52 -45.76 15.79
N LEU B 4 1.11 -45.63 16.97
CA LEU B 4 2.51 -45.22 17.05
C LEU B 4 3.38 -46.22 16.34
N LYS B 5 3.08 -47.51 16.48
CA LYS B 5 3.86 -48.55 15.84
C LYS B 5 3.76 -48.47 14.32
N ASP B 6 2.58 -48.18 13.81
CA ASP B 6 2.42 -48.06 12.38
C ASP B 6 3.27 -46.92 11.85
N ILE B 7 3.26 -45.79 12.54
CA ILE B 7 4.06 -44.65 12.13
C ILE B 7 5.53 -44.98 12.29
N GLY B 8 5.88 -45.71 13.34
CA GLY B 8 7.26 -46.08 13.58
C GLY B 8 7.82 -47.01 12.54
N VAL B 9 6.98 -47.90 12.01
CA VAL B 9 7.42 -48.81 10.98
C VAL B 9 7.72 -48.01 9.72
N SER B 10 6.81 -47.13 9.34
CA SER B 10 7.01 -46.33 8.14
C SER B 10 8.18 -45.39 8.28
N ALA B 11 8.44 -44.94 9.50
CA ALA B 11 9.58 -44.07 9.73
C ALA B 11 10.83 -44.84 9.42
N GLY B 12 10.96 -46.03 9.98
CA GLY B 12 12.13 -46.87 9.70
C GLY B 12 12.34 -47.13 8.23
N ILE B 13 11.27 -47.40 7.48
CA ILE B 13 11.38 -47.60 6.06
C ILE B 13 11.95 -46.35 5.39
N ASN B 14 11.40 -45.19 5.71
CA ASN B 14 11.84 -43.95 5.08
C ASN B 14 13.26 -43.56 5.49
N ILE B 15 13.65 -43.90 6.71
CA ILE B 15 15.00 -43.63 7.17
C ILE B 15 15.97 -44.55 6.43
N LEU B 16 15.57 -45.80 6.24
CA LEU B 16 16.42 -46.73 5.53
C LEU B 16 16.56 -46.33 4.09
N THR B 17 15.48 -45.88 3.46
CA THR B 17 15.57 -45.38 2.09
C THR B 17 16.56 -44.24 2.02
N ALA B 18 16.50 -43.31 2.95
CA ALA B 18 17.43 -42.20 2.97
C ALA B 18 18.87 -42.65 3.17
N PHE B 19 19.11 -43.61 4.04
CA PHE B 19 20.45 -44.12 4.26
C PHE B 19 20.96 -44.90 3.08
N ILE B 20 20.05 -45.55 2.36
CA ILE B 20 20.43 -46.28 1.16
C ILE B 20 20.82 -45.25 0.14
N PHE B 21 20.09 -44.14 0.07
CA PHE B 21 20.44 -43.07 -0.86
C PHE B 21 21.81 -42.50 -0.56
N PHE B 22 22.18 -42.43 0.71
CA PHE B 22 23.47 -41.91 1.10
C PHE B 22 24.58 -42.89 0.80
N ILE B 23 24.29 -44.18 0.82
CA ILE B 23 25.28 -45.19 0.46
C ILE B 23 25.51 -45.16 -1.04
N ILE B 24 24.44 -45.02 -1.82
CA ILE B 24 24.61 -44.90 -3.27
C ILE B 24 25.35 -43.61 -3.59
N PHE B 25 25.03 -42.52 -2.90
CA PHE B 25 25.71 -41.26 -3.11
C PHE B 25 27.19 -41.43 -2.87
N ALA B 26 27.56 -42.08 -1.78
CA ALA B 26 28.96 -42.31 -1.48
C ALA B 26 29.65 -42.99 -2.62
N PHE B 27 29.09 -44.09 -3.09
CA PHE B 27 29.66 -44.77 -4.23
C PHE B 27 29.83 -43.84 -5.39
N LEU B 28 28.74 -43.25 -5.86
CA LEU B 28 28.78 -42.41 -7.05
C LEU B 28 29.67 -41.17 -6.99
N ARG B 29 29.84 -40.59 -5.82
CA ARG B 29 30.71 -39.43 -5.68
C ARG B 29 32.18 -39.82 -5.66
N LEU B 30 32.47 -41.09 -5.46
CA LEU B 30 33.85 -41.57 -5.43
C LEU B 30 34.29 -41.90 -6.82
N GLN B 31 33.34 -42.22 -7.69
CA GLN B 31 33.67 -42.50 -9.07
C GLN B 31 34.25 -41.27 -9.69
N PRO B 32 35.44 -41.40 -10.29
CA PRO B 32 36.12 -40.22 -10.86
C PRO B 32 35.39 -39.60 -12.05
N PHE B 33 34.54 -40.36 -12.73
CA PHE B 33 33.85 -39.85 -13.91
C PHE B 33 32.60 -39.08 -13.55
N ASN B 34 32.27 -39.01 -12.27
CA ASN B 34 31.08 -38.30 -11.84
C ASN B 34 31.49 -37.08 -11.05
N ASP B 35 32.73 -36.65 -11.19
CA ASP B 35 33.23 -35.53 -10.41
C ASP B 35 32.65 -34.21 -10.87
N ARG B 36 32.41 -34.09 -12.17
CA ARG B 36 31.89 -32.85 -12.71
C ARG B 36 30.41 -32.66 -12.45
N VAL B 37 29.76 -33.66 -11.87
CA VAL B 37 28.35 -33.54 -11.54
C VAL B 37 28.18 -33.34 -10.05
N TYR B 38 29.04 -33.93 -9.26
CA TYR B 38 28.89 -33.85 -7.82
C TYR B 38 29.70 -32.74 -7.21
N PHE B 39 30.62 -32.17 -7.97
CA PHE B 39 31.44 -31.08 -7.48
C PHE B 39 31.48 -29.99 -8.52
N SER B 40 30.38 -29.78 -9.20
CA SER B 40 30.32 -28.79 -10.27
C SER B 40 30.66 -27.36 -9.89
N LYS B 41 30.34 -26.93 -8.67
CA LYS B 41 30.58 -25.55 -8.30
C LYS B 41 32.04 -25.23 -8.19
N TRP B 42 32.84 -26.21 -7.81
CA TRP B 42 34.26 -25.99 -7.68
C TRP B 42 34.87 -25.87 -9.05
N TYR B 43 34.36 -26.63 -10.00
CA TYR B 43 34.84 -26.53 -11.36
C TYR B 43 34.45 -25.19 -11.94
N LEU B 44 33.31 -24.66 -11.52
CA LEU B 44 32.84 -23.38 -12.03
C LEU B 44 33.55 -22.23 -11.36
N ARG B 45 34.04 -22.44 -10.16
CA ARG B 45 34.77 -21.41 -9.45
C ARG B 45 36.27 -21.48 -9.73
N GLY B 46 36.68 -22.38 -10.62
CA GLY B 46 38.08 -22.50 -10.97
C GLY B 46 38.91 -23.02 -9.83
N LEU B 47 38.33 -23.85 -8.97
CA LEU B 47 39.05 -24.37 -7.82
C LEU B 47 39.14 -25.86 -7.93
N ARG B 48 38.75 -26.41 -9.08
CA ARG B 48 38.89 -27.84 -9.31
C ARG B 48 39.31 -27.98 -10.74
N SER B 49 40.18 -28.95 -11.02
CA SER B 49 40.72 -29.06 -12.37
C SER B 49 40.14 -30.15 -13.23
N SER B 50 40.46 -31.39 -12.93
CA SER B 50 40.03 -32.47 -13.79
C SER B 50 39.42 -33.54 -12.94
N PRO B 51 38.54 -34.38 -13.53
CA PRO B 51 37.88 -35.46 -12.79
C PRO B 51 38.70 -36.15 -11.71
N ALA B 52 39.92 -36.56 -12.00
CA ALA B 52 40.74 -37.13 -10.95
C ALA B 52 42.14 -36.61 -11.01
N SER B 53 42.32 -35.30 -10.83
CA SER B 53 43.65 -34.69 -10.89
C SER B 53 44.42 -35.19 -12.10
N GLY B 54 43.81 -35.04 -13.27
CA GLY B 54 44.43 -35.53 -14.49
C GLY B 54 43.27 -36.06 -15.29
N GLY B 55 42.25 -36.54 -14.59
CA GLY B 55 41.06 -37.02 -15.28
C GLY B 55 40.84 -38.51 -15.21
N GLY B 56 39.63 -38.93 -14.79
CA GLY B 56 39.29 -40.34 -14.74
C GLY B 56 40.32 -41.35 -14.31
N PHE B 57 40.63 -41.39 -13.02
CA PHE B 57 41.59 -42.36 -12.52
C PHE B 57 41.02 -43.38 -11.53
N ALA B 58 41.25 -43.18 -10.24
CA ALA B 58 40.81 -44.17 -9.25
C ALA B 58 39.69 -43.73 -8.32
N GLY B 59 39.28 -44.63 -7.44
CA GLY B 59 38.21 -44.32 -6.50
C GLY B 59 36.97 -45.08 -6.92
N ARG B 60 37.03 -45.75 -8.05
CA ARG B 60 35.84 -46.41 -8.56
C ARG B 60 35.53 -47.77 -7.99
N PHE B 61 35.15 -48.70 -8.87
CA PHE B 61 34.81 -50.04 -8.44
C PHE B 61 36.03 -50.79 -7.93
N VAL B 62 37.21 -50.23 -8.14
CA VAL B 62 38.44 -50.84 -7.62
C VAL B 62 38.36 -50.93 -6.10
N ASN B 63 37.91 -49.85 -5.45
CA ASN B 63 37.84 -49.83 -4.00
C ASN B 63 36.42 -49.63 -3.46
N LEU B 64 35.44 -49.58 -4.35
CA LEU B 64 34.04 -49.40 -3.95
C LEU B 64 33.91 -48.30 -2.91
N GLU B 65 33.44 -48.64 -1.71
CA GLU B 65 33.36 -47.66 -0.62
C GLU B 65 34.01 -48.22 0.64
N LEU B 66 34.04 -47.46 1.72
CA LEU B 66 34.72 -47.89 2.96
C LEU B 66 33.80 -48.23 4.10
N ARG B 67 33.03 -49.32 4.00
CA ARG B 67 32.05 -49.70 5.03
C ARG B 67 32.24 -49.30 6.50
N SER B 68 31.53 -48.25 6.94
CA SER B 68 31.58 -47.81 8.34
C SER B 68 30.37 -46.92 8.60
N TYR B 69 30.57 -45.79 9.26
CA TYR B 69 29.47 -44.84 9.48
C TYR B 69 29.83 -43.53 8.87
N LEU B 70 31.10 -43.16 9.01
CA LEU B 70 31.57 -41.91 8.43
C LEU B 70 32.13 -42.22 7.07
N LYS B 71 31.37 -42.96 6.29
CA LYS B 71 31.81 -43.29 4.96
C LYS B 71 30.68 -42.86 4.09
N PHE B 72 29.53 -42.61 4.70
CA PHE B 72 28.36 -42.26 3.94
C PHE B 72 27.65 -41.13 4.63
N LEU B 73 28.17 -40.73 5.78
CA LEU B 73 27.56 -39.66 6.53
C LEU B 73 28.62 -38.66 6.92
N HIS B 74 29.77 -38.72 6.29
CA HIS B 74 30.87 -37.83 6.64
C HIS B 74 30.78 -36.53 5.89
N TRP B 75 30.00 -36.51 4.83
CA TRP B 75 29.81 -35.29 4.10
C TRP B 75 29.02 -34.31 4.91
N MET B 76 28.25 -34.80 5.88
CA MET B 76 27.41 -33.94 6.70
C MET B 76 28.19 -32.98 7.59
N PRO B 77 29.12 -33.48 8.43
CA PRO B 77 29.87 -32.47 9.19
C PRO B 77 30.73 -31.56 8.34
N GLU B 78 31.14 -32.01 7.16
CA GLU B 78 31.97 -31.21 6.28
C GLU B 78 31.18 -30.13 5.56
N ALA B 79 29.88 -30.31 5.44
CA ALA B 79 29.02 -29.33 4.79
C ALA B 79 28.80 -28.21 5.76
N LEU B 80 28.92 -28.49 7.05
CA LEU B 80 28.67 -27.49 8.06
C LEU B 80 29.92 -26.75 8.46
N LYS B 81 31.01 -26.99 7.76
CA LYS B 81 32.26 -26.38 8.16
C LYS B 81 32.47 -24.98 7.62
N MET B 82 32.18 -24.74 6.35
CA MET B 82 32.38 -23.43 5.76
C MET B 82 31.60 -22.39 6.53
N PRO B 83 32.27 -21.33 6.96
CA PRO B 83 31.54 -20.26 7.65
C PRO B 83 30.57 -19.57 6.72
N GLU B 84 29.54 -18.94 7.26
CA GLU B 84 28.53 -18.29 6.44
C GLU B 84 29.09 -17.16 5.62
N ARG B 85 30.05 -16.43 6.17
CA ARG B 85 30.66 -15.34 5.43
C ARG B 85 31.37 -15.84 4.22
N GLU B 86 32.08 -16.94 4.36
CA GLU B 86 32.76 -17.53 3.22
C GLU B 86 31.77 -18.06 2.21
N LEU B 87 30.62 -18.51 2.64
CA LEU B 87 29.60 -19.02 1.75
C LEU B 87 28.87 -17.91 1.03
N ILE B 88 28.84 -16.72 1.59
CA ILE B 88 28.24 -15.59 0.90
C ILE B 88 29.16 -15.26 -0.27
N ASP B 89 30.47 -15.37 -0.08
CA ASP B 89 31.38 -15.12 -1.19
C ASP B 89 31.71 -16.31 -2.06
N HIS B 90 31.19 -17.48 -1.74
CA HIS B 90 31.41 -18.66 -2.53
C HIS B 90 30.19 -18.89 -3.36
N ALA B 91 29.03 -18.91 -2.71
CA ALA B 91 27.79 -19.19 -3.40
C ALA B 91 26.95 -17.96 -3.67
N GLY B 92 26.73 -17.14 -2.65
CA GLY B 92 25.94 -15.94 -2.82
C GLY B 92 25.07 -15.66 -1.62
N LEU B 93 24.47 -14.48 -1.56
CA LEU B 93 23.60 -14.16 -0.46
C LEU B 93 22.27 -14.86 -0.59
N ASP B 94 21.73 -14.94 -1.80
CA ASP B 94 20.49 -15.64 -2.04
C ASP B 94 20.51 -17.03 -1.46
N SER B 95 21.57 -17.78 -1.74
CA SER B 95 21.66 -19.15 -1.29
C SER B 95 21.89 -19.27 0.20
N VAL B 96 22.58 -18.32 0.79
CA VAL B 96 22.87 -18.36 2.20
C VAL B 96 21.62 -18.05 3.01
N VAL B 97 20.76 -17.18 2.51
CA VAL B 97 19.53 -16.88 3.20
C VAL B 97 18.43 -17.88 2.92
N TYR B 98 18.58 -18.69 1.88
CA TYR B 98 17.62 -19.73 1.61
C TYR B 98 17.91 -20.82 2.62
N LEU B 99 19.16 -20.97 3.01
CA LEU B 99 19.54 -21.95 3.99
C LEU B 99 19.04 -21.51 5.34
N ARG B 100 18.91 -20.22 5.53
CA ARG B 100 18.42 -19.69 6.78
C ARG B 100 16.95 -19.90 7.01
N ILE B 101 16.19 -20.27 6.00
CA ILE B 101 14.77 -20.58 6.19
C ILE B 101 14.64 -21.95 6.85
N TYR B 102 15.57 -22.84 6.58
CA TYR B 102 15.56 -24.15 7.22
C TYR B 102 15.96 -23.98 8.66
N TRP B 103 16.91 -23.10 8.92
CA TRP B 103 17.35 -22.83 10.26
C TRP B 103 16.29 -22.05 11.03
N LEU B 104 15.54 -21.21 10.36
CA LEU B 104 14.44 -20.50 11.00
C LEU B 104 13.43 -21.51 11.46
N GLY B 105 13.15 -22.52 10.65
CA GLY B 105 12.20 -23.54 11.02
C GLY B 105 12.62 -24.32 12.21
N LEU B 106 13.90 -24.56 12.36
CA LEU B 106 14.39 -25.27 13.53
C LEU B 106 14.32 -24.41 14.75
N LYS B 107 14.48 -23.11 14.60
CA LYS B 107 14.42 -22.20 15.73
C LYS B 107 12.99 -21.87 16.11
N ILE B 108 12.06 -22.03 15.18
CA ILE B 108 10.65 -21.79 15.47
C ILE B 108 10.03 -23.04 16.02
N PHE B 109 10.20 -24.16 15.33
CA PHE B 109 9.50 -25.37 15.74
C PHE B 109 10.10 -26.20 16.83
N ALA B 110 11.39 -26.08 17.11
CA ALA B 110 11.93 -26.84 18.23
C ALA B 110 11.41 -26.40 19.59
N PRO B 111 11.43 -25.09 19.88
CA PRO B 111 10.83 -24.72 21.17
C PRO B 111 9.33 -25.01 21.22
N ILE B 112 8.62 -24.78 20.13
CA ILE B 112 7.20 -25.11 20.12
C ILE B 112 6.86 -26.59 20.16
N ALA B 113 7.76 -27.45 19.74
CA ALA B 113 7.52 -28.89 19.86
C ALA B 113 7.76 -29.32 21.28
N MET B 114 8.74 -28.73 21.93
CA MET B 114 8.98 -29.05 23.32
C MET B 114 7.77 -28.66 24.15
N LEU B 115 7.24 -27.48 23.94
CA LEU B 115 6.06 -27.05 24.65
C LEU B 115 4.86 -27.95 24.38
N ALA B 116 4.67 -28.34 23.14
CA ALA B 116 3.54 -29.18 22.80
C ALA B 116 3.70 -30.59 23.34
N TRP B 117 4.93 -31.03 23.53
CA TRP B 117 5.14 -32.35 24.09
C TRP B 117 5.35 -32.30 25.59
N ALA B 118 5.08 -31.15 26.21
CA ALA B 118 5.19 -31.04 27.65
C ALA B 118 3.93 -30.47 28.25
N VAL B 119 3.08 -29.88 27.42
CA VAL B 119 1.82 -29.36 27.91
C VAL B 119 0.71 -30.28 27.45
N LEU B 120 0.67 -30.58 26.16
CA LEU B 120 -0.42 -31.39 25.64
C LEU B 120 -0.34 -32.81 26.12
N VAL B 121 0.48 -33.62 25.48
CA VAL B 121 0.55 -35.05 25.81
C VAL B 121 0.72 -35.47 27.29
N PRO B 122 1.58 -34.80 28.08
CA PRO B 122 1.66 -35.26 29.46
C PRO B 122 0.35 -35.11 30.23
N VAL B 123 -0.39 -34.03 29.98
CA VAL B 123 -1.69 -33.86 30.62
C VAL B 123 -2.81 -34.26 29.67
N ASN B 124 -2.56 -35.25 28.82
CA ASN B 124 -3.60 -35.74 27.93
C ASN B 124 -3.80 -37.21 28.25
N PHE B 159 -9.97 -27.68 28.00
CA PHE B 159 -8.57 -27.34 27.91
C PHE B 159 -8.36 -25.92 27.43
N TRP B 160 -7.93 -25.05 28.32
CA TRP B 160 -7.63 -23.68 27.94
C TRP B 160 -6.18 -23.66 27.59
N ALA B 161 -5.49 -24.77 27.83
CA ALA B 161 -4.08 -24.87 27.50
C ALA B 161 -3.87 -24.81 26.01
N HIS B 162 -4.86 -25.21 25.24
CA HIS B 162 -4.75 -25.16 23.81
C HIS B 162 -4.65 -23.72 23.40
N ILE B 163 -5.45 -22.87 24.01
CA ILE B 163 -5.45 -21.46 23.66
C ILE B 163 -4.23 -20.74 24.25
N ILE B 164 -3.74 -21.22 25.38
CA ILE B 164 -2.54 -20.62 25.97
C ILE B 164 -1.35 -20.96 25.10
N MET B 165 -1.26 -22.19 24.65
CA MET B 165 -0.16 -22.61 23.81
C MET B 165 -0.22 -21.86 22.51
N ALA B 166 -1.40 -21.67 21.96
CA ALA B 166 -1.53 -20.96 20.71
C ALA B 166 -0.92 -19.59 20.83
N TYR B 167 -1.16 -18.92 21.93
CA TYR B 167 -0.58 -17.61 22.16
C TYR B 167 0.92 -17.71 22.22
N ALA B 168 1.43 -18.63 23.00
CA ALA B 168 2.87 -18.81 23.12
C ALA B 168 3.53 -19.11 21.80
N PHE B 169 2.91 -19.95 20.99
CA PHE B 169 3.48 -20.35 19.72
C PHE B 169 3.55 -19.17 18.79
N THR B 170 2.51 -18.36 18.75
CA THR B 170 2.51 -17.18 17.89
C THR B 170 3.50 -16.13 18.33
N ILE B 171 3.66 -15.92 19.62
CA ILE B 171 4.62 -14.96 20.12
C ILE B 171 6.01 -15.41 19.71
N TRP B 172 6.31 -16.69 19.90
CA TRP B 172 7.61 -17.20 19.54
C TRP B 172 7.90 -17.11 18.05
N THR B 173 6.96 -17.53 17.22
CA THR B 173 7.15 -17.48 15.79
C THR B 173 7.39 -16.05 15.35
N CYS B 174 6.63 -15.12 15.90
CA CYS B 174 6.79 -13.73 15.55
C CYS B 174 8.11 -13.16 16.01
N TYR B 175 8.52 -13.46 17.23
CA TYR B 175 9.82 -13.00 17.71
C TYR B 175 10.92 -13.47 16.79
N MET B 176 10.87 -14.73 16.38
CA MET B 176 11.90 -15.29 15.53
C MET B 176 11.85 -14.74 14.13
N LEU B 177 10.67 -14.39 13.65
CA LEU B 177 10.52 -13.81 12.33
C LEU B 177 11.07 -12.41 12.32
N MET B 178 10.93 -11.68 13.41
CA MET B 178 11.41 -10.32 13.51
C MET B 178 12.91 -10.30 13.59
N LYS B 179 13.46 -11.25 14.30
CA LYS B 179 14.89 -11.33 14.44
C LYS B 179 15.55 -11.70 13.13
N GLU B 180 14.91 -12.55 12.35
CA GLU B 180 15.46 -12.93 11.06
C GLU B 180 15.23 -11.87 10.01
N TYR B 181 14.17 -11.11 10.13
CA TYR B 181 13.95 -10.03 9.20
C TYR B 181 15.05 -9.04 9.38
N GLU B 182 15.41 -8.75 10.63
CA GLU B 182 16.52 -7.86 10.91
C GLU B 182 17.83 -8.37 10.38
N THR B 183 18.16 -9.62 10.63
CA THR B 183 19.44 -10.14 10.21
C THR B 183 19.58 -10.16 8.72
N VAL B 184 18.54 -10.58 8.02
CA VAL B 184 18.61 -10.70 6.57
C VAL B 184 18.65 -9.32 5.94
N ALA B 185 18.00 -8.34 6.55
CA ALA B 185 18.04 -6.99 6.04
C ALA B 185 19.43 -6.44 6.15
N ASN B 186 20.07 -6.63 7.28
CA ASN B 186 21.41 -6.15 7.48
C ASN B 186 22.40 -6.87 6.61
N MET B 187 22.17 -8.13 6.32
CA MET B 187 23.03 -8.88 5.44
C MET B 187 22.92 -8.37 4.03
N ARG B 188 21.71 -8.04 3.60
CA ARG B 188 21.48 -7.55 2.25
C ARG B 188 22.09 -6.20 2.08
N LEU B 189 22.05 -5.39 3.12
CA LEU B 189 22.58 -4.05 3.04
C LEU B 189 24.08 -4.08 3.01
N GLN B 190 24.70 -4.96 3.78
CA GLN B 190 26.14 -5.11 3.76
C GLN B 190 26.62 -5.67 2.43
N PHE B 191 25.85 -6.60 1.87
CA PHE B 191 26.22 -7.21 0.61
C PHE B 191 26.14 -6.20 -0.49
N LEU B 192 25.10 -5.39 -0.48
CA LEU B 192 24.89 -4.42 -1.54
C LEU B 192 25.96 -3.36 -1.52
N ALA B 193 26.48 -3.05 -0.36
CA ALA B 193 27.51 -2.04 -0.22
C ALA B 193 28.87 -2.51 -0.65
N SER B 194 29.07 -3.83 -0.63
CA SER B 194 30.36 -4.39 -0.98
C SER B 194 30.34 -5.05 -2.33
N GLU B 195 29.17 -5.15 -2.95
CA GLU B 195 29.04 -5.80 -4.23
C GLU B 195 29.78 -5.04 -5.30
N GLY B 196 30.43 -5.76 -6.21
CA GLY B 196 31.19 -5.11 -7.26
C GLY B 196 30.32 -4.47 -8.28
N ARG B 197 30.90 -3.68 -9.16
CA ARG B 197 30.13 -2.99 -10.17
C ARG B 197 29.33 -3.96 -11.00
N ARG B 198 28.04 -3.76 -11.05
CA ARG B 198 27.18 -4.59 -11.86
C ARG B 198 26.46 -3.55 -12.67
N PRO B 199 26.06 -3.89 -13.89
CA PRO B 199 25.44 -2.87 -14.73
C PRO B 199 24.13 -2.37 -14.17
N ASP B 200 23.38 -3.20 -13.46
CA ASP B 200 22.07 -2.83 -12.93
C ASP B 200 22.06 -1.84 -11.81
N GLN B 201 23.22 -1.46 -11.30
CA GLN B 201 23.30 -0.56 -10.20
C GLN B 201 23.18 0.86 -10.72
N PHE B 202 23.32 1.04 -12.02
CA PHE B 202 23.24 2.36 -12.62
C PHE B 202 22.10 2.44 -13.59
N THR B 203 21.43 1.32 -13.85
CA THR B 203 20.38 1.31 -14.85
C THR B 203 18.96 1.11 -14.39
N VAL B 204 18.01 1.65 -15.14
CA VAL B 204 16.60 1.47 -14.83
C VAL B 204 15.93 0.94 -16.08
N LEU B 205 14.73 0.40 -15.96
CA LEU B 205 13.97 -0.05 -17.12
C LEU B 205 12.81 0.89 -17.25
N VAL B 206 12.82 1.74 -18.26
CA VAL B 206 11.68 2.59 -18.49
C VAL B 206 10.72 1.81 -19.37
N ARG B 207 9.47 1.74 -18.98
CA ARG B 207 8.50 0.99 -19.72
C ARG B 207 7.46 1.96 -20.20
N ASN B 208 6.65 1.54 -21.16
CA ASN B 208 5.58 2.38 -21.68
C ASN B 208 6.00 3.77 -22.10
N VAL B 209 6.95 3.86 -23.01
CA VAL B 209 7.37 5.14 -23.53
C VAL B 209 6.30 5.50 -24.55
N PRO B 210 5.64 6.63 -24.36
CA PRO B 210 4.55 7.01 -25.26
C PRO B 210 4.97 7.15 -26.71
N PRO B 211 4.19 6.58 -27.64
CA PRO B 211 4.53 6.66 -29.06
C PRO B 211 4.43 8.05 -29.69
N ASP B 212 5.41 8.42 -30.51
CA ASP B 212 5.41 9.73 -31.17
C ASP B 212 5.60 9.49 -32.63
N PRO B 213 4.81 10.16 -33.47
CA PRO B 213 4.90 9.93 -34.91
C PRO B 213 6.20 10.39 -35.55
N ASP B 214 6.89 11.36 -34.98
CA ASP B 214 8.09 11.90 -35.59
C ASP B 214 9.37 11.54 -34.88
N GLU B 215 9.29 10.71 -33.85
CA GLU B 215 10.48 10.38 -33.10
C GLU B 215 10.53 8.91 -32.82
N THR B 216 11.73 8.35 -32.81
CA THR B 216 11.90 6.95 -32.52
C THR B 216 11.91 6.80 -31.02
N VAL B 217 11.74 5.58 -30.52
CA VAL B 217 11.79 5.35 -29.09
C VAL B 217 13.10 5.85 -28.53
N SER B 218 14.21 5.60 -29.20
CA SER B 218 15.49 6.06 -28.74
C SER B 218 15.58 7.54 -28.59
N GLU B 219 15.11 8.29 -29.59
CA GLU B 219 15.12 9.73 -29.53
C GLU B 219 14.25 10.23 -28.41
N LEU B 220 13.05 9.70 -28.29
CA LEU B 220 12.15 10.07 -27.19
C LEU B 220 12.80 9.85 -25.85
N VAL B 221 13.39 8.68 -25.64
CA VAL B 221 14.02 8.35 -24.37
C VAL B 221 15.18 9.29 -24.07
N GLU B 222 16.07 9.49 -25.02
CA GLU B 222 17.18 10.38 -24.82
C GLU B 222 16.72 11.75 -24.42
N HIS B 223 15.76 12.31 -25.14
CA HIS B 223 15.27 13.64 -24.86
C HIS B 223 14.63 13.77 -23.51
N PHE B 224 13.83 12.80 -23.10
CA PHE B 224 13.22 12.83 -21.79
C PHE B 224 14.25 12.85 -20.71
N PHE B 225 15.22 11.97 -20.80
CA PHE B 225 16.17 11.86 -19.72
C PHE B 225 17.27 12.87 -19.77
N LEU B 226 17.32 13.68 -20.82
CA LEU B 226 18.31 14.74 -20.87
C LEU B 226 17.67 16.03 -20.40
N VAL B 227 16.35 16.06 -20.31
CA VAL B 227 15.68 17.23 -19.80
C VAL B 227 15.15 17.02 -18.40
N ASN B 228 14.86 15.78 -18.02
CA ASN B 228 14.27 15.53 -16.73
C ASN B 228 15.26 14.97 -15.75
N HIS B 229 16.34 14.38 -16.24
CA HIS B 229 17.40 13.91 -15.37
C HIS B 229 18.62 14.44 -16.07
N PRO B 230 18.75 15.76 -16.17
CA PRO B 230 19.81 16.34 -16.99
C PRO B 230 21.24 16.06 -16.62
N ASP B 231 21.59 16.17 -15.35
CA ASP B 231 22.97 16.03 -14.93
C ASP B 231 23.55 14.65 -14.86
N ASN B 232 22.70 13.64 -14.79
CA ASN B 232 23.23 12.32 -14.58
C ASN B 232 22.84 11.24 -15.57
N TYR B 233 22.12 11.57 -16.61
CA TYR B 233 21.82 10.58 -17.63
C TYR B 233 23.09 10.27 -18.38
N LEU B 234 23.38 8.99 -18.59
CA LEU B 234 24.54 8.61 -19.35
C LEU B 234 24.13 8.05 -20.68
N THR B 235 23.50 6.89 -20.70
CA THR B 235 23.18 6.23 -21.94
C THR B 235 21.90 5.43 -21.84
N HIS B 236 21.43 4.87 -22.94
CA HIS B 236 20.24 4.05 -22.93
C HIS B 236 20.36 2.89 -23.91
N GLN B 237 19.48 1.91 -23.81
CA GLN B 237 19.46 0.78 -24.72
C GLN B 237 18.04 0.38 -24.93
N VAL B 238 17.50 0.66 -26.10
CA VAL B 238 16.12 0.35 -26.38
C VAL B 238 15.87 -1.13 -26.46
N VAL B 239 14.72 -1.56 -25.97
CA VAL B 239 14.37 -2.97 -26.00
C VAL B 239 13.88 -3.30 -27.39
N CYS B 240 14.43 -4.32 -28.00
CA CYS B 240 13.97 -4.75 -29.31
C CYS B 240 13.33 -6.11 -29.19
N ASN B 241 12.51 -6.48 -30.17
CA ASN B 241 11.92 -7.81 -30.17
C ASN B 241 12.75 -8.69 -31.05
N ALA B 242 13.71 -9.37 -30.48
CA ALA B 242 14.52 -10.29 -31.24
C ALA B 242 14.14 -11.68 -30.85
N ASN B 243 12.85 -11.90 -30.63
CA ASN B 243 12.38 -13.20 -30.20
C ASN B 243 12.42 -14.20 -31.33
N LYS B 244 12.07 -13.78 -32.54
CA LYS B 244 12.17 -14.66 -33.68
C LYS B 244 13.61 -15.04 -33.95
N LEU B 245 14.51 -14.08 -33.93
CA LEU B 245 15.91 -14.37 -34.15
C LEU B 245 16.44 -15.31 -33.09
N ALA B 246 16.08 -15.08 -31.84
CA ALA B 246 16.50 -15.95 -30.76
C ALA B 246 16.02 -17.35 -30.96
N ASP B 247 14.77 -17.51 -31.38
CA ASP B 247 14.23 -18.82 -31.64
C ASP B 247 14.96 -19.53 -32.76
N LEU B 248 15.35 -18.80 -33.79
CA LEU B 248 16.06 -19.40 -34.90
C LEU B 248 17.43 -19.82 -34.49
N VAL B 249 18.10 -19.01 -33.68
CA VAL B 249 19.41 -19.38 -33.18
C VAL B 249 19.31 -20.64 -32.33
N SER B 250 18.31 -20.73 -31.48
CA SER B 250 18.10 -21.91 -30.68
C SER B 250 17.77 -23.13 -31.51
N LYS B 251 16.99 -22.95 -32.57
CA LYS B 251 16.70 -24.07 -33.47
C LYS B 251 17.98 -24.58 -34.08
N LYS B 252 18.86 -23.70 -34.53
CA LYS B 252 20.11 -24.11 -35.13
C LYS B 252 20.96 -24.90 -34.17
N THR B 253 20.98 -24.53 -32.89
CA THR B 253 21.71 -25.33 -31.92
C THR B 253 21.11 -26.70 -31.77
N LYS B 254 19.79 -26.78 -31.72
CA LYS B 254 19.12 -28.07 -31.62
C LYS B 254 19.31 -28.91 -32.86
N LEU B 255 19.43 -28.28 -34.02
CA LEU B 255 19.56 -29.03 -35.26
C LEU B 255 20.97 -29.52 -35.40
N GLN B 256 21.92 -28.76 -34.88
CA GLN B 256 23.30 -29.16 -35.00
C GLN B 256 23.58 -30.22 -33.98
N ASN B 257 22.99 -30.09 -32.79
CA ASN B 257 23.20 -31.07 -31.74
C ASN B 257 22.51 -32.34 -32.09
N TRP B 258 21.28 -32.24 -32.60
CA TRP B 258 20.49 -33.42 -32.88
C TRP B 258 21.28 -34.37 -33.68
N LEU B 259 21.79 -33.92 -34.80
CA LEU B 259 22.63 -34.86 -35.49
C LEU B 259 24.07 -34.50 -35.55
N ASP B 260 24.68 -34.34 -34.39
CA ASP B 260 26.12 -34.19 -34.34
C ASP B 260 26.19 -35.60 -33.85
N TYR B 261 25.18 -36.02 -33.09
CA TYR B 261 25.09 -37.39 -32.66
C TYR B 261 25.16 -38.28 -33.88
N TYR B 262 24.17 -38.20 -34.75
CA TYR B 262 24.18 -38.99 -35.96
C TYR B 262 25.00 -38.31 -37.00
N GLN B 263 26.30 -38.23 -36.78
CA GLN B 263 27.21 -37.61 -37.71
C GLN B 263 28.46 -38.16 -37.11
N LEU B 264 28.41 -38.46 -35.82
CA LEU B 264 29.56 -39.10 -35.18
C LEU B 264 29.10 -40.36 -34.49
N LYS B 265 27.97 -40.90 -34.90
CA LYS B 265 27.54 -42.17 -34.36
C LYS B 265 28.57 -43.10 -34.95
N TYR B 266 28.84 -42.96 -36.25
CA TYR B 266 29.90 -43.74 -36.89
C TYR B 266 30.31 -43.01 -38.15
N THR B 267 29.97 -41.73 -38.27
CA THR B 267 30.29 -40.95 -39.48
C THR B 267 29.83 -41.56 -40.81
N ARG B 268 30.63 -41.41 -41.88
CA ARG B 268 30.24 -41.89 -43.22
C ARG B 268 28.75 -41.90 -43.53
N ASN B 269 28.18 -43.08 -43.77
CA ASN B 269 26.76 -43.17 -44.04
C ASN B 269 26.09 -43.58 -42.76
N ASN B 270 25.66 -42.60 -41.97
CA ASN B 270 25.10 -42.90 -40.66
C ASN B 270 23.66 -43.29 -40.59
N SER B 271 22.95 -42.68 -39.65
CA SER B 271 21.57 -43.11 -39.44
C SER B 271 20.61 -42.70 -40.51
N GLN B 272 19.51 -43.43 -40.57
CA GLN B 272 18.49 -43.12 -41.54
C GLN B 272 17.25 -42.92 -40.71
N ILE B 273 17.38 -42.19 -39.61
CA ILE B 273 16.23 -41.95 -38.76
C ILE B 273 15.20 -41.13 -39.48
N ARG B 274 13.94 -41.49 -39.30
CA ARG B 274 12.89 -40.80 -39.99
C ARG B 274 11.75 -40.44 -39.07
N PRO B 275 11.86 -39.31 -38.36
CA PRO B 275 10.81 -38.92 -37.41
C PRO B 275 9.58 -38.33 -38.05
N ILE B 276 8.63 -37.92 -37.22
CA ILE B 276 7.45 -37.26 -37.76
C ILE B 276 7.77 -35.78 -37.94
N THR B 277 7.03 -35.11 -38.81
CA THR B 277 7.32 -33.70 -39.08
C THR B 277 6.67 -32.76 -38.08
N LYS B 278 7.45 -32.29 -37.11
CA LYS B 278 6.95 -31.34 -36.12
C LYS B 278 8.11 -30.59 -35.51
N LEU B 279 8.92 -31.27 -34.69
CA LEU B 279 10.06 -30.64 -34.06
C LEU B 279 11.25 -31.56 -34.07
N GLY B 280 11.44 -32.28 -35.17
CA GLY B 280 12.53 -33.25 -35.23
C GLY B 280 12.21 -34.36 -34.25
N CYS B 281 12.92 -34.40 -33.13
CA CYS B 281 12.63 -35.38 -32.08
C CYS B 281 12.36 -36.81 -32.52
N LEU B 282 11.34 -37.44 -31.93
CA LEU B 282 10.98 -38.84 -32.26
C LEU B 282 12.12 -39.75 -32.69
N GLY B 283 12.19 -40.05 -33.98
CA GLY B 283 13.22 -40.95 -34.49
C GLY B 283 12.56 -42.18 -35.06
N LEU B 284 12.77 -42.45 -36.35
CA LEU B 284 12.16 -43.59 -37.02
C LEU B 284 10.66 -43.75 -36.75
N CYS B 285 9.91 -42.66 -36.85
CA CYS B 285 8.47 -42.70 -36.63
C CYS B 285 7.74 -41.90 -37.70
N GLY B 286 8.18 -42.01 -38.95
CA GLY B 286 7.57 -41.22 -40.01
C GLY B 286 7.95 -41.75 -41.39
N GLN B 287 8.87 -41.08 -42.07
CA GLN B 287 9.24 -41.49 -43.44
C GLN B 287 10.58 -40.99 -43.95
N LYS B 288 10.92 -39.72 -43.67
CA LYS B 288 12.15 -39.12 -44.20
C LYS B 288 13.47 -39.72 -43.72
N VAL B 289 13.94 -40.76 -44.39
CA VAL B 289 15.18 -41.43 -44.00
C VAL B 289 16.43 -40.57 -44.14
N ASP B 290 16.84 -40.29 -45.37
CA ASP B 290 18.01 -39.44 -45.63
C ASP B 290 19.28 -39.75 -44.84
N ALA B 291 19.94 -38.73 -44.30
CA ALA B 291 21.22 -38.98 -43.62
C ALA B 291 21.63 -38.18 -42.39
N ILE B 292 22.78 -37.51 -42.45
CA ILE B 292 23.35 -36.82 -41.27
C ILE B 292 23.07 -35.34 -41.02
N GLU B 293 23.58 -34.81 -39.90
CA GLU B 293 23.36 -33.39 -39.50
C GLU B 293 21.92 -32.90 -39.60
N HIS B 294 20.96 -33.69 -39.13
CA HIS B 294 19.55 -33.37 -39.23
C HIS B 294 19.32 -32.93 -40.63
N TYR B 295 19.64 -33.81 -41.58
CA TYR B 295 19.52 -33.48 -42.99
C TYR B 295 20.25 -32.17 -43.16
N ILE B 296 21.56 -32.13 -42.96
CA ILE B 296 22.41 -30.89 -43.07
C ILE B 296 21.82 -29.64 -43.69
N ALA B 297 21.16 -29.74 -44.84
CA ALA B 297 20.45 -28.60 -45.40
C ALA B 297 19.62 -27.86 -44.37
N GLU B 298 19.00 -28.58 -43.43
CA GLU B 298 18.23 -27.93 -42.35
C GLU B 298 19.03 -26.93 -41.54
N VAL B 299 20.23 -27.32 -41.11
CA VAL B 299 21.07 -26.41 -40.37
C VAL B 299 21.45 -25.23 -41.24
N ASP B 300 21.73 -25.48 -42.51
CA ASP B 300 22.13 -24.40 -43.42
C ASP B 300 20.98 -23.45 -43.73
N LYS B 301 19.76 -23.95 -43.84
CA LYS B 301 18.62 -23.10 -44.08
C LYS B 301 18.23 -22.31 -42.85
N THR B 302 18.53 -22.85 -41.66
CA THR B 302 18.25 -22.11 -40.46
C THR B 302 19.25 -20.99 -40.40
N SER B 303 20.50 -21.27 -40.76
CA SER B 303 21.51 -20.24 -40.79
C SER B 303 21.18 -19.13 -41.77
N LYS B 304 20.51 -19.47 -42.87
CA LYS B 304 20.11 -18.47 -43.84
C LYS B 304 19.02 -17.59 -43.28
N GLU B 305 18.03 -18.19 -42.64
CA GLU B 305 16.96 -17.41 -42.03
C GLU B 305 17.49 -16.57 -40.87
N ILE B 306 18.53 -17.04 -40.18
CA ILE B 306 19.12 -16.26 -39.12
C ILE B 306 19.73 -15.01 -39.71
N ALA B 307 20.48 -15.15 -40.80
CA ALA B 307 21.09 -14.00 -41.43
C ALA B 307 20.06 -13.00 -41.89
N GLU B 308 18.96 -13.49 -42.46
CA GLU B 308 17.90 -12.62 -42.89
C GLU B 308 17.31 -11.86 -41.73
N GLU B 309 16.93 -12.56 -40.67
CA GLU B 309 16.30 -11.92 -39.52
C GLU B 309 17.26 -10.98 -38.83
N ARG B 310 18.54 -11.27 -38.87
CA ARG B 310 19.51 -10.39 -38.28
C ARG B 310 19.45 -9.04 -38.98
N GLU B 311 19.32 -9.02 -40.30
CA GLU B 311 19.18 -7.75 -41.01
C GLU B 311 17.88 -7.06 -40.66
N ASN B 312 16.77 -7.79 -40.75
CA ASN B 312 15.49 -7.19 -40.49
C ASN B 312 15.34 -6.62 -39.09
N VAL B 313 15.69 -7.39 -38.08
CA VAL B 313 15.50 -6.94 -36.70
C VAL B 313 16.34 -5.73 -36.35
N VAL B 314 17.46 -5.55 -37.02
CA VAL B 314 18.31 -4.41 -36.74
C VAL B 314 17.78 -3.21 -37.51
N ASN B 315 17.35 -3.44 -38.73
CA ASN B 315 16.91 -2.32 -39.55
C ASN B 315 15.41 -2.25 -39.80
N ASP B 316 14.64 -1.86 -38.78
CA ASP B 316 13.20 -1.69 -38.98
C ASP B 316 12.49 -0.71 -38.06
N GLN B 317 12.88 -0.65 -36.78
CA GLN B 317 12.20 0.20 -35.77
C GLN B 317 10.77 -0.23 -35.53
N LYS B 318 10.43 -1.45 -35.94
CA LYS B 318 9.11 -1.99 -35.70
C LYS B 318 9.36 -3.04 -34.69
N SER B 319 10.61 -3.48 -34.62
CA SER B 319 10.99 -4.45 -33.62
C SER B 319 11.23 -3.73 -32.32
N VAL B 320 11.58 -2.45 -32.41
CA VAL B 320 11.84 -1.67 -31.22
C VAL B 320 10.59 -1.54 -30.38
N MET B 321 10.68 -1.94 -29.12
CA MET B 321 9.53 -1.89 -28.22
C MET B 321 9.48 -0.57 -27.52
N PRO B 322 8.31 -0.18 -27.01
CA PRO B 322 8.19 1.06 -26.22
C PRO B 322 8.83 0.98 -24.85
N ALA B 323 10.10 0.60 -24.76
CA ALA B 323 10.76 0.43 -23.50
C ALA B 323 12.24 0.60 -23.75
N SER B 324 13.00 0.93 -22.73
CA SER B 324 14.42 1.11 -22.86
C SER B 324 15.11 0.86 -21.56
N PHE B 325 16.41 0.67 -21.59
CA PHE B 325 17.18 0.47 -20.38
C PHE B 325 18.05 1.70 -20.19
N VAL B 326 17.61 2.65 -19.40
CA VAL B 326 18.36 3.89 -19.20
C VAL B 326 19.40 3.83 -18.11
N SER B 327 20.65 4.10 -18.45
CA SER B 327 21.73 4.08 -17.49
C SER B 327 22.11 5.45 -17.04
N PHE B 328 22.66 5.56 -15.85
CA PHE B 328 22.99 6.85 -15.29
C PHE B 328 24.43 6.90 -14.88
N LYS B 329 24.95 8.09 -14.63
CA LYS B 329 26.34 8.25 -14.29
C LYS B 329 26.62 7.79 -12.89
N THR B 330 25.63 7.92 -12.01
CA THR B 330 25.78 7.51 -10.65
C THR B 330 24.72 6.50 -10.26
N ARG B 331 24.90 5.82 -9.15
CA ARG B 331 23.92 4.88 -8.65
C ARG B 331 22.88 5.66 -7.90
N TRP B 332 23.25 6.84 -7.43
CA TRP B 332 22.34 7.71 -6.74
C TRP B 332 21.28 8.18 -7.69
N ALA B 333 21.66 8.55 -8.90
CA ALA B 333 20.71 9.01 -9.91
C ALA B 333 19.79 7.95 -10.38
N ALA B 334 20.28 6.73 -10.47
CA ALA B 334 19.46 5.63 -10.88
C ALA B 334 18.47 5.30 -9.80
N ALA B 335 18.86 5.46 -8.54
CA ALA B 335 17.94 5.22 -7.45
C ALA B 335 16.88 6.29 -7.46
N VAL B 336 17.25 7.53 -7.70
CA VAL B 336 16.29 8.60 -7.81
C VAL B 336 15.28 8.28 -8.90
N CYS B 337 15.74 7.90 -10.09
CA CYS B 337 14.82 7.54 -11.16
C CYS B 337 13.92 6.37 -10.82
N ALA B 338 14.46 5.35 -10.19
CA ALA B 338 13.69 4.18 -9.85
C ALA B 338 12.61 4.46 -8.84
N GLN B 339 12.83 5.40 -7.93
CA GLN B 339 11.86 5.65 -6.89
C GLN B 339 11.13 6.98 -6.98
N THR B 340 11.10 7.56 -8.18
CA THR B 340 10.40 8.81 -8.38
C THR B 340 9.39 8.70 -9.52
N THR B 341 8.33 9.50 -9.50
CA THR B 341 7.35 9.50 -10.59
C THR B 341 7.85 10.47 -11.63
N GLN B 342 7.76 10.09 -12.89
CA GLN B 342 8.31 10.92 -13.94
C GLN B 342 7.34 11.81 -14.64
N THR B 343 6.12 11.32 -14.87
CA THR B 343 5.17 12.10 -15.63
C THR B 343 3.80 12.10 -14.96
N ARG B 344 2.89 12.92 -15.46
CA ARG B 344 1.56 13.01 -14.90
C ARG B 344 0.68 11.85 -15.26
N ASN B 345 1.06 11.11 -16.28
CA ASN B 345 0.30 9.92 -16.66
C ASN B 345 0.89 8.79 -15.89
N PRO B 346 0.10 8.17 -15.03
CA PRO B 346 0.62 7.11 -14.17
C PRO B 346 0.92 5.79 -14.87
N THR B 347 0.78 5.73 -16.18
CA THR B 347 1.00 4.51 -16.92
C THR B 347 1.97 4.73 -18.05
N GLU B 348 2.68 5.84 -18.02
CA GLU B 348 3.68 6.10 -19.04
C GLU B 348 4.98 6.40 -18.35
N TRP B 349 6.10 6.26 -19.04
CA TRP B 349 7.42 6.46 -18.46
C TRP B 349 7.55 5.81 -17.11
N LEU B 350 7.34 4.51 -17.06
CA LEU B 350 7.38 3.78 -15.82
C LEU B 350 8.76 3.24 -15.55
N THR B 351 9.43 3.81 -14.58
CA THR B 351 10.81 3.42 -14.29
C THR B 351 10.94 2.49 -13.11
N GLU B 352 11.75 1.46 -13.25
CA GLU B 352 11.99 0.52 -12.18
C GLU B 352 13.42 0.09 -12.30
N TRP B 353 14.03 -0.32 -11.21
CA TRP B 353 15.39 -0.82 -11.25
C TRP B 353 15.48 -1.95 -12.24
N ALA B 354 16.52 -1.94 -13.06
CA ALA B 354 16.70 -3.02 -14.01
C ALA B 354 17.29 -4.21 -13.33
N ALA B 355 17.17 -5.37 -13.96
CA ALA B 355 17.75 -6.55 -13.40
C ALA B 355 19.11 -6.72 -13.99
N GLU B 356 19.94 -7.57 -13.40
CA GLU B 356 21.24 -7.83 -13.94
C GLU B 356 21.02 -8.42 -15.30
N PRO B 357 21.88 -8.09 -16.27
CA PRO B 357 21.59 -8.62 -17.60
C PRO B 357 21.43 -10.15 -17.70
N ARG B 358 21.96 -10.91 -16.76
CA ARG B 358 21.80 -12.37 -16.76
C ARG B 358 20.49 -12.83 -16.14
N ASP B 359 19.82 -11.95 -15.41
CA ASP B 359 18.57 -12.26 -14.79
C ASP B 359 17.43 -11.90 -15.72
N ILE B 360 17.71 -11.08 -16.72
CA ILE B 360 16.66 -10.65 -17.62
C ILE B 360 16.07 -11.79 -18.40
N TYR B 361 14.75 -11.97 -18.32
CA TYR B 361 14.10 -12.96 -19.14
C TYR B 361 13.71 -12.21 -20.37
N TRP B 362 14.54 -12.29 -21.39
CA TRP B 362 14.31 -11.54 -22.61
C TRP B 362 13.06 -11.82 -23.41
N PRO B 363 12.58 -13.08 -23.46
CA PRO B 363 11.34 -13.25 -24.21
C PRO B 363 10.13 -12.44 -23.75
N ASN B 364 10.06 -12.04 -22.50
CA ASN B 364 8.89 -11.33 -21.98
C ASN B 364 9.03 -9.83 -22.04
N LEU B 365 10.14 -9.35 -22.55
CA LEU B 365 10.36 -7.91 -22.66
C LEU B 365 9.73 -7.47 -23.95
N ALA B 366 9.36 -8.41 -24.79
CA ALA B 366 8.71 -8.09 -26.04
C ALA B 366 7.20 -8.31 -25.97
N ILE B 367 6.64 -8.26 -24.77
CA ILE B 367 5.20 -8.42 -24.60
C ILE B 367 4.62 -7.05 -24.37
N PRO B 368 3.60 -6.66 -25.14
CA PRO B 368 2.93 -5.37 -24.92
C PRO B 368 2.41 -5.20 -23.51
N TYR B 369 2.59 -4.03 -22.92
CA TYR B 369 2.13 -3.78 -21.55
C TYR B 369 0.64 -3.93 -21.43
N VAL B 370 -0.08 -3.59 -22.49
CA VAL B 370 -1.53 -3.72 -22.49
C VAL B 370 -1.95 -5.15 -22.26
N SER B 371 -1.22 -6.09 -22.83
CA SER B 371 -1.55 -7.49 -22.71
C SER B 371 -1.27 -8.03 -21.34
N LEU B 372 -0.37 -7.41 -20.59
CA LEU B 372 0.03 -7.93 -19.29
C LEU B 372 -1.14 -8.15 -18.36
N THR B 373 -2.02 -7.17 -18.25
CA THR B 373 -3.21 -7.32 -17.40
C THR B 373 -4.09 -8.51 -17.78
N VAL B 374 -4.39 -8.66 -19.06
CA VAL B 374 -5.20 -9.77 -19.51
C VAL B 374 -4.48 -11.11 -19.32
N ARG B 375 -3.18 -11.15 -19.57
CA ARG B 375 -2.42 -12.36 -19.38
C ARG B 375 -2.46 -12.78 -17.94
N ARG B 376 -2.36 -11.82 -17.04
CA ARG B 376 -2.40 -12.13 -15.62
C ARG B 376 -3.76 -12.68 -15.24
N LEU B 377 -4.82 -12.10 -15.77
CA LEU B 377 -6.18 -12.60 -15.50
C LEU B 377 -6.42 -13.99 -16.03
N VAL B 378 -5.99 -14.26 -17.26
CA VAL B 378 -6.16 -15.58 -17.83
C VAL B 378 -5.41 -16.62 -17.00
N MET B 379 -4.23 -16.28 -16.53
CA MET B 379 -3.47 -17.23 -15.76
C MET B 379 -4.01 -17.35 -14.35
N ASN B 380 -4.70 -16.34 -13.86
CA ASN B 380 -5.33 -16.43 -12.55
C ASN B 380 -6.51 -17.39 -12.61
N VAL B 381 -7.29 -17.35 -13.69
CA VAL B 381 -8.39 -18.28 -13.84
C VAL B 381 -7.92 -19.68 -14.20
N ALA B 382 -6.78 -19.80 -14.88
CA ALA B 382 -6.26 -21.12 -15.17
C ALA B 382 -5.71 -21.73 -13.89
N PHE B 383 -5.25 -20.89 -12.98
CA PHE B 383 -4.76 -21.39 -11.72
C PHE B 383 -5.92 -21.93 -10.92
N PHE B 384 -7.07 -21.28 -10.97
CA PHE B 384 -8.26 -21.80 -10.30
C PHE B 384 -8.60 -23.20 -10.80
N PHE B 385 -8.62 -23.42 -12.11
CA PHE B 385 -8.92 -24.73 -12.64
C PHE B 385 -7.86 -25.76 -12.28
N LEU B 386 -6.60 -25.38 -12.37
CA LEU B 386 -5.51 -26.28 -12.02
C LEU B 386 -5.72 -26.86 -10.64
N THR B 387 -5.92 -25.99 -9.66
CA THR B 387 -6.15 -26.45 -8.30
C THR B 387 -7.20 -27.55 -8.23
N PHE B 388 -8.39 -27.28 -8.77
CA PHE B 388 -9.47 -28.26 -8.75
C PHE B 388 -9.08 -29.59 -9.41
N PHE B 389 -8.54 -29.49 -10.62
CA PHE B 389 -8.11 -30.70 -11.30
C PHE B 389 -7.26 -31.51 -10.33
N PHE B 390 -6.28 -30.89 -9.72
CA PHE B 390 -5.46 -31.70 -8.84
C PHE B 390 -6.12 -32.23 -7.56
N ILE B 391 -7.09 -31.50 -7.00
CA ILE B 391 -7.78 -32.05 -5.83
C ILE B 391 -8.27 -33.44 -6.13
N ILE B 392 -8.87 -33.61 -7.30
CA ILE B 392 -9.39 -34.92 -7.65
C ILE B 392 -8.29 -35.97 -7.58
N PRO B 393 -7.21 -35.87 -8.38
CA PRO B 393 -6.13 -36.83 -8.17
C PRO B 393 -5.64 -37.01 -6.74
N ILE B 394 -5.47 -35.98 -5.92
CA ILE B 394 -4.97 -36.21 -4.56
C ILE B 394 -5.95 -37.01 -3.71
N ALA B 395 -7.23 -36.68 -3.81
CA ALA B 395 -8.25 -37.44 -3.08
C ALA B 395 -8.21 -38.88 -3.59
N PHE B 396 -8.06 -39.01 -4.91
CA PHE B 396 -8.01 -40.33 -5.49
C PHE B 396 -6.67 -40.97 -5.23
N VAL B 397 -5.65 -40.19 -4.87
CA VAL B 397 -4.37 -40.80 -4.52
C VAL B 397 -4.60 -41.57 -3.25
N GLN B 398 -5.15 -40.87 -2.26
CA GLN B 398 -5.51 -41.49 -1.00
C GLN B 398 -6.76 -42.38 -1.09
N SER B 399 -7.36 -42.48 -2.27
CA SER B 399 -8.45 -43.42 -2.43
C SER B 399 -7.88 -44.71 -2.96
N LEU B 400 -6.88 -44.60 -3.83
CA LEU B 400 -6.28 -45.78 -4.40
C LEU B 400 -5.49 -46.41 -3.29
N ALA B 401 -5.13 -45.59 -2.30
CA ALA B 401 -4.46 -46.22 -1.17
C ALA B 401 -5.43 -47.21 -0.52
N THR B 402 -6.63 -46.73 -0.18
CA THR B 402 -7.60 -47.61 0.44
C THR B 402 -8.00 -48.76 -0.48
N ILE B 403 -7.98 -48.52 -1.79
CA ILE B 403 -8.39 -49.55 -2.75
C ILE B 403 -7.35 -50.64 -2.80
N GLU B 404 -6.08 -50.28 -2.71
CA GLU B 404 -5.03 -51.27 -2.69
C GLU B 404 -5.13 -52.02 -1.37
N GLY B 405 -5.49 -51.31 -0.30
CA GLY B 405 -5.69 -51.99 0.97
C GLY B 405 -6.76 -53.06 0.80
N ILE B 406 -7.86 -52.72 0.15
CA ILE B 406 -8.95 -53.68 -0.07
C ILE B 406 -8.46 -54.85 -0.91
N GLU B 407 -7.71 -54.57 -1.97
CA GLU B 407 -7.18 -55.61 -2.84
C GLU B 407 -6.31 -56.59 -2.06
N LYS B 408 -5.55 -56.08 -1.10
CA LYS B 408 -4.66 -56.94 -0.34
C LYS B 408 -5.39 -57.69 0.77
N ASP B 420 -2.96 -55.37 8.53
CA ASP B 420 -1.86 -55.77 9.38
C ASP B 420 -0.66 -54.89 9.12
N PHE B 421 0.44 -55.01 9.87
CA PHE B 421 1.56 -54.08 9.68
C PHE B 421 1.93 -53.79 8.21
N ILE B 422 2.55 -54.75 7.54
CA ILE B 422 3.00 -54.56 6.16
C ILE B 422 1.96 -53.92 5.25
N LYS B 423 0.76 -54.46 5.25
CA LYS B 423 -0.29 -53.94 4.38
C LYS B 423 -0.47 -52.44 4.58
N SER B 424 -0.81 -52.04 5.80
CA SER B 424 -1.02 -50.64 6.08
C SER B 424 0.20 -49.83 5.67
N LEU B 425 1.39 -50.29 6.06
CA LEU B 425 2.61 -49.58 5.71
C LEU B 425 2.64 -49.24 4.24
N ILE B 426 2.57 -50.27 3.38
CA ILE B 426 2.69 -49.97 1.95
C ILE B 426 1.54 -49.13 1.43
N GLN B 427 0.32 -49.42 1.88
CA GLN B 427 -0.83 -48.67 1.38
C GLN B 427 -0.67 -47.18 1.68
N GLY B 428 -0.03 -46.86 2.80
CA GLY B 428 0.24 -45.46 3.11
C GLY B 428 1.42 -44.88 2.37
N LEU B 429 2.53 -45.61 2.33
CA LEU B 429 3.73 -45.09 1.68
C LEU B 429 3.49 -44.88 0.20
N LEU B 430 2.94 -45.88 -0.47
CA LEU B 430 2.62 -45.77 -1.88
C LEU B 430 1.76 -44.54 -2.15
N ALA B 431 0.80 -44.26 -1.29
CA ALA B 431 -0.01 -43.06 -1.46
C ALA B 431 0.85 -41.80 -1.52
N GLY B 432 1.78 -41.67 -0.58
CA GLY B 432 2.67 -40.52 -0.57
C GLY B 432 3.57 -40.46 -1.78
N ILE B 433 4.06 -41.61 -2.24
CA ILE B 433 4.86 -41.60 -3.46
C ILE B 433 4.04 -41.12 -4.63
N ALA B 434 2.78 -41.53 -4.72
CA ALA B 434 1.90 -41.05 -5.78
C ALA B 434 1.72 -39.56 -5.70
N LEU B 435 1.49 -39.05 -4.50
CA LEU B 435 1.37 -37.61 -4.31
C LEU B 435 2.61 -36.93 -4.87
N LYS B 436 3.79 -37.40 -4.47
CA LYS B 436 5.03 -36.79 -4.93
C LYS B 436 5.16 -36.82 -6.43
N LEU B 437 4.81 -37.92 -7.05
CA LEU B 437 4.86 -38.03 -8.51
C LEU B 437 3.92 -37.08 -9.23
N PHE B 438 2.72 -36.88 -8.70
CA PHE B 438 1.80 -35.94 -9.32
C PHE B 438 2.28 -34.51 -9.16
N LEU B 439 3.01 -34.22 -8.08
CA LEU B 439 3.42 -32.86 -7.78
C LEU B 439 4.83 -32.49 -8.20
N ILE B 440 5.59 -33.40 -8.77
CA ILE B 440 6.91 -33.00 -9.25
C ILE B 440 6.64 -32.28 -10.53
N PHE B 441 5.44 -32.46 -11.05
CA PHE B 441 5.04 -31.80 -12.33
C PHE B 441 4.43 -30.38 -12.16
N LEU B 442 4.19 -29.88 -10.97
CA LEU B 442 3.58 -28.63 -10.60
C LEU B 442 4.51 -27.41 -10.71
N PRO B 443 5.74 -27.48 -10.19
CA PRO B 443 6.59 -26.29 -10.40
C PRO B 443 6.80 -25.89 -11.85
N ALA B 444 6.89 -26.84 -12.78
CA ALA B 444 7.07 -26.54 -14.18
C ALA B 444 5.87 -25.87 -14.79
N ILE B 445 4.67 -26.34 -14.46
CA ILE B 445 3.45 -25.72 -14.96
C ILE B 445 3.34 -24.32 -14.42
N LEU B 446 3.67 -24.14 -13.14
CA LEU B 446 3.55 -22.82 -12.53
C LEU B 446 4.56 -21.85 -13.11
N MET B 447 5.69 -22.35 -13.58
CA MET B 447 6.69 -21.49 -14.21
C MET B 447 6.24 -21.04 -15.58
N THR B 448 5.62 -21.91 -16.36
CA THR B 448 5.10 -21.51 -17.64
C THR B 448 3.99 -20.51 -17.47
N MET B 449 3.21 -20.64 -16.42
CA MET B 449 2.17 -19.69 -16.15
C MET B 449 2.74 -18.33 -15.79
N SER B 450 3.85 -18.32 -15.07
CA SER B 450 4.48 -17.07 -14.67
C SER B 450 5.11 -16.40 -15.87
N LYS B 451 5.68 -17.18 -16.76
CA LYS B 451 6.27 -16.63 -17.96
C LYS B 451 5.19 -16.05 -18.85
N PHE B 452 4.00 -16.64 -18.84
CA PHE B 452 2.88 -16.11 -19.62
C PHE B 452 2.46 -14.78 -19.08
N GLU B 453 2.36 -14.66 -17.77
CA GLU B 453 1.97 -13.41 -17.15
C GLU B 453 2.85 -12.25 -17.56
N GLY B 454 4.13 -12.49 -17.82
CA GLY B 454 4.97 -11.44 -18.36
C GLY B 454 6.02 -10.79 -17.51
N PHE B 455 6.59 -11.53 -16.58
CA PHE B 455 7.62 -10.99 -15.73
C PHE B 455 8.94 -11.09 -16.46
N THR B 456 9.72 -10.03 -16.42
CA THR B 456 10.94 -9.99 -17.22
C THR B 456 12.22 -10.25 -16.47
N SER B 457 12.15 -11.01 -15.39
CA SER B 457 13.32 -11.33 -14.61
C SER B 457 13.14 -12.71 -14.09
N VAL B 458 14.18 -13.54 -14.17
CA VAL B 458 14.12 -14.90 -13.67
C VAL B 458 13.86 -14.93 -12.18
N SER B 459 14.42 -13.98 -11.45
CA SER B 459 14.18 -13.89 -10.03
C SER B 459 12.72 -13.72 -9.71
N PHE B 460 12.03 -12.81 -10.40
CA PHE B 460 10.62 -12.57 -10.16
C PHE B 460 9.75 -13.71 -10.63
N LEU B 461 10.17 -14.39 -11.68
CA LEU B 461 9.42 -15.53 -12.17
C LEU B 461 9.46 -16.63 -11.14
N GLU B 462 10.59 -16.82 -10.47
CA GLU B 462 10.72 -17.86 -9.47
C GLU B 462 9.97 -17.50 -8.22
N ARG B 463 9.85 -16.23 -7.92
CA ARG B 463 9.11 -15.79 -6.76
C ARG B 463 7.61 -15.86 -6.98
N ARG B 464 7.16 -15.61 -8.19
CA ARG B 464 5.73 -15.71 -8.51
C ARG B 464 5.32 -17.16 -8.53
N SER B 465 6.18 -18.01 -9.05
CA SER B 465 5.87 -19.42 -9.10
C SER B 465 5.81 -20.02 -7.71
N ALA B 466 6.60 -19.49 -6.77
CA ALA B 466 6.59 -19.95 -5.41
C ALA B 466 5.39 -19.45 -4.66
N SER B 467 4.89 -18.29 -5.03
CA SER B 467 3.71 -17.74 -4.41
C SER B 467 2.48 -18.51 -4.85
N ARG B 468 2.43 -18.89 -6.12
CA ARG B 468 1.33 -19.67 -6.61
C ARG B 468 1.33 -21.07 -6.03
N TYR B 469 2.50 -21.66 -5.87
CA TYR B 469 2.58 -22.98 -5.25
C TYR B 469 2.12 -22.94 -3.81
N TYR B 470 2.28 -21.84 -3.12
CA TYR B 470 1.77 -21.74 -1.77
C TYR B 470 0.26 -21.84 -1.75
N ILE B 471 -0.42 -21.16 -2.67
CA ILE B 471 -1.87 -21.23 -2.74
C ILE B 471 -2.33 -22.62 -3.12
N PHE B 472 -1.60 -23.28 -4.00
CA PHE B 472 -1.93 -24.65 -4.34
C PHE B 472 -1.82 -25.51 -3.11
N ASN B 473 -0.79 -25.31 -2.30
CA ASN B 473 -0.58 -26.14 -1.12
C ASN B 473 -1.55 -25.81 -0.02
N LEU B 474 -2.07 -24.59 -0.01
CA LEU B 474 -3.01 -24.19 1.00
C LEU B 474 -4.33 -24.87 0.74
N VAL B 475 -4.68 -25.00 -0.52
CA VAL B 475 -5.94 -25.63 -0.87
C VAL B 475 -5.80 -27.13 -1.03
N ASN B 476 -4.99 -27.57 -1.97
CA ASN B 476 -4.90 -29.00 -2.28
C ASN B 476 -4.09 -29.91 -1.41
N VAL B 477 -3.08 -29.39 -0.74
CA VAL B 477 -2.35 -30.24 0.19
C VAL B 477 -2.71 -29.83 1.61
N PHE B 478 -3.91 -29.27 1.79
CA PHE B 478 -4.35 -28.89 3.13
C PHE B 478 -5.83 -28.66 3.23
N LEU B 479 -6.22 -27.42 3.51
CA LEU B 479 -7.62 -27.11 3.74
C LEU B 479 -8.44 -26.93 2.49
N GLY B 480 -9.13 -27.99 2.08
CA GLY B 480 -9.96 -27.90 0.89
C GLY B 480 -9.59 -29.01 -0.06
N SER B 481 -9.04 -30.11 0.46
CA SER B 481 -8.69 -31.23 -0.39
C SER B 481 -9.70 -32.33 -0.24
N VAL B 482 -9.78 -32.91 0.95
CA VAL B 482 -10.77 -33.94 1.21
C VAL B 482 -12.14 -33.30 1.29
N ILE B 483 -12.17 -32.00 1.60
CA ILE B 483 -13.43 -31.28 1.67
C ILE B 483 -13.94 -31.08 0.26
N ALA B 484 -13.04 -31.00 -0.71
CA ALA B 484 -13.46 -30.89 -2.09
C ALA B 484 -13.33 -32.27 -2.68
N GLY B 485 -13.89 -33.26 -2.00
CA GLY B 485 -13.86 -34.62 -2.49
C GLY B 485 -15.00 -34.86 -3.45
N ALA B 486 -15.71 -35.97 -3.31
CA ALA B 486 -16.83 -36.31 -4.20
C ALA B 486 -16.74 -35.75 -5.61
N ALA B 487 -15.67 -36.10 -6.35
CA ALA B 487 -15.47 -35.61 -7.72
C ALA B 487 -15.85 -34.16 -7.96
N MET B 508 -16.39 -29.30 9.01
CA MET B 508 -15.99 -30.44 9.81
C MET B 508 -14.57 -30.92 9.51
N ALA B 509 -14.36 -31.52 8.34
CA ALA B 509 -13.04 -32.07 8.03
C ALA B 509 -12.25 -31.27 7.01
N ILE B 510 -12.13 -29.96 7.24
CA ILE B 510 -11.33 -29.14 6.35
C ILE B 510 -9.82 -29.42 6.26
N PRO B 511 -9.09 -29.45 7.40
CA PRO B 511 -7.63 -29.60 7.25
C PRO B 511 -7.09 -31.01 7.18
N MET B 512 -7.78 -31.94 6.53
CA MET B 512 -7.38 -33.35 6.44
C MET B 512 -6.99 -34.00 7.77
N LYS B 513 -6.08 -34.97 7.73
CA LYS B 513 -5.73 -35.70 8.95
C LYS B 513 -4.26 -35.89 9.20
N ALA B 514 -3.87 -35.86 10.47
CA ALA B 514 -2.47 -36.00 10.85
C ALA B 514 -1.70 -37.12 10.20
N THR B 515 -2.14 -38.36 10.34
CA THR B 515 -1.37 -39.48 9.81
C THR B 515 -1.06 -39.40 8.32
N ALA B 516 -1.98 -38.86 7.53
CA ALA B 516 -1.76 -38.71 6.10
C ALA B 516 -0.64 -37.75 5.87
N PHE B 517 -0.63 -36.66 6.63
CA PHE B 517 0.42 -35.69 6.51
C PHE B 517 1.74 -36.25 6.97
N ILE B 518 1.75 -37.02 8.04
CA ILE B 518 3.00 -37.58 8.56
C ILE B 518 3.72 -38.39 7.51
N THR B 519 3.00 -39.24 6.79
CA THR B 519 3.63 -40.04 5.75
C THR B 519 4.15 -39.18 4.63
N TYR B 520 3.47 -38.11 4.28
CA TYR B 520 3.99 -37.20 3.28
C TYR B 520 5.26 -36.49 3.75
N ILE B 521 5.32 -36.04 4.99
CA ILE B 521 6.54 -35.43 5.50
C ILE B 521 7.70 -36.41 5.40
N MET B 522 7.45 -37.67 5.71
CA MET B 522 8.49 -38.66 5.67
C MET B 522 8.90 -39.09 4.27
N VAL B 523 8.03 -38.93 3.29
CA VAL B 523 8.35 -39.33 1.93
C VAL B 523 8.94 -38.16 1.17
N ASP B 524 8.24 -37.03 1.17
CA ASP B 524 8.70 -35.86 0.46
C ASP B 524 9.82 -35.15 1.18
N GLY B 525 9.78 -35.11 2.49
CA GLY B 525 10.78 -34.34 3.20
C GLY B 525 11.87 -35.07 3.90
N TRP B 526 11.89 -36.39 3.80
CA TRP B 526 12.99 -37.12 4.39
C TRP B 526 13.69 -37.85 3.28
N ALA B 527 12.99 -38.78 2.65
CA ALA B 527 13.58 -39.55 1.58
C ALA B 527 13.68 -38.73 0.32
N GLY B 528 12.84 -37.72 0.17
CA GLY B 528 12.93 -36.85 -0.98
C GLY B 528 14.12 -35.94 -0.92
N VAL B 529 14.40 -35.35 0.24
CA VAL B 529 15.59 -34.52 0.37
C VAL B 529 16.88 -35.33 0.28
N ALA B 530 16.83 -36.60 0.66
CA ALA B 530 17.99 -37.45 0.54
C ALA B 530 18.26 -37.81 -0.90
N GLY B 531 17.22 -37.94 -1.71
CA GLY B 531 17.40 -38.26 -3.11
C GLY B 531 17.91 -37.09 -3.88
N GLU B 532 17.75 -35.90 -3.34
CA GLU B 532 18.29 -34.72 -3.98
C GLU B 532 19.80 -34.80 -4.03
N ILE B 533 20.43 -35.23 -2.94
CA ILE B 533 21.88 -35.38 -2.91
C ILE B 533 22.43 -36.32 -3.98
N LEU B 534 21.63 -37.29 -4.40
CA LEU B 534 22.06 -38.24 -5.42
C LEU B 534 22.10 -37.68 -6.81
N MET B 535 21.44 -36.55 -7.04
CA MET B 535 21.46 -35.88 -8.36
C MET B 535 21.36 -36.82 -9.52
N LEU B 536 20.27 -37.58 -9.60
CA LEU B 536 20.15 -38.59 -10.64
C LEU B 536 19.84 -38.03 -11.99
N LYS B 537 18.83 -37.18 -12.10
CA LYS B 537 18.56 -36.55 -13.39
C LYS B 537 19.78 -35.85 -14.00
N PRO B 538 20.44 -34.93 -13.26
CA PRO B 538 21.64 -34.35 -13.89
C PRO B 538 22.74 -35.36 -14.24
N LEU B 539 22.90 -36.42 -13.46
CA LEU B 539 23.89 -37.44 -13.77
C LEU B 539 23.56 -38.13 -15.06
N ILE B 540 22.32 -38.57 -15.22
CA ILE B 540 21.90 -39.23 -16.44
C ILE B 540 22.11 -38.32 -17.65
N ILE B 541 21.68 -37.07 -17.57
CA ILE B 541 21.85 -36.16 -18.67
C ILE B 541 23.31 -35.99 -19.06
N TYR B 542 24.19 -35.72 -18.10
CA TYR B 542 25.61 -35.58 -18.39
C TYR B 542 26.12 -36.83 -19.05
N HIS B 543 25.79 -37.99 -18.51
CA HIS B 543 26.32 -39.21 -19.05
C HIS B 543 25.87 -39.46 -20.47
N LEU B 544 24.60 -39.21 -20.77
CA LEU B 544 24.10 -39.36 -22.12
C LEU B 544 24.73 -38.34 -23.06
N LYS B 545 24.91 -37.11 -22.61
CA LYS B 545 25.56 -36.10 -23.41
C LYS B 545 26.99 -36.46 -23.72
N ASN B 546 27.73 -36.96 -22.74
CA ASN B 546 29.13 -37.26 -22.95
C ASN B 546 29.36 -38.60 -23.63
N ALA B 547 28.29 -39.36 -23.85
CA ALA B 547 28.41 -40.62 -24.56
C ALA B 547 27.94 -40.45 -25.98
N PHE B 548 26.92 -39.63 -26.19
CA PHE B 548 26.36 -39.46 -27.51
C PHE B 548 26.84 -38.22 -28.22
N LEU B 549 26.54 -37.04 -27.68
CA LEU B 549 26.91 -35.78 -28.35
C LEU B 549 28.21 -35.24 -27.82
N VAL B 550 29.23 -36.08 -27.75
CA VAL B 550 30.51 -35.67 -27.17
C VAL B 550 31.33 -34.78 -28.11
N LYS B 551 31.91 -35.35 -29.16
CA LYS B 551 32.75 -34.60 -30.12
C LYS B 551 33.62 -33.53 -29.50
N THR B 552 34.40 -33.88 -28.50
CA THR B 552 35.30 -32.92 -27.87
C THR B 552 36.63 -33.56 -27.63
N GLU B 553 37.66 -32.74 -27.50
CA GLU B 553 38.96 -33.27 -27.18
C GLU B 553 38.99 -33.54 -25.69
N LYS B 554 38.25 -32.73 -24.93
CA LYS B 554 38.24 -32.88 -23.48
C LYS B 554 37.05 -32.23 -22.83
N ASP B 555 36.89 -30.92 -23.00
CA ASP B 555 35.83 -30.24 -22.28
C ASP B 555 34.97 -29.27 -23.08
N ARG B 556 35.33 -29.05 -24.33
CA ARG B 556 34.56 -28.14 -25.17
C ARG B 556 33.13 -28.63 -25.16
N GLU B 557 32.85 -29.65 -24.37
CA GLU B 557 31.49 -30.15 -24.25
C GLU B 557 31.06 -30.00 -22.80
N GLU B 558 30.48 -28.84 -22.47
CA GLU B 558 30.12 -28.59 -21.08
C GLU B 558 28.67 -28.89 -20.76
N ALA B 559 28.40 -30.13 -20.36
CA ALA B 559 27.05 -30.49 -20.00
C ALA B 559 27.06 -30.64 -18.49
N MET B 560 27.97 -29.94 -17.82
CA MET B 560 28.06 -30.02 -16.37
C MET B 560 27.04 -29.14 -15.69
N ASN B 561 26.29 -28.34 -16.44
CA ASN B 561 25.30 -27.42 -15.88
C ASN B 561 24.57 -27.93 -14.65
N PRO B 562 24.87 -27.34 -13.49
CA PRO B 562 24.27 -27.88 -12.28
C PRO B 562 22.88 -27.35 -12.02
N GLY B 563 22.64 -26.08 -12.33
CA GLY B 563 21.37 -25.47 -12.04
C GLY B 563 21.47 -24.77 -10.71
N SER B 564 20.37 -24.17 -10.29
CA SER B 564 20.37 -23.45 -9.04
C SER B 564 19.63 -24.26 -8.00
N ILE B 565 19.35 -23.66 -6.86
CA ILE B 565 18.64 -24.34 -5.80
C ILE B 565 17.21 -24.61 -6.18
N GLY B 566 16.62 -23.74 -6.99
CA GLY B 566 15.22 -23.89 -7.35
C GLY B 566 14.37 -23.29 -6.27
N PHE B 567 14.28 -21.97 -6.23
CA PHE B 567 13.47 -21.31 -5.24
C PHE B 567 12.00 -21.63 -5.48
N ASN B 568 11.61 -21.77 -6.73
CA ASN B 568 10.23 -22.04 -7.08
C ASN B 568 9.77 -23.43 -6.70
N THR B 569 10.68 -24.29 -6.28
CA THR B 569 10.35 -25.65 -5.90
C THR B 569 10.71 -25.86 -4.43
N GLY B 570 11.92 -25.52 -4.04
CA GLY B 570 12.36 -25.71 -2.68
C GLY B 570 11.67 -24.91 -1.61
N GLU B 571 11.51 -23.61 -1.83
CA GLU B 571 10.80 -22.79 -0.86
C GLU B 571 9.34 -23.18 -0.63
N PRO B 572 8.58 -23.53 -1.69
CA PRO B 572 7.23 -23.99 -1.36
C PRO B 572 7.18 -25.21 -0.46
N GLN B 573 8.17 -26.09 -0.53
CA GLN B 573 8.21 -27.25 0.36
C GLN B 573 8.41 -26.82 1.79
N ILE B 574 9.33 -25.90 2.02
CA ILE B 574 9.58 -25.40 3.36
C ILE B 574 8.31 -24.81 3.91
N GLN B 575 7.59 -24.06 3.09
CA GLN B 575 6.38 -23.40 3.55
C GLN B 575 5.20 -24.32 3.78
N LEU B 576 5.19 -25.49 3.17
CA LEU B 576 4.14 -26.45 3.41
C LEU B 576 4.35 -27.06 4.77
N TYR B 577 5.61 -27.22 5.16
CA TYR B 577 5.90 -27.79 6.46
C TYR B 577 5.83 -26.73 7.53
N PHE B 578 5.93 -25.46 7.17
CA PHE B 578 5.74 -24.39 8.13
C PHE B 578 4.27 -24.35 8.40
N LEU B 579 3.44 -24.47 7.36
CA LEU B 579 2.00 -24.47 7.51
C LEU B 579 1.55 -25.64 8.34
N LEU B 580 1.95 -26.83 7.95
CA LEU B 580 1.53 -28.01 8.65
C LEU B 580 1.93 -27.91 10.08
N GLY B 581 3.16 -27.50 10.33
CA GLY B 581 3.64 -27.38 11.69
C GLY B 581 2.88 -26.38 12.51
N LEU B 582 2.61 -25.20 11.98
CA LEU B 582 1.94 -24.16 12.72
C LEU B 582 0.46 -24.43 12.93
N VAL B 583 -0.21 -25.00 11.94
CA VAL B 583 -1.64 -25.23 12.03
C VAL B 583 -1.97 -26.36 12.98
N TYR B 584 -1.20 -27.42 12.94
CA TYR B 584 -1.50 -28.55 13.78
C TYR B 584 -0.94 -28.45 15.17
N ALA B 585 0.07 -27.62 15.38
CA ALA B 585 0.72 -27.55 16.70
C ALA B 585 -0.17 -27.32 17.92
N PRO B 586 -1.10 -26.35 17.87
CA PRO B 586 -1.90 -26.23 19.09
C PRO B 586 -2.80 -27.43 19.31
N VAL B 587 -3.30 -28.02 18.23
CA VAL B 587 -4.13 -29.19 18.35
C VAL B 587 -3.35 -30.42 18.72
N THR B 588 -2.60 -30.98 17.77
CA THR B 588 -1.82 -32.19 18.02
C THR B 588 -0.34 -31.90 18.09
N PRO B 589 0.40 -32.69 18.86
CA PRO B 589 1.84 -32.47 18.83
C PRO B 589 2.58 -33.49 17.97
N MET B 590 1.88 -34.27 17.15
CA MET B 590 2.54 -35.36 16.42
C MET B 590 3.29 -35.07 15.13
N LEU B 591 2.92 -34.04 14.40
CA LEU B 591 3.55 -33.76 13.13
C LEU B 591 4.88 -33.11 13.37
N LEU B 592 4.99 -32.33 14.42
CA LEU B 592 6.22 -31.59 14.70
C LEU B 592 7.56 -32.34 14.71
N PRO B 593 7.66 -33.51 15.36
CA PRO B 593 8.94 -34.20 15.26
C PRO B 593 9.40 -34.51 13.85
N PHE B 594 8.49 -34.92 12.98
CA PHE B 594 8.82 -35.25 11.61
C PHE B 594 9.16 -34.03 10.81
N ILE B 595 8.51 -32.91 11.09
CA ILE B 595 8.78 -31.67 10.41
C ILE B 595 10.16 -31.17 10.79
N LEU B 596 10.59 -31.42 12.01
CA LEU B 596 11.90 -30.99 12.46
C LEU B 596 13.04 -31.77 11.84
N VAL B 597 12.82 -33.05 11.59
CA VAL B 597 13.83 -33.84 10.90
C VAL B 597 13.97 -33.34 9.48
N PHE B 598 12.88 -32.93 8.84
CA PHE B 598 12.96 -32.35 7.52
C PHE B 598 13.89 -31.15 7.55
N PHE B 599 13.64 -30.20 8.43
CA PHE B 599 14.42 -28.97 8.45
C PHE B 599 15.90 -29.22 8.66
N ALA B 600 16.24 -30.16 9.51
CA ALA B 600 17.63 -30.46 9.78
C ALA B 600 18.31 -31.19 8.65
N LEU B 601 17.62 -32.17 8.08
CA LEU B 601 18.18 -32.92 6.96
C LEU B 601 18.33 -32.02 5.78
N ALA B 602 17.32 -31.22 5.51
CA ALA B 602 17.37 -30.33 4.38
C ALA B 602 18.41 -29.25 4.53
N TYR B 603 18.67 -28.79 5.73
CA TYR B 603 19.72 -27.83 5.92
C TYR B 603 21.03 -28.43 5.48
N VAL B 604 21.33 -29.62 5.96
CA VAL B 604 22.60 -30.25 5.64
C VAL B 604 22.69 -30.74 4.19
N VAL B 605 21.61 -31.24 3.61
CA VAL B 605 21.67 -31.64 2.22
C VAL B 605 21.79 -30.43 1.33
N TYR B 606 21.13 -29.34 1.66
CA TYR B 606 21.16 -28.20 0.78
C TYR B 606 22.40 -27.37 0.97
N ARG B 607 23.04 -27.45 2.13
CA ARG B 607 24.30 -26.74 2.33
C ARG B 607 25.35 -27.45 1.54
N HIS B 608 25.35 -28.77 1.56
CA HIS B 608 26.27 -29.51 0.75
C HIS B 608 26.09 -29.16 -0.70
N GLN B 609 24.85 -29.08 -1.16
CA GLN B 609 24.60 -28.82 -2.56
C GLN B 609 24.86 -27.38 -2.98
N ILE B 610 24.78 -26.45 -2.05
CA ILE B 610 25.06 -25.07 -2.33
C ILE B 610 26.56 -24.87 -2.44
N ILE B 611 27.32 -25.58 -1.62
CA ILE B 611 28.77 -25.48 -1.65
C ILE B 611 29.36 -26.30 -2.78
N ASN B 612 28.86 -27.50 -2.99
CA ASN B 612 29.50 -28.37 -3.96
C ASN B 612 28.93 -28.40 -5.35
N VAL B 613 27.62 -28.26 -5.49
CA VAL B 613 27.01 -28.40 -6.80
C VAL B 613 26.35 -27.19 -7.40
N TYR B 614 25.27 -26.71 -6.81
CA TYR B 614 24.50 -25.62 -7.39
C TYR B 614 25.15 -24.31 -7.63
N ASN B 615 24.85 -23.71 -8.78
CA ASN B 615 25.39 -22.41 -9.10
C ASN B 615 24.23 -21.46 -9.31
N GLN B 616 24.29 -20.30 -8.67
CA GLN B 616 23.25 -19.30 -8.82
C GLN B 616 23.21 -18.74 -10.21
N GLU B 617 22.01 -18.42 -10.69
CA GLU B 617 21.87 -17.85 -12.02
C GLU B 617 21.57 -16.38 -11.92
N TYR B 618 21.41 -15.89 -10.71
CA TYR B 618 21.15 -14.49 -10.49
C TYR B 618 21.53 -14.18 -9.08
N GLU B 619 21.67 -12.91 -8.76
CA GLU B 619 21.91 -12.53 -7.39
C GLU B 619 20.92 -11.44 -7.05
N SER B 620 19.95 -11.76 -6.22
CA SER B 620 18.94 -10.80 -5.84
C SER B 620 19.23 -10.22 -4.49
N ALA B 621 20.28 -10.70 -3.84
CA ALA B 621 20.61 -10.27 -2.49
C ALA B 621 19.42 -10.44 -1.58
N ALA B 622 18.93 -11.66 -1.44
CA ALA B 622 17.80 -11.95 -0.57
C ALA B 622 16.54 -11.14 -0.75
N ALA B 623 16.20 -10.73 -1.96
CA ALA B 623 15.04 -9.88 -2.17
C ALA B 623 13.75 -10.62 -1.95
N PHE B 624 13.81 -11.94 -1.92
CA PHE B 624 12.64 -12.75 -1.69
C PHE B 624 12.20 -12.83 -0.26
N TRP B 625 12.99 -12.31 0.67
CA TRP B 625 12.63 -12.45 2.07
C TRP B 625 11.31 -11.88 2.51
N PRO B 626 10.93 -10.69 2.01
CA PRO B 626 9.58 -10.25 2.38
C PRO B 626 8.48 -11.27 2.02
N ASP B 627 8.63 -12.01 0.92
CA ASP B 627 7.66 -13.01 0.51
C ASP B 627 7.65 -14.17 1.47
N VAL B 628 8.82 -14.68 1.81
CA VAL B 628 8.94 -15.78 2.77
C VAL B 628 8.31 -15.40 4.09
N HIS B 629 8.66 -14.24 4.64
CA HIS B 629 8.08 -13.75 5.87
C HIS B 629 6.57 -13.74 5.83
N GLY B 630 6.00 -13.16 4.79
CA GLY B 630 4.57 -13.05 4.67
C GLY B 630 3.84 -14.36 4.59
N ARG B 631 4.49 -15.40 4.10
CA ARG B 631 3.87 -16.70 4.02
C ARG B 631 3.88 -17.41 5.36
N VAL B 632 4.82 -17.09 6.25
CA VAL B 632 4.82 -17.66 7.59
C VAL B 632 3.80 -16.92 8.42
N ILE B 633 3.57 -15.65 8.11
CA ILE B 633 2.55 -14.89 8.80
C ILE B 633 1.19 -15.43 8.39
N THR B 634 1.02 -15.75 7.12
CA THR B 634 -0.23 -16.36 6.68
C THR B 634 -0.47 -17.66 7.40
N ALA B 635 0.53 -18.51 7.48
CA ALA B 635 0.40 -19.77 8.21
C ALA B 635 -0.02 -19.55 9.64
N LEU B 636 0.54 -18.55 10.30
CA LEU B 636 0.19 -18.24 11.67
C LEU B 636 -1.27 -17.86 11.76
N ILE B 637 -1.72 -16.96 10.90
CA ILE B 637 -3.13 -16.56 10.89
C ILE B 637 -4.07 -17.73 10.63
N ILE B 638 -3.79 -18.55 9.64
CA ILE B 638 -4.61 -19.71 9.35
C ILE B 638 -4.70 -20.63 10.56
N SER B 639 -3.61 -20.81 11.28
CA SER B 639 -3.61 -21.63 12.48
C SER B 639 -4.58 -21.10 13.51
N GLN B 640 -4.51 -19.81 13.78
CA GLN B 640 -5.38 -19.21 14.78
C GLN B 640 -6.84 -19.33 14.38
N LEU B 641 -7.14 -19.13 13.11
CA LEU B 641 -8.50 -19.23 12.63
C LEU B 641 -9.03 -20.65 12.78
N LEU B 642 -8.20 -21.64 12.54
CA LEU B 642 -8.61 -23.02 12.69
C LEU B 642 -8.88 -23.40 14.13
N LEU B 643 -8.16 -22.79 15.07
CA LEU B 643 -8.39 -23.07 16.47
C LEU B 643 -9.60 -22.31 16.97
N MET B 644 -10.00 -21.27 16.25
CA MET B 644 -11.22 -20.55 16.59
C MET B 644 -12.38 -21.26 15.93
N GLY B 645 -12.12 -22.41 15.34
CA GLY B 645 -13.19 -23.19 14.75
C GLY B 645 -13.26 -24.47 15.55
N LEU B 646 -12.13 -24.87 16.13
CA LEU B 646 -12.10 -26.07 16.94
C LEU B 646 -12.52 -25.73 18.35
N LEU B 647 -11.81 -24.79 18.96
CA LEU B 647 -12.16 -24.35 20.31
C LEU B 647 -12.94 -23.06 20.23
N GLY B 648 -13.71 -22.88 19.16
CA GLY B 648 -14.54 -21.71 19.05
C GLY B 648 -15.93 -22.26 19.20
N THR B 649 -16.15 -23.45 18.65
CA THR B 649 -17.44 -24.09 18.80
C THR B 649 -17.58 -24.42 20.27
N LYS B 650 -18.68 -23.98 20.88
CA LYS B 650 -18.89 -24.19 22.32
C LYS B 650 -17.69 -23.78 23.16
N HIS B 651 -16.93 -24.76 23.67
CA HIS B 651 -15.76 -24.48 24.52
C HIS B 651 -16.09 -23.52 25.63
N ALA B 652 -15.60 -22.30 25.55
CA ALA B 652 -15.90 -21.30 26.56
C ALA B 652 -16.36 -20.02 25.90
N ALA B 653 -16.93 -19.13 26.70
CA ALA B 653 -17.36 -17.86 26.17
C ALA B 653 -16.19 -16.91 26.26
N SER B 654 -15.18 -17.28 27.05
CA SER B 654 -14.01 -16.44 27.20
C SER B 654 -12.90 -16.92 26.30
N ALA B 655 -13.13 -18.01 25.57
CA ALA B 655 -12.13 -18.49 24.63
C ALA B 655 -12.24 -17.65 23.37
N ALA B 656 -13.45 -17.21 23.06
CA ALA B 656 -13.66 -16.37 21.88
C ALA B 656 -12.88 -15.06 21.84
N PRO B 657 -12.91 -14.25 22.92
CA PRO B 657 -12.10 -13.03 22.81
C PRO B 657 -10.61 -13.28 22.72
N PHE B 658 -10.13 -14.40 23.27
CA PHE B 658 -8.71 -14.66 23.26
C PHE B 658 -8.30 -15.05 21.88
N LEU B 659 -9.06 -15.91 21.25
CA LEU B 659 -8.69 -16.39 19.94
C LEU B 659 -9.01 -15.41 18.84
N ILE B 660 -9.54 -14.26 19.19
CA ILE B 660 -9.90 -13.26 18.20
C ILE B 660 -8.89 -12.13 18.25
N ALA B 661 -8.12 -12.08 19.33
CA ALA B 661 -7.13 -11.03 19.47
C ALA B 661 -5.87 -11.50 18.84
N LEU B 662 -5.62 -12.80 18.90
CA LEU B 662 -4.43 -13.38 18.27
C LEU B 662 -4.22 -12.96 16.81
N PRO B 663 -5.24 -13.09 15.94
CA PRO B 663 -4.97 -12.61 14.58
C PRO B 663 -4.66 -11.13 14.46
N VAL B 664 -5.23 -10.31 15.32
CA VAL B 664 -4.98 -8.87 15.29
C VAL B 664 -3.55 -8.57 15.70
N ILE B 665 -3.08 -9.22 16.76
CA ILE B 665 -1.69 -9.05 17.16
C ILE B 665 -0.75 -9.48 16.03
N THR B 666 -1.02 -10.60 15.39
CA THR B 666 -0.17 -11.09 14.31
C THR B 666 -0.14 -10.13 13.13
N ILE B 667 -1.27 -9.57 12.75
CA ILE B 667 -1.31 -8.61 11.66
C ILE B 667 -0.60 -7.32 12.05
N GLY B 668 -0.72 -6.90 13.29
CA GLY B 668 -0.02 -5.73 13.74
C GLY B 668 1.47 -5.93 13.74
N PHE B 669 1.92 -7.13 14.10
CA PHE B 669 3.33 -7.44 14.05
C PHE B 669 3.82 -7.39 12.61
N HIS B 670 3.05 -7.96 11.70
CA HIS B 670 3.43 -7.97 10.31
C HIS B 670 3.60 -6.57 9.80
N ARG B 671 2.70 -5.67 10.16
CA ARG B 671 2.77 -4.30 9.71
C ARG B 671 3.96 -3.57 10.30
N PHE B 672 4.35 -3.92 11.52
CA PHE B 672 5.52 -3.31 12.12
C PHE B 672 6.75 -3.76 11.36
N CYS B 673 6.79 -5.04 10.98
CA CYS B 673 7.93 -5.58 10.28
C CYS B 673 7.99 -5.08 8.85
N LYS B 674 6.85 -4.72 8.29
CA LYS B 674 6.81 -4.20 6.94
C LYS B 674 7.21 -2.76 6.89
N GLY B 675 7.31 -2.12 8.05
CA GLY B 675 7.65 -0.73 8.09
C GLY B 675 9.03 -0.52 8.63
N ARG B 676 9.61 -1.56 9.20
CA ARG B 676 10.93 -1.45 9.77
C ARG B 676 11.94 -2.21 8.96
N PHE B 677 11.60 -3.41 8.53
CA PHE B 677 12.59 -4.24 7.86
C PHE B 677 12.36 -4.45 6.39
N GLU B 678 11.13 -4.36 5.94
CA GLU B 678 10.86 -4.46 4.51
C GLU B 678 11.43 -3.35 3.66
N PRO B 679 11.46 -2.09 4.15
CA PRO B 679 12.12 -1.06 3.34
C PRO B 679 13.50 -1.40 2.78
N ALA B 680 14.29 -2.23 3.44
CA ALA B 680 15.62 -2.59 2.98
C ALA B 680 15.63 -3.45 1.76
N PHE B 681 14.50 -4.05 1.43
CA PHE B 681 14.43 -4.95 0.30
C PHE B 681 13.73 -4.30 -0.86
N VAL B 682 12.90 -3.32 -0.57
CA VAL B 682 12.10 -2.71 -1.63
C VAL B 682 12.58 -1.34 -2.06
N ARG B 683 13.47 -0.72 -1.28
CA ARG B 683 13.96 0.60 -1.61
C ARG B 683 15.45 0.72 -1.38
N TYR B 684 16.16 1.41 -2.26
CA TYR B 684 17.59 1.61 -2.10
C TYR B 684 17.81 3.00 -1.54
N PRO B 685 18.31 3.07 -0.32
CA PRO B 685 18.57 4.37 0.29
C PRO B 685 19.55 5.21 -0.50
N LEU B 686 19.35 6.51 -0.53
CA LEU B 686 20.18 7.40 -1.31
C LEU B 686 21.52 7.67 -0.67
N GLN B 687 21.62 7.50 0.65
CA GLN B 687 22.88 7.69 1.34
C GLN B 687 23.77 6.52 1.06
N GLU B 688 23.17 5.34 0.91
CA GLU B 688 23.93 4.15 0.63
C GLU B 688 24.45 4.22 -0.77
N ALA B 689 23.64 4.74 -1.68
CA ALA B 689 24.04 4.87 -3.07
C ALA B 689 25.17 5.85 -3.21
N MET B 690 25.07 6.98 -2.54
CA MET B 690 26.11 7.97 -2.58
C MET B 690 27.41 7.47 -2.00
N MET B 691 27.35 6.73 -0.90
CA MET B 691 28.55 6.16 -0.33
C MET B 691 29.25 5.25 -1.31
N LYS B 692 28.51 4.35 -1.94
CA LYS B 692 29.11 3.45 -2.92
C LYS B 692 29.74 4.22 -4.05
N ASP B 693 29.05 5.21 -4.57
CA ASP B 693 29.56 6.03 -5.65
C ASP B 693 30.84 6.75 -5.30
N THR B 694 30.87 7.39 -4.13
CA THR B 694 32.04 8.15 -3.72
C THR B 694 33.26 7.29 -3.51
N LEU B 695 33.08 6.14 -2.89
CA LEU B 695 34.20 5.27 -2.63
C LEU B 695 34.75 4.69 -3.91
N GLU B 696 33.88 4.39 -4.86
CA GLU B 696 34.32 3.87 -6.14
C GLU B 696 35.06 4.93 -6.92
N ARG B 697 34.59 6.17 -6.88
CA ARG B 697 35.24 7.24 -7.60
C ARG B 697 36.56 7.65 -6.97
N ALA B 698 36.88 7.11 -5.82
CA ALA B 698 38.15 7.40 -5.20
C ALA B 698 39.11 6.27 -5.47
N ARG B 699 38.61 5.04 -5.46
CA ARG B 699 39.45 3.88 -5.72
C ARG B 699 39.79 3.83 -7.18
N GLU B 700 38.81 4.03 -8.03
CA GLU B 700 39.03 4.05 -9.45
C GLU B 700 38.67 5.45 -9.87
N PRO B 701 39.65 6.37 -9.83
CA PRO B 701 39.32 7.76 -10.10
C PRO B 701 38.80 8.06 -11.50
N ASN B 702 39.17 7.27 -12.49
CA ASN B 702 38.74 7.50 -13.85
C ASN B 702 38.17 6.25 -14.50
N LEU B 703 36.89 6.00 -14.31
CA LEU B 703 36.27 4.85 -14.96
C LEU B 703 35.36 5.33 -16.05
N ASN B 704 35.40 4.66 -17.19
CA ASN B 704 34.46 5.01 -18.24
C ASN B 704 33.28 4.11 -17.99
N LEU B 705 32.22 4.69 -17.46
CA LEU B 705 31.06 3.91 -17.16
C LEU B 705 30.23 3.76 -18.42
N LYS B 706 30.36 4.69 -19.34
CA LYS B 706 29.64 4.60 -20.59
C LYS B 706 30.06 3.36 -21.33
N GLY B 707 31.34 3.07 -21.35
CA GLY B 707 31.80 1.84 -21.97
C GLY B 707 31.14 0.63 -21.35
N TYR B 708 31.25 0.49 -20.04
CA TYR B 708 30.66 -0.64 -19.35
C TYR B 708 29.16 -0.76 -19.48
N LEU B 709 28.44 0.35 -19.48
CA LEU B 709 26.98 0.30 -19.45
C LEU B 709 26.30 0.30 -20.78
N GLN B 710 26.99 0.70 -21.83
CA GLN B 710 26.34 0.81 -23.14
C GLN B 710 25.87 -0.51 -23.72
N ASP B 711 26.76 -1.47 -23.80
CA ASP B 711 26.42 -2.73 -24.42
C ASP B 711 25.97 -3.78 -23.45
N ALA B 712 25.69 -3.38 -22.22
CA ALA B 712 25.32 -4.34 -21.20
C ALA B 712 23.93 -4.85 -21.40
N TYR B 713 23.05 -4.04 -21.96
CA TYR B 713 21.68 -4.44 -22.10
C TYR B 713 21.24 -4.67 -23.52
N ILE B 714 22.13 -5.15 -24.37
CA ILE B 714 21.74 -5.50 -25.72
C ILE B 714 21.28 -6.94 -25.60
N HIS B 715 20.37 -7.36 -26.46
CA HIS B 715 19.86 -8.72 -26.41
C HIS B 715 21.02 -9.63 -26.70
N PRO B 716 21.18 -10.69 -25.92
CA PRO B 716 22.27 -11.64 -26.12
C PRO B 716 22.48 -12.21 -27.54
N VAL B 717 21.50 -12.13 -28.43
CA VAL B 717 21.64 -12.61 -29.80
C VAL B 717 22.39 -11.65 -30.72
C39 PEE C . -31.88 31.88 13.86
C40 PEE C . -30.61 31.09 13.56
C41 PEE C . -30.80 29.62 13.91
C42 PEE C . -29.52 28.83 13.62
C43 PEE C . -29.78 27.75 12.58
C44 PEE C . -28.58 27.58 11.66
C45 PEE C . -27.33 28.19 12.27
C46 PEE C . -26.07 27.47 11.79
C47 PEE C . -26.37 26.58 10.60
C39 PEE D . -8.77 -4.27 -14.33
C40 PEE D . -7.67 -3.36 -13.80
C41 PEE D . -6.98 -3.98 -12.60
C42 PEE D . -5.73 -3.21 -12.22
C43 PEE D . -5.31 -2.27 -13.34
C44 PEE D . -3.83 -1.91 -13.21
C45 PEE D . -3.43 -1.79 -11.74
C46 PEE D . -2.67 -0.49 -11.49
C47 PEE D . -2.32 -0.35 -10.03
C39 PEE E . 2.51 -0.52 17.14
C40 PEE E . 3.15 -0.09 15.84
C41 PEE E . 2.10 0.25 14.79
C42 PEE E . 2.72 0.91 13.57
C43 PEE E . 4.14 1.38 13.87
C44 PEE E . 4.56 2.47 12.88
C45 PEE E . 3.97 2.20 11.50
C46 PEE E . 5.05 2.30 10.43
C47 PEE E . 4.47 2.00 9.06
C39 PEE F . 16.48 -43.65 -6.93
C40 PEE F . 16.10 -42.17 -7.05
C41 PEE F . 14.64 -41.96 -6.65
C42 PEE F . 14.27 -40.48 -6.76
C43 PEE F . 13.84 -39.93 -5.41
C44 PEE F . 14.30 -38.49 -5.24
C45 PEE F . 14.66 -37.86 -6.58
C46 PEE F . 14.44 -36.36 -6.56
C47 PEE F . 14.25 -35.85 -5.15
#